data_2KL5
#
_entry.id   2KL5
#
_entity_poly.entity_id   1
_entity_poly.type   'polypeptide(L)'
_entity_poly.pdbx_seq_one_letter_code
;MIGMSEKRGEIMILIQNAEFELVHNFKDGFNEEAFKARYSDILNKYDYIVGDWGYGQLRLKGFFDDQNQKATFETKISTL
DEYIYEYCNFGCAYFVLKRIRKLEHHHHHH
;
_entity_poly.pdbx_strand_id   A
#
# COMPACT_ATOMS: atom_id res chain seq x y z
N MET A 1 14.84 -4.51 -19.58
CA MET A 1 13.51 -3.82 -19.57
C MET A 1 12.93 -3.76 -18.15
N ILE A 2 13.67 -4.29 -17.17
CA ILE A 2 13.26 -4.13 -15.76
C ILE A 2 13.42 -2.66 -15.36
N GLY A 3 12.42 -2.11 -14.70
CA GLY A 3 12.39 -0.69 -14.42
C GLY A 3 12.05 0.08 -15.68
N MET A 4 11.01 -0.41 -16.36
CA MET A 4 10.61 0.04 -17.70
C MET A 4 10.66 1.57 -17.90
N SER A 5 11.86 2.09 -18.16
CA SER A 5 12.09 3.51 -18.48
C SER A 5 11.45 4.41 -17.43
N GLU A 6 11.37 3.91 -16.19
CA GLU A 6 10.67 4.61 -15.12
C GLU A 6 11.40 5.87 -14.66
N LYS A 7 10.79 7.01 -14.93
CA LYS A 7 11.21 8.29 -14.36
C LYS A 7 10.09 8.81 -13.45
N ARG A 8 9.18 7.89 -13.10
CA ARG A 8 8.04 8.21 -12.23
C ARG A 8 8.25 7.58 -10.86
N GLY A 9 7.98 8.35 -9.82
CA GLY A 9 8.08 7.84 -8.47
C GLY A 9 7.27 8.68 -7.50
N GLU A 10 7.36 8.34 -6.22
CA GLU A 10 6.69 9.08 -5.17
C GLU A 10 7.21 8.61 -3.82
N ILE A 11 6.61 7.54 -3.31
CA ILE A 11 7.05 6.90 -2.08
C ILE A 11 6.93 5.38 -2.26
N MET A 12 7.94 4.81 -2.90
CA MET A 12 7.94 3.39 -3.22
C MET A 12 8.65 2.59 -2.12
N ILE A 13 7.93 1.63 -1.55
CA ILE A 13 8.42 0.85 -0.42
C ILE A 13 8.75 -0.57 -0.88
N LEU A 14 10.03 -0.91 -0.94
CA LEU A 14 10.46 -2.25 -1.33
C LEU A 14 10.86 -3.05 -0.09
N ILE A 15 10.11 -4.11 0.18
CA ILE A 15 10.38 -4.99 1.32
C ILE A 15 10.14 -6.44 0.95
N GLN A 16 10.97 -7.35 1.46
CA GLN A 16 10.86 -8.79 1.17
C GLN A 16 10.86 -9.05 -0.33
N ASN A 17 11.59 -8.21 -1.06
CA ASN A 17 11.71 -8.32 -2.53
C ASN A 17 10.36 -8.06 -3.19
N ALA A 18 9.51 -7.28 -2.53
CA ALA A 18 8.23 -6.86 -3.09
C ALA A 18 8.19 -5.34 -3.21
N GLU A 19 7.77 -4.86 -4.38
CA GLU A 19 7.74 -3.42 -4.66
C GLU A 19 6.35 -2.86 -4.35
N PHE A 20 6.29 -1.85 -3.49
CA PHE A 20 5.03 -1.19 -3.12
C PHE A 20 5.10 0.30 -3.41
N GLU A 21 3.93 0.93 -3.50
CA GLU A 21 3.84 2.38 -3.67
C GLU A 21 2.77 2.94 -2.71
N LEU A 22 3.14 3.97 -1.96
CA LEU A 22 2.18 4.65 -1.07
C LEU A 22 1.24 5.50 -1.91
N VAL A 23 0.03 4.99 -2.11
CA VAL A 23 -0.94 5.64 -2.99
C VAL A 23 -1.78 6.67 -2.22
N HIS A 24 -2.11 6.34 -0.97
CA HIS A 24 -2.96 7.21 -0.15
C HIS A 24 -2.46 7.26 1.28
N ASN A 25 -2.39 8.46 1.84
CA ASN A 25 -1.90 8.68 3.20
C ASN A 25 -2.70 9.79 3.85
N PHE A 26 -3.23 9.53 5.05
CA PHE A 26 -3.99 10.52 5.79
C PHE A 26 -3.39 10.72 7.18
N LYS A 27 -3.25 11.98 7.54
CA LYS A 27 -2.83 12.36 8.89
C LYS A 27 -1.41 11.86 9.16
N ASP A 28 -0.67 11.60 8.08
CA ASP A 28 0.69 11.10 8.15
C ASP A 28 0.74 9.80 8.95
N GLY A 29 -0.30 8.98 8.78
CA GLY A 29 -0.36 7.69 9.44
C GLY A 29 0.68 6.72 8.92
N PHE A 30 1.24 7.03 7.76
CA PHE A 30 2.26 6.18 7.16
C PHE A 30 3.57 6.25 7.95
N ASN A 31 3.76 5.26 8.81
CA ASN A 31 5.02 5.08 9.52
C ASN A 31 5.74 3.86 8.94
N GLU A 32 6.87 4.10 8.28
CA GLU A 32 7.54 3.05 7.49
C GLU A 32 7.96 1.87 8.35
N GLU A 33 8.67 2.13 9.45
CA GLU A 33 9.15 1.05 10.31
C GLU A 33 7.98 0.24 10.87
N ALA A 34 6.91 0.94 11.25
CA ALA A 34 5.71 0.27 11.75
C ALA A 34 5.13 -0.65 10.69
N PHE A 35 5.00 -0.14 9.47
CA PHE A 35 4.49 -0.92 8.34
C PHE A 35 5.30 -2.20 8.15
N LYS A 36 6.61 -2.03 7.96
CA LYS A 36 7.48 -3.15 7.63
C LYS A 36 7.62 -4.11 8.82
N ALA A 37 7.31 -3.62 10.02
CA ALA A 37 7.30 -4.45 11.22
C ALA A 37 5.99 -5.25 11.30
N ARG A 38 4.92 -4.66 10.75
CA ARG A 38 3.60 -5.29 10.76
C ARG A 38 3.40 -6.16 9.52
N TYR A 39 4.27 -5.96 8.53
CA TYR A 39 4.18 -6.68 7.26
C TYR A 39 4.38 -8.18 7.46
N SER A 40 3.83 -8.96 6.53
CA SER A 40 3.92 -10.41 6.56
C SER A 40 3.91 -10.95 5.13
N ASP A 41 4.60 -12.07 4.90
CA ASP A 41 4.77 -12.65 3.57
C ASP A 41 3.42 -12.97 2.91
N ILE A 42 2.46 -13.43 3.71
CA ILE A 42 1.13 -13.79 3.21
C ILE A 42 0.43 -12.59 2.57
N LEU A 43 0.83 -11.39 2.99
CA LEU A 43 0.20 -10.16 2.52
C LEU A 43 0.55 -9.87 1.06
N ASN A 44 1.71 -10.35 0.63
CA ASN A 44 2.18 -10.15 -0.76
C ASN A 44 1.15 -10.72 -1.75
N LYS A 45 0.33 -11.63 -1.27
CA LYS A 45 -0.70 -12.29 -2.07
C LYS A 45 -1.73 -11.29 -2.61
N TYR A 46 -2.10 -10.32 -1.78
CA TYR A 46 -3.26 -9.47 -2.06
C TYR A 46 -3.00 -8.41 -3.14
N ASP A 47 -1.74 -8.05 -3.33
CA ASP A 47 -1.35 -7.02 -4.31
C ASP A 47 -1.77 -5.62 -3.84
N TYR A 48 -2.39 -5.56 -2.65
CA TYR A 48 -2.82 -4.31 -2.04
C TYR A 48 -2.77 -4.44 -0.51
N ILE A 49 -1.95 -3.60 0.14
CA ILE A 49 -1.83 -3.62 1.59
C ILE A 49 -2.40 -2.33 2.18
N VAL A 50 -3.47 -2.45 2.93
CA VAL A 50 -4.07 -1.32 3.61
C VAL A 50 -3.69 -1.33 5.08
N GLY A 51 -3.15 -0.21 5.56
CA GLY A 51 -2.78 -0.12 6.96
C GLY A 51 -3.56 0.97 7.66
N ASP A 52 -4.31 0.59 8.68
CA ASP A 52 -5.11 1.55 9.44
C ASP A 52 -4.74 1.47 10.92
N TRP A 53 -4.88 2.60 11.61
CA TRP A 53 -4.60 2.68 13.04
C TRP A 53 -5.90 2.54 13.85
N GLY A 54 -6.87 1.84 13.25
CA GLY A 54 -8.14 1.60 13.92
C GLY A 54 -7.94 0.69 15.13
N TYR A 55 -8.58 1.05 16.25
CA TYR A 55 -8.46 0.29 17.49
C TYR A 55 -7.05 0.47 18.09
N GLY A 56 -6.31 1.42 17.54
CA GLY A 56 -4.99 1.75 18.06
C GLY A 56 -3.89 0.88 17.48
N GLN A 57 -4.12 -0.42 17.50
CA GLN A 57 -3.15 -1.39 16.98
C GLN A 57 -3.17 -1.37 15.45
N LEU A 58 -2.05 -0.99 14.85
CA LEU A 58 -1.93 -0.87 13.41
C LEU A 58 -2.29 -2.20 12.74
N ARG A 59 -3.27 -2.17 11.83
CA ARG A 59 -3.72 -3.35 11.11
C ARG A 59 -3.25 -3.27 9.65
N LEU A 60 -2.61 -4.34 9.16
CA LEU A 60 -2.33 -4.46 7.73
C LEU A 60 -3.29 -5.48 7.15
N LYS A 61 -4.31 -5.00 6.46
CA LYS A 61 -5.33 -5.86 5.89
C LYS A 61 -5.28 -5.77 4.38
N GLY A 62 -5.18 -6.92 3.73
CA GLY A 62 -5.05 -6.96 2.30
C GLY A 62 -6.38 -7.12 1.58
N PHE A 63 -6.49 -6.50 0.42
CA PHE A 63 -7.68 -6.64 -0.43
C PHE A 63 -7.26 -7.12 -1.81
N PHE A 64 -8.23 -7.49 -2.62
CA PHE A 64 -7.96 -7.94 -3.98
C PHE A 64 -8.31 -6.84 -4.97
N ASP A 65 -7.81 -6.96 -6.20
CA ASP A 65 -7.98 -5.94 -7.23
C ASP A 65 -9.46 -5.57 -7.39
N ASP A 66 -9.79 -4.37 -6.95
CA ASP A 66 -11.16 -3.86 -6.98
C ASP A 66 -11.48 -3.22 -8.33
N GLN A 67 -10.57 -2.36 -8.79
CA GLN A 67 -10.76 -1.64 -10.05
C GLN A 67 -10.66 -2.56 -11.25
N ASN A 68 -11.32 -2.18 -12.32
CA ASN A 68 -11.20 -2.88 -13.60
C ASN A 68 -10.07 -2.25 -14.40
N GLN A 69 -9.53 -2.99 -15.37
CA GLN A 69 -8.39 -2.53 -16.17
C GLN A 69 -8.66 -1.18 -16.86
N LYS A 70 -9.94 -0.84 -17.02
CA LYS A 70 -10.31 0.38 -17.74
C LYS A 70 -10.45 1.57 -16.79
N ALA A 71 -10.24 1.34 -15.50
CA ALA A 71 -10.35 2.39 -14.49
C ALA A 71 -9.03 3.16 -14.38
N THR A 72 -9.10 4.48 -14.45
CA THR A 72 -7.89 5.31 -14.37
C THR A 72 -7.42 5.41 -12.92
N PHE A 73 -8.37 5.32 -11.98
CA PHE A 73 -8.05 5.29 -10.56
C PHE A 73 -7.69 3.87 -10.13
N GLU A 74 -6.61 3.35 -10.73
CA GLU A 74 -6.10 2.02 -10.44
C GLU A 74 -6.00 1.75 -8.93
N THR A 75 -5.65 2.80 -8.19
CA THR A 75 -5.32 2.70 -6.78
C THR A 75 -6.54 2.77 -5.87
N LYS A 76 -7.72 2.89 -6.46
CA LYS A 76 -8.97 3.01 -5.69
C LYS A 76 -9.58 1.63 -5.43
N ILE A 77 -9.91 1.38 -4.17
CA ILE A 77 -10.62 0.18 -3.78
C ILE A 77 -12.00 0.59 -3.24
N SER A 78 -13.05 0.32 -4.01
CA SER A 78 -14.38 0.80 -3.70
C SER A 78 -14.92 0.19 -2.40
N THR A 79 -14.54 -1.06 -2.12
CA THR A 79 -14.97 -1.74 -0.90
C THR A 79 -14.16 -1.26 0.32
N LEU A 80 -13.10 -0.51 0.06
CA LEU A 80 -12.20 -0.04 1.12
C LEU A 80 -12.88 1.01 2.00
N ASP A 81 -13.60 1.92 1.36
CA ASP A 81 -14.23 3.05 2.05
C ASP A 81 -15.06 2.58 3.25
N GLU A 82 -15.92 1.59 3.03
CA GLU A 82 -16.80 1.07 4.07
C GLU A 82 -15.98 0.38 5.17
N TYR A 83 -14.90 -0.29 4.75
CA TYR A 83 -13.99 -0.96 5.68
C TYR A 83 -13.37 0.05 6.65
N ILE A 84 -12.75 1.09 6.08
CA ILE A 84 -12.10 2.12 6.87
C ILE A 84 -13.07 2.75 7.85
N TYR A 85 -14.29 2.99 7.39
CA TYR A 85 -15.31 3.65 8.18
C TYR A 85 -15.62 2.85 9.45
N GLU A 86 -15.57 1.53 9.35
CA GLU A 86 -15.84 0.65 10.48
C GLU A 86 -14.75 0.75 11.53
N TYR A 87 -13.51 0.89 11.09
CA TYR A 87 -12.36 0.92 11.99
C TYR A 87 -11.80 2.34 12.13
N CYS A 88 -11.10 2.80 11.11
CA CYS A 88 -10.44 4.10 11.14
C CYS A 88 -11.39 5.20 10.66
N ASN A 89 -12.38 5.50 11.49
CA ASN A 89 -13.40 6.50 11.17
C ASN A 89 -12.84 7.91 11.39
N PHE A 90 -13.58 8.94 10.95
CA PHE A 90 -13.16 10.34 11.10
C PHE A 90 -12.59 10.61 12.49
N GLY A 91 -11.34 11.05 12.54
CA GLY A 91 -10.62 11.18 13.79
C GLY A 91 -9.69 10.01 14.00
N CYS A 92 -8.87 9.77 12.99
CA CYS A 92 -8.00 8.59 12.95
C CYS A 92 -6.94 8.79 11.86
N ALA A 93 -6.13 7.77 11.60
CA ALA A 93 -5.09 7.83 10.58
C ALA A 93 -4.94 6.49 9.87
N TYR A 94 -4.66 6.53 8.57
CA TYR A 94 -4.49 5.31 7.78
C TYR A 94 -3.68 5.60 6.52
N PHE A 95 -3.22 4.54 5.89
CA PHE A 95 -2.41 4.62 4.67
C PHE A 95 -2.63 3.39 3.81
N VAL A 96 -2.41 3.50 2.51
CA VAL A 96 -2.61 2.38 1.59
C VAL A 96 -1.40 2.24 0.66
N LEU A 97 -0.81 1.05 0.67
CA LEU A 97 0.28 0.71 -0.25
C LEU A 97 -0.19 -0.27 -1.32
N LYS A 98 0.20 -0.02 -2.55
CA LYS A 98 -0.14 -0.88 -3.68
C LYS A 98 1.08 -1.66 -4.12
N ARG A 99 0.91 -2.97 -4.30
CA ARG A 99 2.00 -3.85 -4.70
C ARG A 99 2.10 -3.84 -6.22
N ILE A 100 3.29 -3.55 -6.74
CA ILE A 100 3.49 -3.39 -8.18
C ILE A 100 3.61 -4.75 -8.87
N ARG A 101 3.16 -4.81 -10.12
CA ARG A 101 3.24 -6.01 -10.95
C ARG A 101 4.67 -6.26 -11.46
N LYS A 102 5.66 -5.94 -10.62
CA LYS A 102 7.07 -6.12 -10.96
C LYS A 102 7.92 -5.84 -9.72
N LEU A 103 9.23 -6.02 -9.84
CA LEU A 103 10.15 -5.74 -8.76
C LEU A 103 11.49 -5.30 -9.34
N GLU A 104 11.82 -4.02 -9.21
CA GLU A 104 13.09 -3.52 -9.67
C GLU A 104 14.02 -3.29 -8.48
N HIS A 105 14.85 -4.29 -8.20
CA HIS A 105 15.87 -4.20 -7.17
C HIS A 105 17.19 -4.67 -7.76
N HIS A 106 18.08 -3.73 -8.03
CA HIS A 106 19.34 -4.00 -8.70
C HIS A 106 20.28 -4.80 -7.81
N HIS A 107 20.09 -6.11 -7.77
CA HIS A 107 20.98 -7.00 -7.02
C HIS A 107 22.19 -7.36 -7.89
N HIS A 108 23.32 -6.73 -7.60
CA HIS A 108 24.55 -6.99 -8.36
C HIS A 108 25.03 -8.42 -8.12
N HIS A 109 24.56 -9.32 -8.96
CA HIS A 109 24.95 -10.73 -8.90
C HIS A 109 26.26 -10.96 -9.63
N HIS A 110 26.84 -12.14 -9.46
CA HIS A 110 28.06 -12.50 -10.19
C HIS A 110 27.71 -13.40 -11.38
N MET A 1 10.67 -12.83 -20.58
CA MET A 1 9.99 -11.57 -20.90
C MET A 1 10.33 -10.50 -19.85
N ILE A 2 11.20 -9.58 -20.22
CA ILE A 2 11.61 -8.50 -19.31
C ILE A 2 10.51 -7.44 -19.22
N GLY A 3 9.93 -7.29 -18.03
CA GLY A 3 8.95 -6.26 -17.80
C GLY A 3 9.59 -4.92 -17.53
N MET A 4 8.93 -3.85 -17.93
CA MET A 4 9.47 -2.50 -17.78
C MET A 4 8.70 -1.71 -16.72
N SER A 5 9.45 -1.08 -15.81
CA SER A 5 8.86 -0.21 -14.80
C SER A 5 8.82 1.23 -15.32
N GLU A 6 7.96 2.05 -14.75
CA GLU A 6 7.85 3.45 -15.16
C GLU A 6 8.74 4.33 -14.27
N LYS A 7 8.65 5.65 -14.40
CA LYS A 7 9.49 6.55 -13.60
C LYS A 7 8.68 7.75 -13.07
N ARG A 8 7.76 7.47 -12.15
CA ARG A 8 7.03 8.52 -11.42
C ARG A 8 6.81 8.09 -9.97
N GLY A 9 7.29 6.90 -9.63
CA GLY A 9 7.19 6.40 -8.26
C GLY A 9 7.84 7.33 -7.26
N GLU A 10 7.03 8.20 -6.66
CA GLU A 10 7.51 9.19 -5.71
C GLU A 10 7.86 8.53 -4.38
N ILE A 11 6.92 7.77 -3.83
CA ILE A 11 7.11 7.07 -2.57
C ILE A 11 7.08 5.56 -2.79
N MET A 12 8.26 5.00 -2.99
CA MET A 12 8.44 3.57 -3.24
C MET A 12 8.92 2.88 -1.96
N ILE A 13 8.28 1.77 -1.61
CA ILE A 13 8.60 1.04 -0.40
C ILE A 13 9.18 -0.34 -0.76
N LEU A 14 10.44 -0.56 -0.42
CA LEU A 14 11.12 -1.82 -0.73
C LEU A 14 11.28 -2.66 0.54
N ILE A 15 10.65 -3.84 0.54
CA ILE A 15 10.72 -4.76 1.67
C ILE A 15 10.61 -6.21 1.20
N GLN A 16 11.50 -7.08 1.70
CA GLN A 16 11.49 -8.51 1.38
C GLN A 16 11.49 -8.75 -0.14
N ASN A 17 12.24 -7.92 -0.87
CA ASN A 17 12.34 -8.02 -2.33
C ASN A 17 10.99 -7.71 -3.00
N ALA A 18 10.14 -6.97 -2.31
CA ALA A 18 8.88 -6.51 -2.86
C ALA A 18 8.87 -4.98 -2.87
N GLU A 19 8.36 -4.40 -3.95
CA GLU A 19 8.35 -2.95 -4.14
C GLU A 19 6.91 -2.45 -4.20
N PHE A 20 6.61 -1.39 -3.46
CA PHE A 20 5.26 -0.84 -3.39
C PHE A 20 5.28 0.65 -3.65
N GLU A 21 4.13 1.22 -4.02
CA GLU A 21 3.98 2.67 -4.10
C GLU A 21 2.91 3.14 -3.12
N LEU A 22 3.13 4.27 -2.50
CA LEU A 22 2.15 4.85 -1.58
C LEU A 22 1.13 5.67 -2.36
N VAL A 23 -0.09 5.13 -2.49
CA VAL A 23 -1.13 5.79 -3.29
C VAL A 23 -1.99 6.72 -2.44
N HIS A 24 -2.14 6.39 -1.16
CA HIS A 24 -2.95 7.20 -0.25
C HIS A 24 -2.34 7.18 1.15
N ASN A 25 -2.24 8.36 1.76
CA ASN A 25 -1.66 8.51 3.09
C ASN A 25 -2.46 9.53 3.89
N PHE A 26 -3.33 9.03 4.76
CA PHE A 26 -4.26 9.87 5.51
C PHE A 26 -3.63 10.32 6.83
N LYS A 27 -3.44 11.63 6.98
CA LYS A 27 -2.88 12.21 8.20
C LYS A 27 -1.50 11.65 8.51
N ASP A 28 -0.75 11.32 7.45
CA ASP A 28 0.62 10.80 7.58
C ASP A 28 0.64 9.51 8.41
N GLY A 29 -0.45 8.76 8.33
CA GLY A 29 -0.57 7.52 9.06
C GLY A 29 0.47 6.49 8.64
N PHE A 30 1.10 6.72 7.49
CA PHE A 30 2.12 5.83 6.98
C PHE A 30 3.37 5.87 7.86
N ASN A 31 3.64 4.76 8.53
CA ASN A 31 4.88 4.58 9.28
C ASN A 31 5.59 3.32 8.81
N GLU A 32 6.66 3.50 8.05
CA GLU A 32 7.39 2.38 7.46
C GLU A 32 7.89 1.43 8.55
N GLU A 33 8.30 1.99 9.68
CA GLU A 33 8.79 1.20 10.81
C GLU A 33 7.75 0.17 11.26
N ALA A 34 6.49 0.62 11.39
CA ALA A 34 5.41 -0.23 11.87
C ALA A 34 4.93 -1.12 10.73
N PHE A 35 5.06 -0.59 9.52
CA PHE A 35 4.68 -1.31 8.31
C PHE A 35 5.51 -2.57 8.16
N LYS A 36 6.82 -2.40 8.08
CA LYS A 36 7.75 -3.50 7.86
C LYS A 36 7.73 -4.48 9.03
N ALA A 37 7.24 -4.00 10.18
CA ALA A 37 7.14 -4.83 11.38
C ALA A 37 5.93 -5.75 11.29
N ARG A 38 4.79 -5.17 10.92
CA ARG A 38 3.52 -5.90 10.88
C ARG A 38 3.31 -6.57 9.53
N TYR A 39 4.21 -6.33 8.59
CA TYR A 39 4.10 -6.88 7.24
C TYR A 39 4.37 -8.38 7.23
N SER A 40 3.59 -9.09 6.44
CA SER A 40 3.76 -10.53 6.25
C SER A 40 3.67 -10.86 4.75
N ASP A 41 4.53 -11.76 4.30
CA ASP A 41 4.59 -12.15 2.89
C ASP A 41 3.22 -12.65 2.38
N ILE A 42 2.48 -13.29 3.29
CA ILE A 42 1.17 -13.84 2.95
C ILE A 42 0.22 -12.76 2.43
N LEU A 43 0.47 -11.52 2.81
CA LEU A 43 -0.40 -10.39 2.43
C LEU A 43 -0.23 -10.03 0.95
N ASN A 44 0.80 -10.58 0.32
CA ASN A 44 1.09 -10.29 -1.09
C ASN A 44 -0.06 -10.76 -1.99
N LYS A 45 -0.83 -11.74 -1.52
CA LYS A 45 -1.96 -12.27 -2.30
C LYS A 45 -2.97 -11.19 -2.64
N TYR A 46 -3.03 -10.16 -1.81
CA TYR A 46 -4.01 -9.08 -1.97
C TYR A 46 -3.53 -8.05 -2.98
N ASP A 47 -2.21 -7.88 -3.06
CA ASP A 47 -1.57 -6.86 -3.93
C ASP A 47 -1.81 -5.45 -3.41
N TYR A 48 -2.50 -5.33 -2.27
CA TYR A 48 -2.77 -4.04 -1.64
C TYR A 48 -2.67 -4.17 -0.13
N ILE A 49 -1.78 -3.39 0.47
CA ILE A 49 -1.58 -3.42 1.92
C ILE A 49 -2.13 -2.14 2.54
N VAL A 50 -3.01 -2.31 3.53
CA VAL A 50 -3.62 -1.16 4.21
C VAL A 50 -3.38 -1.24 5.70
N GLY A 51 -2.81 -0.18 6.26
CA GLY A 51 -2.61 -0.09 7.69
C GLY A 51 -3.41 1.06 8.28
N ASP A 52 -4.18 0.78 9.33
CA ASP A 52 -5.08 1.77 9.92
C ASP A 52 -4.79 1.96 11.42
N TRP A 53 -4.99 3.20 11.88
CA TRP A 53 -4.79 3.55 13.29
C TRP A 53 -6.14 3.69 14.01
N GLY A 54 -7.23 3.65 13.25
CA GLY A 54 -8.56 3.68 13.85
C GLY A 54 -8.84 2.41 14.65
N TYR A 55 -8.12 1.34 14.28
CA TYR A 55 -8.15 0.10 15.05
C TYR A 55 -7.36 0.25 16.34
N GLY A 56 -6.65 1.37 16.48
CA GLY A 56 -5.83 1.62 17.65
C GLY A 56 -4.43 1.06 17.49
N GLN A 57 -4.35 -0.24 17.18
CA GLN A 57 -3.07 -0.91 16.97
C GLN A 57 -2.80 -1.01 15.47
N LEU A 58 -1.61 -0.60 15.05
CA LEU A 58 -1.26 -0.63 13.64
C LEU A 58 -1.19 -2.08 13.15
N ARG A 59 -2.22 -2.50 12.45
CA ARG A 59 -2.28 -3.84 11.86
C ARG A 59 -2.48 -3.72 10.35
N LEU A 60 -1.74 -4.53 9.58
CA LEU A 60 -1.82 -4.49 8.13
C LEU A 60 -2.83 -5.50 7.61
N LYS A 61 -3.81 -5.00 6.88
CA LYS A 61 -4.79 -5.84 6.18
C LYS A 61 -4.54 -5.74 4.69
N GLY A 62 -5.26 -6.55 3.92
CA GLY A 62 -5.12 -6.52 2.49
C GLY A 62 -6.44 -6.70 1.79
N PHE A 63 -6.56 -6.10 0.60
CA PHE A 63 -7.77 -6.19 -0.20
C PHE A 63 -7.42 -6.46 -1.65
N PHE A 64 -8.41 -6.84 -2.44
CA PHE A 64 -8.20 -7.19 -3.84
C PHE A 64 -8.68 -6.04 -4.73
N ASP A 65 -8.37 -6.14 -6.03
CA ASP A 65 -8.75 -5.11 -6.99
C ASP A 65 -10.27 -4.92 -7.01
N ASP A 66 -10.70 -3.80 -6.45
CA ASP A 66 -12.10 -3.40 -6.48
C ASP A 66 -12.40 -2.72 -7.81
N GLN A 67 -11.55 -1.75 -8.14
CA GLN A 67 -11.55 -1.11 -9.45
C GLN A 67 -10.58 -1.84 -10.36
N ASN A 68 -11.11 -2.64 -11.28
CA ASN A 68 -10.26 -3.43 -12.19
C ASN A 68 -9.73 -2.55 -13.32
N GLN A 69 -10.21 -1.30 -13.35
CA GLN A 69 -9.75 -0.31 -14.32
C GLN A 69 -8.32 0.16 -13.99
N LYS A 70 -7.34 -0.64 -14.40
CA LYS A 70 -5.95 -0.36 -14.12
C LYS A 70 -5.43 0.76 -15.01
N ALA A 71 -5.30 1.95 -14.43
CA ALA A 71 -4.82 3.13 -15.16
C ALA A 71 -4.59 4.29 -14.19
N THR A 72 -5.63 5.12 -14.02
CA THR A 72 -5.53 6.30 -13.15
C THR A 72 -6.39 6.11 -11.89
N PHE A 73 -7.02 4.95 -11.76
CA PHE A 73 -7.80 4.63 -10.57
C PHE A 73 -7.24 3.37 -9.90
N GLU A 74 -7.95 2.23 -10.07
CA GLU A 74 -7.56 0.93 -9.50
C GLU A 74 -7.14 1.03 -8.02
N THR A 75 -7.46 2.13 -7.36
CA THR A 75 -6.98 2.39 -6.00
C THR A 75 -8.12 2.77 -5.06
N LYS A 76 -9.20 3.35 -5.60
CA LYS A 76 -10.36 3.70 -4.79
C LYS A 76 -11.17 2.45 -4.50
N ILE A 77 -10.59 1.58 -3.68
CA ILE A 77 -11.18 0.29 -3.35
C ILE A 77 -12.44 0.49 -2.51
N SER A 78 -13.60 0.34 -3.15
CA SER A 78 -14.89 0.57 -2.49
C SER A 78 -15.04 -0.33 -1.26
N THR A 79 -14.77 -1.62 -1.42
CA THR A 79 -14.87 -2.57 -0.30
C THR A 79 -13.97 -2.15 0.86
N LEU A 80 -12.89 -1.44 0.54
CA LEU A 80 -11.98 -0.91 1.54
C LEU A 80 -12.57 0.36 2.17
N ASP A 81 -13.13 1.22 1.33
CA ASP A 81 -13.71 2.48 1.78
C ASP A 81 -14.77 2.23 2.85
N GLU A 82 -15.58 1.20 2.62
CA GLU A 82 -16.57 0.74 3.59
C GLU A 82 -15.88 0.30 4.88
N TYR A 83 -14.82 -0.49 4.71
CA TYR A 83 -14.04 -1.01 5.84
C TYR A 83 -13.47 0.15 6.67
N ILE A 84 -13.13 1.24 5.98
CA ILE A 84 -12.61 2.43 6.66
C ILE A 84 -13.70 3.08 7.50
N TYR A 85 -14.91 3.18 6.94
CA TYR A 85 -16.06 3.74 7.65
C TYR A 85 -16.35 2.94 8.92
N GLU A 86 -16.07 1.65 8.88
CA GLU A 86 -16.32 0.77 10.03
C GLU A 86 -15.53 1.22 11.26
N TYR A 87 -14.23 1.45 11.07
CA TYR A 87 -13.36 1.87 12.17
C TYR A 87 -13.32 3.39 12.27
N CYS A 88 -12.96 4.02 11.17
CA CYS A 88 -12.83 5.48 11.13
C CYS A 88 -14.18 6.15 10.96
N ASN A 89 -14.86 6.41 12.07
CA ASN A 89 -16.05 7.27 12.06
C ASN A 89 -15.61 8.72 12.15
N PHE A 90 -14.50 8.93 12.85
CA PHE A 90 -13.85 10.22 12.98
C PHE A 90 -12.53 10.04 13.72
N GLY A 91 -11.53 10.84 13.36
CA GLY A 91 -10.23 10.74 14.01
C GLY A 91 -9.54 9.43 13.71
N CYS A 92 -8.86 9.36 12.57
CA CYS A 92 -8.18 8.15 12.15
C CYS A 92 -6.97 8.48 11.29
N ALA A 93 -6.24 7.45 10.89
CA ALA A 93 -5.09 7.59 10.02
C ALA A 93 -4.77 6.24 9.40
N TYR A 94 -4.72 6.18 8.09
CA TYR A 94 -4.48 4.92 7.39
C TYR A 94 -3.72 5.18 6.09
N PHE A 95 -3.01 4.15 5.62
CA PHE A 95 -2.22 4.23 4.41
C PHE A 95 -2.48 3.02 3.53
N VAL A 96 -2.38 3.22 2.21
CA VAL A 96 -2.62 2.15 1.23
C VAL A 96 -1.44 2.06 0.26
N LEU A 97 -0.80 0.89 0.22
CA LEU A 97 0.31 0.64 -0.69
C LEU A 97 -0.12 -0.27 -1.83
N LYS A 98 0.41 -0.01 -3.02
CA LYS A 98 0.10 -0.78 -4.23
C LYS A 98 1.30 -1.64 -4.61
N ARG A 99 1.06 -2.95 -4.78
CA ARG A 99 2.11 -3.91 -5.11
C ARG A 99 2.62 -3.69 -6.53
N ILE A 100 3.83 -3.15 -6.65
CA ILE A 100 4.46 -2.97 -7.96
C ILE A 100 4.80 -4.34 -8.53
N ARG A 101 4.63 -4.50 -9.84
CA ARG A 101 4.72 -5.81 -10.49
C ARG A 101 6.16 -6.34 -10.54
N LYS A 102 7.11 -5.60 -9.98
CA LYS A 102 8.52 -6.00 -9.97
C LYS A 102 9.36 -5.02 -9.15
N LEU A 103 10.68 -5.20 -9.22
CA LEU A 103 11.63 -4.29 -8.57
C LEU A 103 12.34 -3.48 -9.65
N GLU A 104 12.34 -2.15 -9.53
CA GLU A 104 13.02 -1.29 -10.49
C GLU A 104 14.55 -1.46 -10.36
N HIS A 105 15.24 -1.32 -11.48
CA HIS A 105 16.68 -1.54 -11.56
C HIS A 105 17.45 -0.43 -10.84
N HIS A 106 18.58 -0.79 -10.22
CA HIS A 106 19.52 0.17 -9.62
C HIS A 106 19.00 0.82 -8.34
N HIS A 107 17.68 0.91 -8.19
CA HIS A 107 17.10 1.60 -7.04
C HIS A 107 17.51 0.93 -5.72
N HIS A 108 17.58 -0.39 -5.73
CA HIS A 108 18.03 -1.14 -4.56
C HIS A 108 19.56 -1.24 -4.56
N HIS A 109 20.20 -0.65 -3.56
CA HIS A 109 21.67 -0.62 -3.46
C HIS A 109 22.25 -2.02 -3.23
N HIS A 110 23.55 -2.15 -3.48
CA HIS A 110 24.28 -3.36 -3.13
C HIS A 110 25.03 -3.12 -1.82
N MET A 1 -2.41 -11.31 -8.94
CA MET A 1 -1.66 -10.03 -8.99
C MET A 1 -2.37 -9.05 -9.90
N ILE A 2 -2.14 -7.76 -9.68
CA ILE A 2 -2.77 -6.72 -10.49
C ILE A 2 -1.89 -5.48 -10.56
N GLY A 3 -1.88 -4.84 -11.72
CA GLY A 3 -1.08 -3.64 -11.94
C GLY A 3 -0.56 -3.59 -13.37
N MET A 4 -0.99 -2.57 -14.12
CA MET A 4 -0.59 -2.44 -15.52
C MET A 4 0.86 -1.97 -15.60
N SER A 5 1.07 -0.67 -15.43
CA SER A 5 2.39 -0.06 -15.54
C SER A 5 2.30 1.44 -15.28
N GLU A 6 3.31 1.98 -14.62
CA GLU A 6 3.37 3.40 -14.31
C GLU A 6 4.74 3.97 -14.67
N LYS A 7 4.93 5.25 -14.39
CA LYS A 7 6.23 5.90 -14.60
C LYS A 7 6.55 6.77 -13.38
N ARG A 8 5.91 6.46 -12.26
CA ARG A 8 6.05 7.26 -11.05
C ARG A 8 6.87 6.53 -10.01
N GLY A 9 7.51 7.31 -9.15
CA GLY A 9 8.21 6.76 -8.00
C GLY A 9 8.13 7.72 -6.84
N GLU A 10 6.90 8.01 -6.42
CA GLU A 10 6.64 9.05 -5.44
C GLU A 10 7.19 8.64 -4.07
N ILE A 11 6.74 7.50 -3.58
CA ILE A 11 7.26 6.93 -2.33
C ILE A 11 7.35 5.41 -2.48
N MET A 12 8.41 4.97 -3.14
CA MET A 12 8.60 3.57 -3.50
C MET A 12 9.14 2.75 -2.31
N ILE A 13 8.27 1.92 -1.75
CA ILE A 13 8.62 1.03 -0.64
C ILE A 13 8.86 -0.39 -1.16
N LEU A 14 10.12 -0.75 -1.34
CA LEU A 14 10.48 -2.09 -1.81
C LEU A 14 10.73 -3.01 -0.62
N ILE A 15 9.91 -4.05 -0.48
CA ILE A 15 10.04 -5.00 0.61
C ILE A 15 9.68 -6.42 0.16
N GLN A 16 10.55 -7.37 0.50
CA GLN A 16 10.34 -8.80 0.22
C GLN A 16 9.95 -9.05 -1.25
N ASN A 17 10.86 -8.70 -2.16
CA ASN A 17 10.72 -9.04 -3.58
C ASN A 17 9.53 -8.32 -4.25
N ALA A 18 8.89 -7.42 -3.51
CA ALA A 18 7.73 -6.70 -4.02
C ALA A 18 7.95 -5.18 -3.92
N GLU A 19 7.65 -4.49 -5.01
CA GLU A 19 7.77 -3.04 -5.07
C GLU A 19 6.42 -2.40 -4.76
N PHE A 20 6.38 -1.51 -3.78
CA PHE A 20 5.16 -0.81 -3.42
C PHE A 20 5.38 0.70 -3.51
N GLU A 21 4.31 1.46 -3.49
CA GLU A 21 4.40 2.91 -3.28
C GLU A 21 3.17 3.39 -2.54
N LEU A 22 3.32 4.49 -1.80
CA LEU A 22 2.22 5.05 -1.03
C LEU A 22 1.22 5.73 -1.98
N VAL A 23 0.12 5.03 -2.26
CA VAL A 23 -0.89 5.53 -3.20
C VAL A 23 -2.01 6.30 -2.48
N HIS A 24 -1.98 6.25 -1.15
CA HIS A 24 -2.97 6.98 -0.35
C HIS A 24 -2.44 7.15 1.07
N ASN A 25 -2.55 8.37 1.60
CA ASN A 25 -2.14 8.65 2.97
C ASN A 25 -3.26 9.40 3.69
N PHE A 26 -3.30 9.29 5.01
CA PHE A 26 -4.25 10.02 5.84
C PHE A 26 -3.55 10.49 7.10
N LYS A 27 -3.38 11.80 7.21
CA LYS A 27 -2.86 12.42 8.42
C LYS A 27 -1.41 12.00 8.68
N ASP A 28 -0.76 11.51 7.61
CA ASP A 28 0.62 11.03 7.70
C ASP A 28 0.75 9.93 8.74
N GLY A 29 -0.18 8.97 8.69
CA GLY A 29 -0.12 7.82 9.58
C GLY A 29 0.79 6.72 9.04
N PHE A 30 1.57 7.04 8.01
CA PHE A 30 2.48 6.08 7.40
C PHE A 30 3.80 6.05 8.16
N ASN A 31 4.07 4.93 8.83
CA ASN A 31 5.34 4.69 9.51
C ASN A 31 5.99 3.43 8.93
N GLU A 32 7.17 3.59 8.32
CA GLU A 32 7.86 2.46 7.68
C GLU A 32 8.07 1.32 8.65
N GLU A 33 8.61 1.64 9.83
CA GLU A 33 8.91 0.63 10.84
C GLU A 33 7.64 -0.14 11.23
N ALA A 34 6.54 0.58 11.42
CA ALA A 34 5.26 -0.03 11.78
C ALA A 34 4.78 -0.92 10.64
N PHE A 35 5.00 -0.47 9.42
CA PHE A 35 4.62 -1.21 8.22
C PHE A 35 5.36 -2.54 8.14
N LYS A 36 6.70 -2.44 8.11
CA LYS A 36 7.54 -3.61 7.88
C LYS A 36 7.52 -4.58 9.07
N ALA A 37 7.42 -4.04 10.29
CA ALA A 37 7.47 -4.85 11.50
C ALA A 37 6.16 -5.60 11.73
N ARG A 38 5.05 -5.03 11.25
CA ARG A 38 3.73 -5.65 11.41
C ARG A 38 3.24 -6.23 10.08
N TYR A 39 4.13 -6.26 9.10
CA TYR A 39 3.81 -6.78 7.78
C TYR A 39 3.63 -8.29 7.82
N SER A 40 2.44 -8.76 7.43
CA SER A 40 2.17 -10.17 7.34
C SER A 40 2.50 -10.68 5.94
N ASP A 41 3.31 -11.75 5.88
CA ASP A 41 3.77 -12.30 4.61
C ASP A 41 2.61 -12.64 3.68
N ILE A 42 1.53 -13.15 4.27
CA ILE A 42 0.33 -13.53 3.52
C ILE A 42 -0.25 -12.35 2.73
N LEU A 43 -0.09 -11.14 3.27
CA LEU A 43 -0.66 -9.94 2.66
C LEU A 43 -0.05 -9.65 1.30
N ASN A 44 1.17 -10.14 1.10
CA ASN A 44 1.91 -9.92 -0.15
C ASN A 44 1.13 -10.46 -1.35
N LYS A 45 0.29 -11.46 -1.10
CA LYS A 45 -0.46 -12.15 -2.14
C LYS A 45 -1.65 -11.31 -2.62
N TYR A 46 -2.00 -10.28 -1.86
CA TYR A 46 -3.17 -9.46 -2.17
C TYR A 46 -2.82 -8.27 -3.07
N ASP A 47 -1.54 -7.90 -3.11
CA ASP A 47 -1.05 -6.80 -3.97
C ASP A 47 -1.47 -5.42 -3.44
N TYR A 48 -2.16 -5.41 -2.30
CA TYR A 48 -2.53 -4.17 -1.62
C TYR A 48 -2.30 -4.31 -0.12
N ILE A 49 -1.61 -3.35 0.45
CA ILE A 49 -1.32 -3.35 1.88
C ILE A 49 -1.79 -2.05 2.51
N VAL A 50 -2.80 -2.13 3.38
CA VAL A 50 -3.29 -0.94 4.08
C VAL A 50 -3.24 -1.16 5.59
N GLY A 51 -2.74 -0.17 6.31
CA GLY A 51 -2.68 -0.23 7.75
C GLY A 51 -3.37 0.96 8.37
N ASP A 52 -4.28 0.71 9.30
CA ASP A 52 -5.07 1.76 9.93
C ASP A 52 -4.73 1.90 11.41
N TRP A 53 -5.03 3.08 11.94
CA TRP A 53 -4.87 3.37 13.36
C TRP A 53 -6.25 3.53 14.01
N GLY A 54 -7.24 2.85 13.43
CA GLY A 54 -8.61 2.99 13.88
C GLY A 54 -8.77 2.75 15.38
N TYR A 55 -8.48 1.54 15.82
CA TYR A 55 -8.56 1.19 17.23
C TYR A 55 -7.38 1.81 18.00
N GLY A 56 -6.27 1.97 17.30
CA GLY A 56 -5.06 2.50 17.90
C GLY A 56 -3.86 1.65 17.55
N GLN A 57 -4.02 0.33 17.73
CA GLN A 57 -2.97 -0.62 17.40
C GLN A 57 -2.86 -0.76 15.87
N LEU A 58 -1.79 -0.21 15.32
CA LEU A 58 -1.54 -0.26 13.89
C LEU A 58 -1.53 -1.72 13.39
N ARG A 59 -2.42 -2.02 12.46
CA ARG A 59 -2.51 -3.35 11.87
C ARG A 59 -2.68 -3.26 10.35
N LEU A 60 -1.95 -4.09 9.62
CA LEU A 60 -2.01 -4.12 8.16
C LEU A 60 -3.03 -5.15 7.69
N LYS A 61 -3.62 -4.90 6.52
CA LYS A 61 -4.59 -5.80 5.92
C LYS A 61 -4.43 -5.80 4.39
N GLY A 62 -4.84 -6.88 3.74
CA GLY A 62 -4.68 -7.00 2.30
C GLY A 62 -6.01 -6.98 1.57
N PHE A 63 -6.02 -6.36 0.40
CA PHE A 63 -7.21 -6.26 -0.45
C PHE A 63 -6.82 -6.35 -1.92
N PHE A 64 -7.82 -6.32 -2.79
CA PHE A 64 -7.61 -6.22 -4.25
C PHE A 64 -8.39 -5.02 -4.77
N ASP A 65 -7.99 -4.47 -5.91
CA ASP A 65 -8.71 -3.36 -6.51
C ASP A 65 -9.98 -3.87 -7.21
N ASP A 66 -11.12 -3.57 -6.62
CA ASP A 66 -12.41 -3.93 -7.20
C ASP A 66 -12.60 -3.22 -8.53
N GLN A 67 -12.27 -1.93 -8.52
CA GLN A 67 -12.41 -1.05 -9.68
C GLN A 67 -13.88 -0.88 -10.08
N ASN A 68 -14.78 -1.48 -9.31
CA ASN A 68 -16.22 -1.33 -9.53
C ASN A 68 -16.76 -0.25 -8.60
N GLN A 69 -16.32 0.98 -8.86
CA GLN A 69 -16.68 2.17 -8.08
C GLN A 69 -16.43 3.40 -8.94
N LYS A 70 -16.03 4.49 -8.29
CA LYS A 70 -15.62 5.70 -9.00
C LYS A 70 -14.32 5.41 -9.74
N ALA A 71 -14.44 4.77 -10.90
CA ALA A 71 -13.31 4.21 -11.63
C ALA A 71 -12.40 5.29 -12.24
N THR A 72 -11.65 4.90 -13.29
CA THR A 72 -10.67 5.77 -13.94
C THR A 72 -9.37 5.81 -13.10
N PHE A 73 -9.36 5.06 -12.01
CA PHE A 73 -8.20 4.94 -11.14
C PHE A 73 -8.02 3.48 -10.73
N GLU A 74 -6.80 2.98 -10.89
CA GLU A 74 -6.48 1.57 -10.65
C GLU A 74 -6.45 1.27 -9.15
N THR A 75 -6.40 2.30 -8.34
CA THR A 75 -6.33 2.16 -6.89
C THR A 75 -7.72 2.26 -6.23
N LYS A 76 -8.77 2.08 -7.03
CA LYS A 76 -10.14 2.14 -6.53
C LYS A 76 -10.60 0.80 -5.96
N ILE A 77 -10.63 0.71 -4.64
CA ILE A 77 -11.07 -0.50 -3.95
C ILE A 77 -12.41 -0.24 -3.24
N SER A 78 -13.41 -1.04 -3.57
CA SER A 78 -14.75 -0.86 -3.03
C SER A 78 -14.81 -1.42 -1.61
N THR A 79 -14.26 -2.61 -1.41
CA THR A 79 -14.26 -3.25 -0.10
C THR A 79 -13.46 -2.42 0.92
N LEU A 80 -12.58 -1.56 0.41
CA LEU A 80 -11.79 -0.68 1.28
C LEU A 80 -12.65 0.47 1.79
N ASP A 81 -13.53 0.97 0.92
CA ASP A 81 -14.45 2.06 1.28
C ASP A 81 -15.32 1.64 2.47
N GLU A 82 -15.79 0.40 2.41
CA GLU A 82 -16.53 -0.18 3.53
C GLU A 82 -15.63 -0.32 4.75
N TYR A 83 -14.45 -0.88 4.53
CA TYR A 83 -13.48 -1.12 5.60
C TYR A 83 -13.22 0.14 6.42
N ILE A 84 -13.00 1.26 5.72
CA ILE A 84 -12.76 2.53 6.38
C ILE A 84 -13.98 2.95 7.20
N TYR A 85 -15.16 2.77 6.62
CA TYR A 85 -16.42 3.13 7.27
C TYR A 85 -16.63 2.31 8.54
N GLU A 86 -16.12 1.08 8.54
CA GLU A 86 -16.27 0.17 9.66
C GLU A 86 -15.28 0.51 10.78
N TYR A 87 -14.02 0.66 10.41
CA TYR A 87 -12.94 0.84 11.39
C TYR A 87 -12.57 2.32 11.56
N CYS A 88 -11.78 2.83 10.62
CA CYS A 88 -11.22 4.18 10.74
C CYS A 88 -12.23 5.23 10.26
N ASN A 89 -13.35 5.33 10.98
CA ASN A 89 -14.39 6.30 10.65
C ASN A 89 -14.38 7.46 11.65
N PHE A 90 -13.32 7.50 12.46
CA PHE A 90 -13.15 8.55 13.48
C PHE A 90 -11.96 9.43 13.10
N GLY A 91 -11.44 10.18 14.07
CA GLY A 91 -10.29 11.04 13.82
C GLY A 91 -8.98 10.29 13.83
N CYS A 92 -8.96 9.15 13.14
CA CYS A 92 -7.81 8.27 13.09
C CYS A 92 -6.96 8.55 11.84
N ALA A 93 -6.06 7.62 11.52
CA ALA A 93 -5.19 7.75 10.35
C ALA A 93 -4.94 6.38 9.73
N TYR A 94 -4.46 6.37 8.49
CA TYR A 94 -4.14 5.12 7.79
C TYR A 94 -3.30 5.39 6.55
N PHE A 95 -2.76 4.32 5.98
CA PHE A 95 -1.93 4.41 4.77
C PHE A 95 -2.22 3.23 3.84
N VAL A 96 -2.13 3.47 2.54
CA VAL A 96 -2.38 2.43 1.54
C VAL A 96 -1.23 2.34 0.54
N LEU A 97 -0.59 1.17 0.49
CA LEU A 97 0.46 0.89 -0.48
C LEU A 97 -0.06 -0.09 -1.54
N LYS A 98 0.26 0.17 -2.80
CA LYS A 98 -0.09 -0.73 -3.90
C LYS A 98 1.16 -1.43 -4.41
N ARG A 99 1.03 -2.71 -4.71
CA ARG A 99 2.13 -3.51 -5.23
C ARG A 99 2.35 -3.17 -6.70
N ILE A 100 3.37 -2.37 -6.97
CA ILE A 100 3.73 -1.99 -8.33
C ILE A 100 4.21 -3.24 -9.08
N ARG A 101 3.95 -3.28 -10.38
CA ARG A 101 4.23 -4.47 -11.19
C ARG A 101 5.73 -4.57 -11.53
N LYS A 102 6.51 -3.56 -11.12
CA LYS A 102 7.95 -3.58 -11.37
C LYS A 102 8.69 -4.12 -10.16
N LEU A 103 9.98 -4.39 -10.33
CA LEU A 103 10.85 -4.77 -9.22
C LEU A 103 12.30 -4.85 -9.73
N GLU A 104 13.12 -3.92 -9.27
CA GLU A 104 14.53 -3.89 -9.61
C GLU A 104 15.36 -4.26 -8.37
N HIS A 105 16.55 -4.80 -8.58
CA HIS A 105 17.43 -5.20 -7.49
C HIS A 105 18.19 -3.99 -6.93
N HIS A 106 18.85 -4.21 -5.79
CA HIS A 106 19.40 -3.12 -4.98
C HIS A 106 20.67 -2.52 -5.55
N HIS A 107 21.23 -3.13 -6.59
CA HIS A 107 22.47 -2.62 -7.22
C HIS A 107 23.63 -2.55 -6.23
N HIS A 108 23.53 -3.28 -5.12
CA HIS A 108 24.55 -3.23 -4.07
C HIS A 108 25.81 -3.97 -4.50
N HIS A 109 26.78 -3.22 -4.99
CA HIS A 109 28.08 -3.76 -5.39
C HIS A 109 29.21 -2.91 -4.82
N HIS A 110 28.83 -1.83 -4.15
CA HIS A 110 29.79 -0.93 -3.53
C HIS A 110 29.70 -1.02 -2.02
N MET A 1 25.92 5.18 -19.11
CA MET A 1 24.71 4.34 -18.92
C MET A 1 23.54 4.86 -19.78
N ILE A 2 23.79 5.85 -20.63
CA ILE A 2 22.75 6.37 -21.52
C ILE A 2 22.34 5.27 -22.51
N GLY A 3 21.17 4.71 -22.27
CA GLY A 3 20.65 3.62 -23.08
C GLY A 3 19.43 3.03 -22.44
N MET A 4 19.51 2.80 -21.13
CA MET A 4 18.36 2.40 -20.33
C MET A 4 17.79 3.64 -19.65
N SER A 5 16.58 4.02 -20.03
CA SER A 5 15.93 5.22 -19.49
C SER A 5 15.76 5.11 -17.97
N GLU A 6 16.21 6.13 -17.25
CA GLU A 6 16.01 6.19 -15.81
C GLU A 6 14.56 6.58 -15.54
N LYS A 7 13.89 5.81 -14.70
CA LYS A 7 12.45 5.90 -14.54
C LYS A 7 12.07 6.81 -13.37
N ARG A 8 10.96 7.52 -13.53
CA ARG A 8 10.43 8.41 -12.50
C ARG A 8 10.14 7.66 -11.20
N GLY A 9 9.90 8.42 -10.13
CA GLY A 9 9.56 7.83 -8.85
C GLY A 9 9.10 8.88 -7.85
N GLU A 10 8.71 8.43 -6.66
CA GLU A 10 8.25 9.32 -5.60
C GLU A 10 8.47 8.65 -4.24
N ILE A 11 7.62 7.69 -3.91
CA ILE A 11 7.76 6.93 -2.67
C ILE A 11 7.60 5.44 -2.97
N MET A 12 8.74 4.79 -3.21
CA MET A 12 8.78 3.36 -3.53
C MET A 12 9.22 2.57 -2.31
N ILE A 13 8.36 1.68 -1.83
CA ILE A 13 8.63 0.89 -0.64
C ILE A 13 9.10 -0.51 -1.04
N LEU A 14 10.36 -0.82 -0.74
CA LEU A 14 10.91 -2.15 -1.04
C LEU A 14 11.10 -2.93 0.25
N ILE A 15 10.30 -3.98 0.41
CA ILE A 15 10.37 -4.87 1.57
C ILE A 15 10.06 -6.30 1.14
N GLN A 16 10.74 -7.28 1.74
CA GLN A 16 10.57 -8.69 1.39
C GLN A 16 10.86 -8.91 -0.10
N ASN A 17 11.66 -8.00 -0.68
CA ASN A 17 11.95 -8.03 -2.11
C ASN A 17 10.67 -7.84 -2.93
N ALA A 18 9.78 -7.00 -2.42
CA ALA A 18 8.58 -6.59 -3.13
C ALA A 18 8.54 -5.07 -3.24
N GLU A 19 8.12 -4.56 -4.39
CA GLU A 19 8.13 -3.12 -4.66
C GLU A 19 6.73 -2.54 -4.57
N PHE A 20 6.55 -1.52 -3.72
CA PHE A 20 5.26 -0.88 -3.50
C PHE A 20 5.34 0.60 -3.83
N GLU A 21 4.18 1.22 -4.10
CA GLU A 21 4.08 2.66 -4.26
C GLU A 21 3.03 3.22 -3.29
N LEU A 22 3.32 4.35 -2.67
CA LEU A 22 2.38 4.97 -1.73
C LEU A 22 1.32 5.75 -2.50
N VAL A 23 0.15 5.15 -2.66
CA VAL A 23 -0.94 5.75 -3.44
C VAL A 23 -1.82 6.65 -2.57
N HIS A 24 -1.71 6.51 -1.24
CA HIS A 24 -2.46 7.38 -0.34
C HIS A 24 -1.90 7.34 1.08
N ASN A 25 -1.71 8.51 1.66
CA ASN A 25 -1.31 8.64 3.07
C ASN A 25 -2.36 9.50 3.77
N PHE A 26 -2.82 9.04 4.93
CA PHE A 26 -3.89 9.71 5.66
C PHE A 26 -3.43 10.10 7.05
N LYS A 27 -3.26 11.40 7.28
CA LYS A 27 -2.87 11.94 8.59
C LYS A 27 -1.57 11.30 9.08
N ASP A 28 -0.53 11.34 8.23
CA ASP A 28 0.78 10.80 8.59
C ASP A 28 0.67 9.31 8.94
N GLY A 29 -0.33 8.66 8.35
CA GLY A 29 -0.59 7.26 8.64
C GLY A 29 0.54 6.36 8.23
N PHE A 30 1.16 6.65 7.10
CA PHE A 30 2.23 5.80 6.58
C PHE A 30 3.52 5.97 7.39
N ASN A 31 3.71 5.10 8.36
CA ASN A 31 4.98 4.98 9.07
C ASN A 31 5.64 3.67 8.67
N GLU A 32 6.77 3.75 7.96
CA GLU A 32 7.45 2.55 7.48
C GLU A 32 7.79 1.63 8.64
N GLU A 33 8.24 2.25 9.74
CA GLU A 33 8.62 1.52 10.95
C GLU A 33 7.50 0.59 11.41
N ALA A 34 6.28 1.10 11.40
CA ALA A 34 5.12 0.33 11.83
C ALA A 34 4.69 -0.65 10.73
N PHE A 35 4.77 -0.20 9.49
CA PHE A 35 4.40 -1.02 8.33
C PHE A 35 5.23 -2.31 8.29
N LYS A 36 6.55 -2.16 8.23
CA LYS A 36 7.46 -3.29 8.11
C LYS A 36 7.38 -4.20 9.33
N ALA A 37 6.95 -3.65 10.46
CA ALA A 37 6.82 -4.41 11.71
C ALA A 37 5.52 -5.22 11.73
N ARG A 38 4.51 -4.74 11.01
CA ARG A 38 3.20 -5.40 10.96
C ARG A 38 3.06 -6.25 9.70
N TYR A 39 3.86 -5.94 8.68
CA TYR A 39 3.72 -6.55 7.36
C TYR A 39 3.98 -8.07 7.40
N SER A 40 3.08 -8.82 6.79
CA SER A 40 3.20 -10.27 6.68
C SER A 40 3.11 -10.69 5.22
N ASP A 41 3.66 -11.85 4.91
CA ASP A 41 3.70 -12.36 3.54
C ASP A 41 2.31 -12.79 3.07
N ILE A 42 1.39 -12.99 4.02
CA ILE A 42 0.01 -13.35 3.70
C ILE A 42 -0.63 -12.27 2.81
N LEU A 43 -0.16 -11.05 2.97
CA LEU A 43 -0.73 -9.90 2.27
C LEU A 43 -0.18 -9.78 0.85
N ASN A 44 0.89 -10.53 0.57
CA ASN A 44 1.60 -10.46 -0.72
C ASN A 44 0.67 -10.83 -1.88
N LYS A 45 -0.25 -11.76 -1.62
CA LYS A 45 -1.13 -12.29 -2.67
C LYS A 45 -2.21 -11.29 -3.07
N TYR A 46 -2.37 -10.22 -2.28
CA TYR A 46 -3.41 -9.23 -2.53
C TYR A 46 -2.91 -8.12 -3.45
N ASP A 47 -1.61 -7.85 -3.38
CA ASP A 47 -0.96 -6.80 -4.19
C ASP A 47 -1.41 -5.39 -3.78
N TYR A 48 -2.26 -5.30 -2.76
CA TYR A 48 -2.69 -4.03 -2.19
C TYR A 48 -2.64 -4.12 -0.67
N ILE A 49 -1.76 -3.33 -0.05
CA ILE A 49 -1.54 -3.40 1.39
C ILE A 49 -2.03 -2.13 2.06
N VAL A 50 -3.06 -2.26 2.89
CA VAL A 50 -3.57 -1.12 3.65
C VAL A 50 -3.32 -1.36 5.13
N GLY A 51 -3.11 -0.28 5.87
CA GLY A 51 -2.94 -0.38 7.31
C GLY A 51 -3.67 0.73 8.02
N ASP A 52 -4.60 0.37 8.91
CA ASP A 52 -5.36 1.35 9.67
C ASP A 52 -4.85 1.42 11.11
N TRP A 53 -4.74 2.63 11.64
CA TRP A 53 -4.36 2.82 13.03
C TRP A 53 -5.57 2.62 13.93
N GLY A 54 -6.75 2.96 13.40
CA GLY A 54 -7.98 2.89 14.16
C GLY A 54 -7.94 3.79 15.38
N TYR A 55 -7.28 3.31 16.43
CA TYR A 55 -7.13 4.07 17.67
C TYR A 55 -5.66 4.12 18.09
N GLY A 56 -4.88 3.18 17.58
CA GLY A 56 -3.47 3.07 17.94
C GLY A 56 -2.93 1.69 17.63
N GLN A 57 -3.81 0.69 17.74
CA GLN A 57 -3.48 -0.67 17.38
C GLN A 57 -3.49 -0.82 15.86
N LEU A 58 -2.33 -0.56 15.24
CA LEU A 58 -2.22 -0.54 13.78
C LEU A 58 -2.42 -1.95 13.20
N ARG A 59 -3.36 -2.07 12.28
CA ARG A 59 -3.71 -3.34 11.67
C ARG A 59 -3.55 -3.26 10.15
N LEU A 60 -2.89 -4.26 9.55
CA LEU A 60 -2.76 -4.32 8.10
C LEU A 60 -3.79 -5.28 7.53
N LYS A 61 -4.36 -4.92 6.39
CA LYS A 61 -5.39 -5.72 5.75
C LYS A 61 -5.14 -5.73 4.23
N GLY A 62 -5.16 -6.91 3.64
CA GLY A 62 -4.96 -7.03 2.21
C GLY A 62 -6.27 -6.93 1.45
N PHE A 63 -6.25 -6.26 0.30
CA PHE A 63 -7.44 -6.08 -0.53
C PHE A 63 -7.12 -6.30 -2.00
N PHE A 64 -8.16 -6.46 -2.80
CA PHE A 64 -8.04 -6.53 -4.26
C PHE A 64 -8.74 -5.32 -4.87
N ASP A 65 -8.32 -4.91 -6.05
CA ASP A 65 -8.90 -3.74 -6.71
C ASP A 65 -10.32 -4.03 -7.18
N ASP A 66 -11.29 -3.34 -6.56
CA ASP A 66 -12.68 -3.41 -7.01
C ASP A 66 -12.86 -2.57 -8.26
N GLN A 67 -12.27 -1.38 -8.25
CA GLN A 67 -12.34 -0.47 -9.38
C GLN A 67 -11.34 -0.89 -10.45
N ASN A 68 -11.84 -1.52 -11.50
CA ASN A 68 -10.99 -2.03 -12.57
C ASN A 68 -10.87 -1.01 -13.70
N GLN A 69 -11.63 0.07 -13.58
CA GLN A 69 -11.66 1.12 -14.58
C GLN A 69 -10.78 2.28 -14.15
N LYS A 70 -10.52 3.21 -15.08
CA LYS A 70 -9.73 4.39 -14.77
C LYS A 70 -10.53 5.36 -13.93
N ALA A 71 -10.51 5.16 -12.63
CA ALA A 71 -11.19 6.05 -11.68
C ALA A 71 -10.31 7.23 -11.31
N THR A 72 -10.88 8.23 -10.65
CA THR A 72 -10.13 9.40 -10.21
C THR A 72 -9.01 8.99 -9.27
N PHE A 73 -9.27 7.97 -8.46
CA PHE A 73 -8.27 7.38 -7.57
C PHE A 73 -7.89 6.00 -8.09
N GLU A 74 -6.59 5.70 -8.11
CA GLU A 74 -6.10 4.44 -8.69
C GLU A 74 -6.23 3.29 -7.68
N THR A 75 -7.29 3.34 -6.88
CA THR A 75 -7.62 2.29 -5.92
C THR A 75 -9.13 2.28 -5.66
N LYS A 76 -9.58 3.20 -4.79
CA LYS A 76 -11.00 3.35 -4.45
C LYS A 76 -11.66 1.97 -4.22
N ILE A 77 -10.88 1.06 -3.66
CA ILE A 77 -11.36 -0.30 -3.37
C ILE A 77 -12.59 -0.26 -2.47
N SER A 78 -13.72 -0.77 -2.97
CA SER A 78 -15.00 -0.66 -2.29
C SER A 78 -14.96 -1.37 -0.93
N THR A 79 -14.39 -2.58 -0.89
CA THR A 79 -14.30 -3.33 0.35
C THR A 79 -13.43 -2.59 1.36
N LEU A 80 -12.51 -1.76 0.84
CA LEU A 80 -11.67 -0.91 1.67
C LEU A 80 -12.47 0.27 2.19
N ASP A 81 -13.30 0.85 1.31
CA ASP A 81 -14.11 2.02 1.64
C ASP A 81 -15.03 1.72 2.83
N GLU A 82 -15.48 0.47 2.88
CA GLU A 82 -16.31 -0.01 3.99
C GLU A 82 -15.44 -0.29 5.22
N TYR A 83 -14.34 -1.02 5.00
CA TYR A 83 -13.43 -1.43 6.07
C TYR A 83 -12.95 -0.23 6.88
N ILE A 84 -12.57 0.85 6.19
CA ILE A 84 -12.06 2.04 6.87
C ILE A 84 -13.09 2.58 7.86
N TYR A 85 -14.33 2.71 7.39
CA TYR A 85 -15.41 3.29 8.21
C TYR A 85 -15.61 2.53 9.52
N GLU A 86 -15.26 1.24 9.52
CA GLU A 86 -15.46 0.40 10.69
C GLU A 86 -14.39 0.67 11.76
N TYR A 87 -13.20 1.06 11.31
CA TYR A 87 -12.04 1.21 12.21
C TYR A 87 -11.64 2.68 12.36
N CYS A 88 -11.36 3.34 11.24
CA CYS A 88 -10.90 4.73 11.24
C CYS A 88 -12.02 5.65 10.76
N ASN A 89 -12.49 6.51 11.66
CA ASN A 89 -13.59 7.43 11.35
C ASN A 89 -13.09 8.87 11.34
N PHE A 90 -12.44 9.29 12.43
CA PHE A 90 -11.89 10.63 12.53
C PHE A 90 -10.83 10.68 13.63
N GLY A 91 -9.84 11.57 13.46
CA GLY A 91 -8.78 11.70 14.45
C GLY A 91 -7.79 10.55 14.35
N CYS A 92 -8.01 9.67 13.40
CA CYS A 92 -7.18 8.49 13.19
C CYS A 92 -6.43 8.60 11.87
N ALA A 93 -5.60 7.61 11.59
CA ALA A 93 -4.76 7.62 10.39
C ALA A 93 -4.72 6.25 9.74
N TYR A 94 -4.30 6.22 8.47
CA TYR A 94 -4.09 4.97 7.74
C TYR A 94 -3.27 5.24 6.48
N PHE A 95 -2.94 4.18 5.74
CA PHE A 95 -2.13 4.29 4.52
C PHE A 95 -2.49 3.17 3.54
N VAL A 96 -2.29 3.43 2.24
CA VAL A 96 -2.55 2.44 1.20
C VAL A 96 -1.33 2.32 0.27
N LEU A 97 -0.76 1.11 0.21
CA LEU A 97 0.36 0.80 -0.69
C LEU A 97 -0.10 -0.10 -1.83
N LYS A 98 0.34 0.22 -3.04
CA LYS A 98 0.02 -0.57 -4.23
C LYS A 98 1.28 -1.26 -4.74
N ARG A 99 1.26 -2.60 -4.74
CA ARG A 99 2.43 -3.38 -5.10
C ARG A 99 2.52 -3.51 -6.63
N ILE A 100 3.70 -3.23 -7.17
CA ILE A 100 3.90 -3.16 -8.62
C ILE A 100 3.96 -4.56 -9.24
N ARG A 101 3.75 -5.60 -8.43
CA ARG A 101 3.91 -7.00 -8.82
C ARG A 101 5.34 -7.25 -9.33
N LYS A 102 6.21 -6.29 -9.04
CA LYS A 102 7.56 -6.24 -9.60
C LYS A 102 8.57 -5.93 -8.50
N LEU A 103 9.84 -6.11 -8.80
CA LEU A 103 10.93 -5.64 -7.96
C LEU A 103 12.08 -5.25 -8.89
N GLU A 104 12.13 -3.97 -9.25
CA GLU A 104 13.11 -3.50 -10.21
C GLU A 104 14.43 -3.22 -9.51
N HIS A 105 15.24 -4.28 -9.38
CA HIS A 105 16.51 -4.20 -8.67
C HIS A 105 17.58 -3.51 -9.50
N HIS A 106 18.17 -2.47 -8.92
CA HIS A 106 19.34 -1.81 -9.52
C HIS A 106 20.53 -2.77 -9.51
N HIS A 107 21.40 -2.66 -10.51
CA HIS A 107 22.58 -3.52 -10.60
C HIS A 107 23.69 -2.83 -11.37
N HIS A 108 24.92 -3.00 -10.89
CA HIS A 108 26.10 -2.46 -11.58
C HIS A 108 26.45 -3.33 -12.77
N HIS A 109 26.77 -2.68 -13.89
CA HIS A 109 27.32 -3.39 -15.05
C HIS A 109 28.82 -3.11 -15.14
N HIS A 110 29.27 -2.22 -14.27
CA HIS A 110 30.68 -1.84 -14.16
C HIS A 110 30.90 -1.14 -12.83
N MET A 1 23.58 8.94 3.30
CA MET A 1 22.30 9.39 3.85
C MET A 1 21.37 8.19 4.04
N ILE A 2 20.44 8.29 4.99
CA ILE A 2 19.49 7.21 5.27
C ILE A 2 18.53 7.03 4.09
N GLY A 3 18.21 8.15 3.44
CA GLY A 3 17.37 8.12 2.25
C GLY A 3 18.19 8.03 0.99
N MET A 4 17.68 7.34 -0.02
CA MET A 4 18.41 7.13 -1.27
C MET A 4 17.80 7.97 -2.39
N SER A 5 18.51 8.01 -3.53
CA SER A 5 18.09 8.80 -4.68
C SER A 5 16.72 8.35 -5.20
N GLU A 6 15.86 9.33 -5.47
CA GLU A 6 14.50 9.05 -5.97
C GLU A 6 14.40 9.37 -7.46
N LYS A 7 14.61 8.36 -8.29
CA LYS A 7 14.52 8.52 -9.74
C LYS A 7 13.15 8.09 -10.24
N ARG A 8 12.49 7.24 -9.47
CA ARG A 8 11.14 6.77 -9.79
C ARG A 8 10.29 6.72 -8.52
N GLY A 9 9.02 7.12 -8.65
CA GLY A 9 8.08 7.00 -7.55
C GLY A 9 7.97 8.27 -6.74
N GLU A 10 6.76 8.57 -6.28
CA GLU A 10 6.54 9.68 -5.37
C GLU A 10 6.85 9.20 -3.95
N ILE A 11 6.19 8.12 -3.56
CA ILE A 11 6.51 7.42 -2.32
C ILE A 11 6.49 5.92 -2.58
N MET A 12 7.66 5.40 -2.95
CA MET A 12 7.83 4.00 -3.33
C MET A 12 8.52 3.22 -2.22
N ILE A 13 7.96 2.08 -1.86
CA ILE A 13 8.46 1.27 -0.76
C ILE A 13 9.02 -0.06 -1.27
N LEU A 14 10.29 -0.32 -1.01
CA LEU A 14 10.93 -1.56 -1.43
C LEU A 14 11.25 -2.43 -0.22
N ILE A 15 10.56 -3.57 -0.12
CA ILE A 15 10.73 -4.49 1.00
C ILE A 15 10.55 -5.93 0.55
N GLN A 16 11.28 -6.85 1.18
CA GLN A 16 11.19 -8.29 0.89
C GLN A 16 11.38 -8.57 -0.61
N ASN A 17 12.13 -7.70 -1.27
CA ASN A 17 12.37 -7.80 -2.72
C ASN A 17 11.07 -7.62 -3.50
N ALA A 18 10.28 -6.63 -3.10
CA ALA A 18 9.06 -6.27 -3.81
C ALA A 18 8.90 -4.75 -3.80
N GLU A 19 8.48 -4.19 -4.93
CA GLU A 19 8.26 -2.74 -5.05
C GLU A 19 6.82 -2.41 -4.68
N PHE A 20 6.63 -1.30 -3.96
CA PHE A 20 5.30 -0.82 -3.58
C PHE A 20 5.20 0.67 -3.83
N GLU A 21 3.96 1.17 -3.95
CA GLU A 21 3.71 2.60 -4.01
C GLU A 21 2.60 2.97 -3.03
N LEU A 22 2.71 4.15 -2.43
CA LEU A 22 1.69 4.65 -1.53
C LEU A 22 0.54 5.26 -2.35
N VAL A 23 -0.67 4.68 -2.22
CA VAL A 23 -1.83 5.17 -2.97
C VAL A 23 -2.78 5.95 -2.07
N HIS A 24 -2.70 5.72 -0.76
CA HIS A 24 -3.52 6.44 0.21
C HIS A 24 -2.80 6.56 1.56
N ASN A 25 -2.91 7.75 2.16
CA ASN A 25 -2.32 8.02 3.46
C ASN A 25 -3.06 9.18 4.12
N PHE A 26 -3.24 9.12 5.43
CA PHE A 26 -3.92 10.17 6.17
C PHE A 26 -3.36 10.25 7.59
N LYS A 27 -3.13 11.47 8.05
CA LYS A 27 -2.66 11.73 9.42
C LYS A 27 -1.26 11.16 9.62
N ASP A 28 -0.50 11.10 8.53
CA ASP A 28 0.85 10.53 8.54
C ASP A 28 0.81 9.09 9.05
N GLY A 29 -0.34 8.45 8.87
CA GLY A 29 -0.53 7.08 9.33
C GLY A 29 0.50 6.13 8.74
N PHE A 30 0.97 6.45 7.54
CA PHE A 30 1.99 5.66 6.88
C PHE A 30 3.33 5.81 7.58
N ASN A 31 3.62 4.84 8.44
CA ASN A 31 4.93 4.74 9.07
C ASN A 31 5.62 3.48 8.58
N GLU A 32 6.63 3.65 7.73
CA GLU A 32 7.32 2.52 7.11
C GLU A 32 7.74 1.49 8.17
N GLU A 33 8.28 1.99 9.27
CA GLU A 33 8.76 1.14 10.36
C GLU A 33 7.62 0.27 10.90
N ALA A 34 6.41 0.82 10.94
CA ALA A 34 5.24 0.08 11.41
C ALA A 34 4.79 -0.94 10.36
N PHE A 35 4.85 -0.52 9.10
CA PHE A 35 4.48 -1.37 7.97
C PHE A 35 5.37 -2.60 7.92
N LYS A 36 6.68 -2.38 7.81
CA LYS A 36 7.65 -3.46 7.69
C LYS A 36 7.62 -4.38 8.90
N ALA A 37 7.26 -3.82 10.05
CA ALA A 37 7.15 -4.60 11.30
C ALA A 37 6.01 -5.60 11.21
N ARG A 38 4.84 -5.11 10.81
CA ARG A 38 3.63 -5.94 10.72
C ARG A 38 3.64 -6.82 9.47
N TYR A 39 4.34 -6.37 8.43
CA TYR A 39 4.32 -7.02 7.12
C TYR A 39 4.83 -8.45 7.21
N SER A 40 3.99 -9.38 6.76
CA SER A 40 4.35 -10.78 6.63
C SER A 40 4.27 -11.20 5.17
N ASP A 41 5.06 -12.19 4.77
CA ASP A 41 5.13 -12.61 3.36
C ASP A 41 3.78 -13.06 2.85
N ILE A 42 2.96 -13.63 3.73
CA ILE A 42 1.63 -14.11 3.35
C ILE A 42 0.75 -12.96 2.84
N LEU A 43 1.00 -11.75 3.33
CA LEU A 43 0.21 -10.59 2.97
C LEU A 43 0.47 -10.15 1.52
N ASN A 44 1.59 -10.59 0.97
CA ASN A 44 2.01 -10.18 -0.37
C ASN A 44 1.04 -10.69 -1.44
N LYS A 45 0.37 -11.82 -1.15
CA LYS A 45 -0.53 -12.45 -2.10
C LYS A 45 -1.76 -11.57 -2.39
N TYR A 46 -2.01 -10.61 -1.51
CA TYR A 46 -3.12 -9.67 -1.69
C TYR A 46 -2.71 -8.53 -2.62
N ASP A 47 -1.40 -8.28 -2.66
CA ASP A 47 -0.79 -7.16 -3.41
C ASP A 47 -1.46 -5.80 -3.15
N TYR A 48 -2.34 -5.75 -2.15
CA TYR A 48 -2.90 -4.50 -1.64
C TYR A 48 -2.92 -4.58 -0.12
N ILE A 49 -2.13 -3.73 0.52
CA ILE A 49 -1.97 -3.76 1.97
C ILE A 49 -2.55 -2.49 2.59
N VAL A 50 -3.60 -2.65 3.38
CA VAL A 50 -4.22 -1.53 4.06
C VAL A 50 -3.85 -1.54 5.53
N GLY A 51 -3.06 -0.57 5.95
CA GLY A 51 -2.73 -0.43 7.36
C GLY A 51 -3.69 0.51 8.05
N ASP A 52 -4.39 -0.01 9.05
CA ASP A 52 -5.39 0.76 9.78
C ASP A 52 -5.01 0.83 11.25
N TRP A 53 -5.00 2.04 11.79
CA TRP A 53 -4.76 2.22 13.22
C TRP A 53 -6.05 2.07 14.00
N GLY A 54 -7.12 2.65 13.45
CA GLY A 54 -8.46 2.53 14.01
C GLY A 54 -8.52 2.78 15.50
N TYR A 55 -8.38 1.71 16.28
CA TYR A 55 -8.56 1.76 17.72
C TYR A 55 -7.25 2.12 18.43
N GLY A 56 -6.20 2.36 17.64
CA GLY A 56 -4.89 2.66 18.18
C GLY A 56 -3.94 1.48 18.07
N GLN A 57 -4.18 0.62 17.09
CA GLN A 57 -3.33 -0.55 16.86
C GLN A 57 -3.11 -0.74 15.36
N LEU A 58 -1.86 -0.67 14.94
CA LEU A 58 -1.53 -0.75 13.52
C LEU A 58 -1.49 -2.21 13.07
N ARG A 59 -2.50 -2.59 12.29
CA ARG A 59 -2.57 -3.93 11.71
C ARG A 59 -2.70 -3.83 10.19
N LEU A 60 -2.02 -4.71 9.48
CA LEU A 60 -2.07 -4.73 8.02
C LEU A 60 -3.16 -5.70 7.56
N LYS A 61 -4.21 -5.15 6.97
CA LYS A 61 -5.35 -5.92 6.51
C LYS A 61 -5.28 -6.01 4.98
N GLY A 62 -5.25 -7.23 4.46
CA GLY A 62 -5.08 -7.42 3.02
C GLY A 62 -6.39 -7.38 2.27
N PHE A 63 -6.37 -6.80 1.07
CA PHE A 63 -7.54 -6.73 0.21
C PHE A 63 -7.19 -7.20 -1.19
N PHE A 64 -8.22 -7.42 -2.01
CA PHE A 64 -8.04 -7.81 -3.40
C PHE A 64 -8.38 -6.65 -4.32
N ASP A 65 -8.09 -6.80 -5.60
CA ASP A 65 -8.41 -5.76 -6.59
C ASP A 65 -9.92 -5.54 -6.65
N ASP A 66 -10.33 -4.29 -6.57
CA ASP A 66 -11.74 -3.92 -6.56
C ASP A 66 -12.06 -3.04 -7.77
N GLN A 67 -13.35 -2.86 -8.04
CA GLN A 67 -13.82 -2.13 -9.22
C GLN A 67 -13.49 -2.92 -10.48
N ASN A 68 -12.21 -2.92 -10.84
CA ASN A 68 -11.69 -3.72 -11.96
C ASN A 68 -12.45 -3.47 -13.28
N GLN A 69 -13.64 -4.06 -13.38
CA GLN A 69 -14.44 -3.96 -14.60
C GLN A 69 -15.28 -2.68 -14.60
N LYS A 70 -15.71 -2.25 -13.42
CA LYS A 70 -16.53 -1.06 -13.29
C LYS A 70 -15.63 0.17 -13.16
N ALA A 71 -15.24 0.73 -14.31
CA ALA A 71 -14.33 1.88 -14.38
C ALA A 71 -12.93 1.50 -13.88
N THR A 72 -11.92 2.03 -14.54
CA THR A 72 -10.54 1.67 -14.25
C THR A 72 -10.03 2.40 -13.01
N PHE A 73 -10.38 1.89 -11.83
CA PHE A 73 -9.87 2.41 -10.57
C PHE A 73 -9.01 1.35 -9.87
N GLU A 74 -7.71 1.45 -10.03
CA GLU A 74 -6.76 0.53 -9.40
C GLU A 74 -6.26 1.12 -8.08
N THR A 75 -6.22 2.43 -8.01
CA THR A 75 -5.73 3.15 -6.84
C THR A 75 -6.82 3.32 -5.78
N LYS A 76 -8.08 3.33 -6.21
CA LYS A 76 -9.21 3.48 -5.30
C LYS A 76 -10.00 2.19 -5.18
N ILE A 77 -10.01 1.62 -3.98
CA ILE A 77 -10.85 0.46 -3.66
C ILE A 77 -12.15 0.96 -3.02
N SER A 78 -13.27 0.79 -3.73
CA SER A 78 -14.54 1.36 -3.30
C SER A 78 -15.00 0.76 -1.97
N THR A 79 -14.94 -0.56 -1.86
CA THR A 79 -15.32 -1.25 -0.63
C THR A 79 -14.42 -0.82 0.53
N LEU A 80 -13.21 -0.37 0.20
CA LEU A 80 -12.27 0.10 1.22
C LEU A 80 -12.70 1.46 1.75
N ASP A 81 -13.21 2.31 0.86
CA ASP A 81 -13.71 3.62 1.23
C ASP A 81 -14.80 3.49 2.30
N GLU A 82 -15.63 2.46 2.15
CA GLU A 82 -16.68 2.15 3.12
C GLU A 82 -16.07 1.51 4.37
N TYR A 83 -15.07 0.66 4.15
CA TYR A 83 -14.39 -0.07 5.21
C TYR A 83 -13.80 0.89 6.24
N ILE A 84 -12.98 1.84 5.76
CA ILE A 84 -12.33 2.82 6.63
C ILE A 84 -13.38 3.66 7.35
N TYR A 85 -14.46 3.97 6.64
CA TYR A 85 -15.55 4.79 7.18
C TYR A 85 -16.12 4.15 8.46
N GLU A 86 -16.03 2.83 8.52
CA GLU A 86 -16.47 2.09 9.70
C GLU A 86 -15.40 2.09 10.79
N TYR A 87 -14.18 1.72 10.41
CA TYR A 87 -13.08 1.55 11.37
C TYR A 87 -12.44 2.91 11.72
N CYS A 88 -11.51 3.36 10.89
CA CYS A 88 -10.82 4.62 11.14
C CYS A 88 -11.72 5.80 10.80
N ASN A 89 -12.36 6.37 11.83
CA ASN A 89 -13.18 7.58 11.68
C ASN A 89 -12.39 8.65 10.93
N PHE A 90 -12.91 9.06 9.77
CA PHE A 90 -12.23 10.01 8.90
C PHE A 90 -11.63 11.17 9.70
N GLY A 91 -10.34 11.06 9.98
CA GLY A 91 -9.67 12.02 10.83
C GLY A 91 -8.53 11.35 11.58
N CYS A 92 -8.62 10.04 11.72
CA CYS A 92 -7.55 9.24 12.33
C CYS A 92 -6.54 8.80 11.27
N ALA A 93 -5.65 7.87 11.63
CA ALA A 93 -4.53 7.49 10.78
C ALA A 93 -4.74 6.14 10.09
N TYR A 94 -4.46 6.11 8.78
CA TYR A 94 -4.47 4.86 8.00
C TYR A 94 -3.65 5.07 6.73
N PHE A 95 -3.34 3.97 6.05
CA PHE A 95 -2.57 4.03 4.79
C PHE A 95 -2.81 2.79 3.95
N VAL A 96 -2.51 2.89 2.65
CA VAL A 96 -2.70 1.77 1.71
C VAL A 96 -1.53 1.71 0.73
N LEU A 97 -0.86 0.56 0.68
CA LEU A 97 0.24 0.34 -0.26
C LEU A 97 -0.18 -0.63 -1.37
N LYS A 98 0.27 -0.32 -2.58
CA LYS A 98 0.00 -1.14 -3.77
C LYS A 98 1.29 -1.80 -4.23
N ARG A 99 1.24 -3.11 -4.46
CA ARG A 99 2.41 -3.87 -4.91
C ARG A 99 2.62 -3.67 -6.41
N ILE A 100 3.80 -3.17 -6.78
CA ILE A 100 4.16 -2.95 -8.17
C ILE A 100 4.72 -4.24 -8.77
N ARG A 101 4.43 -4.46 -10.05
CA ARG A 101 4.87 -5.67 -10.73
C ARG A 101 6.24 -5.47 -11.38
N LYS A 102 7.23 -5.12 -10.57
CA LYS A 102 8.63 -4.97 -11.00
C LYS A 102 9.58 -5.20 -9.84
N LEU A 103 10.78 -5.67 -10.17
CA LEU A 103 11.87 -5.87 -9.23
C LEU A 103 13.03 -6.52 -9.98
N GLU A 104 14.27 -6.17 -9.64
CA GLU A 104 15.45 -6.76 -10.29
C GLU A 104 15.45 -8.27 -10.15
N HIS A 105 15.47 -8.98 -11.28
CA HIS A 105 15.65 -10.43 -11.27
C HIS A 105 17.06 -10.74 -10.80
N HIS A 106 17.16 -11.36 -9.63
CA HIS A 106 18.45 -11.55 -8.95
C HIS A 106 19.45 -12.34 -9.81
N HIS A 107 18.96 -13.06 -10.80
CA HIS A 107 19.82 -13.85 -11.68
C HIS A 107 20.45 -12.96 -12.76
N HIS A 108 21.07 -11.86 -12.33
CA HIS A 108 21.80 -10.98 -13.23
C HIS A 108 23.26 -11.40 -13.31
N HIS A 109 23.60 -12.49 -12.64
CA HIS A 109 24.98 -12.96 -12.56
C HIS A 109 25.02 -14.45 -12.25
N HIS A 110 26.19 -15.03 -12.39
CA HIS A 110 26.41 -16.46 -12.13
C HIS A 110 27.89 -16.72 -11.87
N MET A 1 0.41 21.61 -9.90
CA MET A 1 1.63 20.82 -10.10
C MET A 1 1.89 20.60 -11.58
N ILE A 2 2.50 21.60 -12.23
CA ILE A 2 2.77 21.54 -13.66
C ILE A 2 4.27 21.49 -13.93
N GLY A 3 4.71 20.43 -14.60
CA GLY A 3 6.11 20.29 -14.98
C GLY A 3 7.03 20.08 -13.79
N MET A 4 6.45 19.74 -12.65
CA MET A 4 7.21 19.53 -11.43
C MET A 4 8.12 18.31 -11.57
N SER A 5 9.23 18.31 -10.85
CA SER A 5 10.24 17.25 -10.97
C SER A 5 9.67 15.85 -10.71
N GLU A 6 9.47 15.11 -11.80
CA GLU A 6 9.05 13.72 -11.73
C GLU A 6 10.27 12.81 -11.78
N LYS A 7 10.25 11.73 -11.01
CA LYS A 7 11.38 10.81 -10.92
C LYS A 7 10.91 9.36 -11.04
N ARG A 8 10.07 8.95 -10.11
CA ARG A 8 9.61 7.56 -10.03
C ARG A 8 8.39 7.46 -9.12
N GLY A 9 7.61 8.53 -9.08
CA GLY A 9 6.43 8.59 -8.23
C GLY A 9 6.60 9.60 -7.13
N GLU A 10 6.72 9.12 -5.90
CA GLU A 10 6.98 9.99 -4.76
C GLU A 10 7.54 9.18 -3.59
N ILE A 11 6.76 8.21 -3.11
CA ILE A 11 7.17 7.37 -1.98
C ILE A 11 6.95 5.89 -2.32
N MET A 12 8.04 5.20 -2.66
CA MET A 12 8.00 3.77 -2.96
C MET A 12 8.61 2.98 -1.82
N ILE A 13 7.95 1.90 -1.43
CA ILE A 13 8.37 1.12 -0.26
C ILE A 13 8.92 -0.24 -0.68
N LEU A 14 10.23 -0.41 -0.56
CA LEU A 14 10.89 -1.67 -0.91
C LEU A 14 11.13 -2.50 0.35
N ILE A 15 10.66 -3.75 0.32
CA ILE A 15 10.73 -4.64 1.47
C ILE A 15 10.98 -6.08 0.99
N GLN A 16 10.93 -7.05 1.91
CA GLN A 16 11.19 -8.46 1.60
C GLN A 16 10.52 -8.91 0.29
N ASN A 17 11.32 -8.96 -0.79
CA ASN A 17 10.88 -9.49 -2.08
C ASN A 17 9.63 -8.77 -2.59
N ALA A 18 9.47 -7.52 -2.18
CA ALA A 18 8.27 -6.76 -2.51
C ALA A 18 8.59 -5.30 -2.75
N GLU A 19 8.05 -4.77 -3.84
CA GLU A 19 8.17 -3.35 -4.16
C GLU A 19 6.78 -2.74 -4.18
N PHE A 20 6.54 -1.75 -3.32
CA PHE A 20 5.24 -1.09 -3.22
C PHE A 20 5.37 0.40 -3.50
N GLU A 21 4.24 1.07 -3.67
CA GLU A 21 4.22 2.53 -3.73
C GLU A 21 3.04 3.05 -2.91
N LEU A 22 3.25 4.18 -2.25
CA LEU A 22 2.22 4.79 -1.42
C LEU A 22 1.24 5.56 -2.30
N VAL A 23 0.08 4.95 -2.56
CA VAL A 23 -0.92 5.54 -3.44
C VAL A 23 -1.90 6.40 -2.67
N HIS A 24 -1.93 6.24 -1.35
CA HIS A 24 -2.83 7.03 -0.50
C HIS A 24 -2.33 7.02 0.94
N ASN A 25 -2.30 8.19 1.56
CA ASN A 25 -1.82 8.34 2.93
C ASN A 25 -2.65 9.40 3.66
N PHE A 26 -3.40 8.98 4.66
CA PHE A 26 -4.28 9.87 5.40
C PHE A 26 -3.66 10.26 6.74
N LYS A 27 -3.64 11.56 7.02
CA LYS A 27 -3.12 12.10 8.29
C LYS A 27 -1.62 11.83 8.41
N ASP A 28 -1.01 11.45 7.30
CA ASP A 28 0.38 11.00 7.28
C ASP A 28 0.59 9.86 8.27
N GLY A 29 -0.46 9.05 8.43
CA GLY A 29 -0.42 7.92 9.34
C GLY A 29 0.53 6.82 8.88
N PHE A 30 1.10 6.99 7.69
CA PHE A 30 2.09 6.05 7.18
C PHE A 30 3.32 6.01 8.08
N ASN A 31 3.41 4.97 8.89
CA ASN A 31 4.57 4.74 9.74
C ASN A 31 5.35 3.54 9.22
N GLU A 32 6.44 3.82 8.52
CA GLU A 32 7.20 2.79 7.81
C GLU A 32 7.65 1.66 8.73
N GLU A 33 8.29 2.03 9.85
CA GLU A 33 8.82 1.04 10.78
C GLU A 33 7.73 0.08 11.27
N ALA A 34 6.53 0.60 11.51
CA ALA A 34 5.41 -0.22 11.95
C ALA A 34 4.98 -1.18 10.84
N PHE A 35 4.88 -0.65 9.63
CA PHE A 35 4.48 -1.44 8.46
C PHE A 35 5.41 -2.62 8.27
N LYS A 36 6.70 -2.34 8.12
CA LYS A 36 7.69 -3.36 7.79
C LYS A 36 7.89 -4.35 8.95
N ALA A 37 7.48 -3.94 10.15
CA ALA A 37 7.59 -4.81 11.32
C ALA A 37 6.41 -5.78 11.41
N ARG A 38 5.29 -5.42 10.78
CA ARG A 38 4.08 -6.22 10.82
C ARG A 38 3.79 -6.88 9.46
N TYR A 39 4.61 -6.56 8.46
CA TYR A 39 4.40 -7.05 7.10
C TYR A 39 4.45 -8.58 7.04
N SER A 40 3.32 -9.19 6.69
CA SER A 40 3.25 -10.62 6.45
C SER A 40 3.41 -10.89 4.95
N ASP A 41 4.42 -11.70 4.60
CA ASP A 41 4.75 -11.99 3.20
C ASP A 41 3.53 -12.46 2.40
N ILE A 42 2.69 -13.29 3.03
CA ILE A 42 1.49 -13.82 2.37
C ILE A 42 0.59 -12.70 1.81
N LEU A 43 0.64 -11.53 2.44
CA LEU A 43 -0.21 -10.41 2.05
C LEU A 43 0.16 -9.86 0.67
N ASN A 44 1.38 -10.15 0.23
CA ASN A 44 1.89 -9.60 -1.04
C ASN A 44 1.00 -10.03 -2.21
N LYS A 45 0.36 -11.20 -2.06
CA LYS A 45 -0.51 -11.77 -3.10
C LYS A 45 -1.68 -10.84 -3.42
N TYR A 46 -2.13 -10.10 -2.41
CA TYR A 46 -3.33 -9.28 -2.53
C TYR A 46 -3.11 -8.09 -3.46
N ASP A 47 -1.84 -7.69 -3.62
CA ASP A 47 -1.44 -6.58 -4.50
C ASP A 47 -1.86 -5.23 -3.90
N TYR A 48 -2.50 -5.28 -2.73
CA TYR A 48 -2.96 -4.07 -2.04
C TYR A 48 -2.86 -4.25 -0.53
N ILE A 49 -2.00 -3.46 0.11
CA ILE A 49 -1.79 -3.54 1.56
C ILE A 49 -2.19 -2.22 2.21
N VAL A 50 -3.20 -2.29 3.08
CA VAL A 50 -3.68 -1.09 3.78
C VAL A 50 -3.48 -1.23 5.28
N GLY A 51 -2.74 -0.28 5.86
CA GLY A 51 -2.51 -0.29 7.30
C GLY A 51 -3.33 0.77 7.99
N ASP A 52 -4.19 0.35 8.93
CA ASP A 52 -5.06 1.29 9.66
C ASP A 52 -4.64 1.42 11.11
N TRP A 53 -4.96 2.57 11.70
CA TRP A 53 -4.73 2.83 13.13
C TRP A 53 -6.07 2.91 13.85
N GLY A 54 -7.02 2.07 13.43
CA GLY A 54 -8.38 2.12 13.94
C GLY A 54 -8.46 2.11 15.46
N TYR A 55 -7.87 1.09 16.08
CA TYR A 55 -7.89 0.97 17.54
C TYR A 55 -6.61 1.59 18.12
N GLY A 56 -5.78 2.14 17.24
CA GLY A 56 -4.44 2.56 17.63
C GLY A 56 -3.44 1.47 17.31
N GLN A 57 -3.94 0.23 17.27
CA GLN A 57 -3.15 -0.92 16.84
C GLN A 57 -2.89 -0.82 15.35
N LEU A 58 -1.62 -0.83 14.96
CA LEU A 58 -1.26 -0.81 13.55
C LEU A 58 -1.58 -2.16 12.93
N ARG A 59 -2.61 -2.19 12.08
CA ARG A 59 -3.08 -3.42 11.45
C ARG A 59 -2.86 -3.38 9.94
N LEU A 60 -2.26 -4.44 9.38
CA LEU A 60 -2.16 -4.59 7.94
C LEU A 60 -3.32 -5.44 7.43
N LYS A 61 -4.19 -4.80 6.64
CA LYS A 61 -5.34 -5.47 6.07
C LYS A 61 -5.14 -5.63 4.56
N GLY A 62 -5.18 -6.87 4.08
CA GLY A 62 -4.99 -7.13 2.67
C GLY A 62 -6.31 -7.16 1.91
N PHE A 63 -6.34 -6.48 0.77
CA PHE A 63 -7.55 -6.43 -0.07
C PHE A 63 -7.23 -6.86 -1.49
N PHE A 64 -8.27 -7.17 -2.26
CA PHE A 64 -8.13 -7.57 -3.64
C PHE A 64 -8.53 -6.41 -4.56
N ASP A 65 -8.28 -6.57 -5.86
CA ASP A 65 -8.65 -5.55 -6.84
C ASP A 65 -10.16 -5.28 -6.79
N ASP A 66 -10.51 -4.01 -6.74
CA ASP A 66 -11.91 -3.57 -6.68
C ASP A 66 -12.22 -2.67 -7.87
N GLN A 67 -11.97 -1.37 -7.72
CA GLN A 67 -12.11 -0.43 -8.83
C GLN A 67 -10.86 -0.51 -9.71
N ASN A 68 -10.89 -1.44 -10.66
CA ASN A 68 -9.77 -1.66 -11.57
C ASN A 68 -9.64 -0.51 -12.56
N GLN A 69 -8.57 -0.56 -13.35
CA GLN A 69 -8.23 0.52 -14.29
C GLN A 69 -9.30 0.63 -15.38
N LYS A 70 -10.25 1.54 -15.18
CA LYS A 70 -11.32 1.77 -16.16
C LYS A 70 -11.60 3.28 -16.28
N ALA A 71 -10.57 4.08 -16.00
CA ALA A 71 -10.68 5.54 -16.02
C ALA A 71 -11.63 6.03 -14.93
N THR A 72 -11.04 6.49 -13.83
CA THR A 72 -11.77 6.93 -12.65
C THR A 72 -10.77 7.43 -11.61
N PHE A 73 -11.21 7.66 -10.37
CA PHE A 73 -10.30 7.96 -9.28
C PHE A 73 -9.25 6.85 -9.21
N GLU A 74 -9.73 5.62 -9.40
CA GLU A 74 -8.89 4.44 -9.55
C GLU A 74 -8.19 4.10 -8.23
N THR A 75 -7.80 2.83 -8.08
CA THR A 75 -7.22 2.31 -6.83
C THR A 75 -8.12 2.61 -5.62
N LYS A 76 -9.37 2.99 -5.90
CA LYS A 76 -10.33 3.34 -4.85
C LYS A 76 -11.15 2.11 -4.48
N ILE A 77 -10.55 1.24 -3.68
CA ILE A 77 -11.20 0.00 -3.27
C ILE A 77 -12.49 0.29 -2.48
N SER A 78 -13.63 0.03 -3.12
CA SER A 78 -14.94 0.32 -2.53
C SER A 78 -15.10 -0.40 -1.17
N THR A 79 -14.83 -1.70 -1.15
CA THR A 79 -14.96 -2.48 0.08
C THR A 79 -14.03 -1.94 1.18
N LEU A 80 -12.93 -1.31 0.76
CA LEU A 80 -11.99 -0.70 1.69
C LEU A 80 -12.60 0.57 2.28
N ASP A 81 -13.27 1.33 1.43
CA ASP A 81 -13.91 2.57 1.86
C ASP A 81 -14.95 2.27 2.93
N GLU A 82 -15.66 1.16 2.75
CA GLU A 82 -16.64 0.69 3.74
C GLU A 82 -15.93 0.18 5.00
N TYR A 83 -14.72 -0.33 4.81
CA TYR A 83 -13.88 -0.83 5.90
C TYR A 83 -13.37 0.33 6.77
N ILE A 84 -12.98 1.42 6.11
CA ILE A 84 -12.51 2.60 6.82
C ILE A 84 -13.62 3.21 7.66
N TYR A 85 -14.83 3.18 7.13
CA TYR A 85 -16.00 3.74 7.80
C TYR A 85 -16.28 3.01 9.14
N GLU A 86 -15.70 1.82 9.30
CA GLU A 86 -15.87 1.04 10.52
C GLU A 86 -15.10 1.65 11.68
N TYR A 87 -14.01 2.33 11.36
CA TYR A 87 -13.12 2.89 12.39
C TYR A 87 -13.18 4.41 12.40
N CYS A 88 -13.05 4.98 11.22
CA CYS A 88 -12.84 6.41 11.06
C CYS A 88 -14.15 7.15 10.81
N ASN A 89 -14.52 7.99 11.76
CA ASN A 89 -15.67 8.89 11.61
C ASN A 89 -15.18 10.21 11.03
N PHE A 90 -14.06 10.69 11.58
CA PHE A 90 -13.41 11.91 11.09
C PHE A 90 -11.91 11.83 11.39
N GLY A 91 -11.57 11.84 12.69
CA GLY A 91 -10.19 11.66 13.10
C GLY A 91 -9.70 10.28 12.75
N CYS A 92 -8.84 10.19 11.75
CA CYS A 92 -8.42 8.90 11.20
C CYS A 92 -6.95 8.93 10.79
N ALA A 93 -6.41 7.76 10.51
CA ALA A 93 -5.04 7.61 10.03
C ALA A 93 -4.84 6.21 9.45
N TYR A 94 -4.51 6.15 8.16
CA TYR A 94 -4.27 4.88 7.49
C TYR A 94 -3.49 5.13 6.19
N PHE A 95 -2.86 4.09 5.68
CA PHE A 95 -2.04 4.20 4.46
C PHE A 95 -2.31 3.02 3.53
N VAL A 96 -2.36 3.31 2.22
CA VAL A 96 -2.62 2.29 1.21
C VAL A 96 -1.43 2.16 0.26
N LEU A 97 -0.84 0.97 0.26
CA LEU A 97 0.27 0.66 -0.64
C LEU A 97 -0.20 -0.32 -1.71
N LYS A 98 0.20 -0.07 -2.95
CA LYS A 98 -0.09 -0.99 -4.06
C LYS A 98 1.18 -1.72 -4.46
N ARG A 99 1.06 -2.99 -4.82
CA ARG A 99 2.21 -3.79 -5.22
C ARG A 99 2.67 -3.42 -6.63
N ILE A 100 3.88 -2.91 -6.73
CA ILE A 100 4.53 -2.74 -8.02
C ILE A 100 5.01 -4.12 -8.48
N ARG A 101 4.38 -4.63 -9.53
CA ARG A 101 4.73 -5.96 -10.04
C ARG A 101 6.11 -5.91 -10.68
N LYS A 102 7.10 -5.95 -9.80
CA LYS A 102 8.49 -5.74 -10.14
C LYS A 102 9.31 -5.76 -8.84
N LEU A 103 10.46 -6.44 -8.87
CA LEU A 103 11.39 -6.49 -7.75
C LEU A 103 12.58 -7.35 -8.16
N GLU A 104 13.72 -6.71 -8.40
CA GLU A 104 14.90 -7.43 -8.86
C GLU A 104 15.58 -8.14 -7.70
N HIS A 105 15.45 -9.46 -7.70
CA HIS A 105 15.97 -10.31 -6.65
C HIS A 105 16.73 -11.47 -7.28
N HIS A 106 18.04 -11.53 -7.03
CA HIS A 106 18.88 -12.59 -7.58
C HIS A 106 18.48 -13.96 -7.02
N HIS A 107 17.39 -14.50 -7.57
CA HIS A 107 16.90 -15.82 -7.19
C HIS A 107 17.51 -16.88 -8.09
N HIS A 108 17.98 -17.97 -7.49
CA HIS A 108 18.59 -19.07 -8.24
C HIS A 108 17.67 -19.51 -9.39
N HIS A 109 18.15 -19.35 -10.61
CA HIS A 109 17.37 -19.66 -11.80
C HIS A 109 18.25 -20.35 -12.83
N HIS A 110 17.63 -21.08 -13.75
CA HIS A 110 18.37 -21.73 -14.83
C HIS A 110 18.91 -20.68 -15.80
N MET A 1 18.35 10.85 1.84
CA MET A 1 18.59 9.81 0.82
C MET A 1 17.62 9.98 -0.34
N ILE A 2 18.15 10.10 -1.56
CA ILE A 2 17.32 10.30 -2.74
C ILE A 2 17.53 9.15 -3.74
N GLY A 3 16.43 8.70 -4.35
CA GLY A 3 16.51 7.65 -5.34
C GLY A 3 17.11 8.15 -6.64
N MET A 4 18.44 8.16 -6.72
CA MET A 4 19.15 8.67 -7.88
C MET A 4 18.88 7.78 -9.09
N SER A 5 18.88 6.48 -8.85
CA SER A 5 18.50 5.49 -9.86
C SER A 5 17.42 4.59 -9.29
N GLU A 6 17.09 4.81 -8.02
CA GLU A 6 16.12 4.00 -7.30
C GLU A 6 14.73 4.62 -7.42
N LYS A 7 14.61 5.64 -8.27
CA LYS A 7 13.38 6.38 -8.42
C LYS A 7 12.31 5.54 -9.12
N ARG A 8 11.63 4.71 -8.34
CA ARG A 8 10.51 3.93 -8.84
C ARG A 8 9.23 4.75 -8.78
N GLY A 9 9.09 5.51 -7.71
CA GLY A 9 7.94 6.39 -7.53
C GLY A 9 8.31 7.54 -6.64
N GLU A 10 7.32 8.32 -6.20
CA GLU A 10 7.60 9.44 -5.30
C GLU A 10 8.10 8.91 -3.97
N ILE A 11 7.35 7.95 -3.40
CA ILE A 11 7.77 7.24 -2.20
C ILE A 11 7.71 5.74 -2.46
N MET A 12 8.80 5.20 -2.98
CA MET A 12 8.91 3.78 -3.29
C MET A 12 9.25 2.98 -2.03
N ILE A 13 8.51 1.91 -1.81
CA ILE A 13 8.72 1.03 -0.67
C ILE A 13 9.03 -0.38 -1.14
N LEU A 14 10.30 -0.73 -1.17
CA LEU A 14 10.73 -2.07 -1.59
C LEU A 14 11.08 -2.89 -0.35
N ILE A 15 10.41 -4.02 -0.19
CA ILE A 15 10.61 -4.88 0.98
C ILE A 15 10.33 -6.34 0.64
N GLN A 16 11.20 -7.23 1.13
CA GLN A 16 11.04 -8.68 0.96
C GLN A 16 10.88 -9.07 -0.51
N ASN A 17 11.73 -8.49 -1.36
CA ASN A 17 11.71 -8.78 -2.80
C ASN A 17 10.35 -8.44 -3.39
N ALA A 18 9.75 -7.35 -2.93
CA ALA A 18 8.48 -6.88 -3.47
C ALA A 18 8.52 -5.36 -3.63
N GLU A 19 7.91 -4.89 -4.71
CA GLU A 19 7.90 -3.47 -5.05
C GLU A 19 6.57 -2.84 -4.67
N PHE A 20 6.60 -1.93 -3.71
CA PHE A 20 5.42 -1.16 -3.32
C PHE A 20 5.68 0.32 -3.52
N GLU A 21 4.61 1.11 -3.51
CA GLU A 21 4.71 2.56 -3.49
C GLU A 21 3.54 3.13 -2.69
N LEU A 22 3.76 4.27 -2.04
CA LEU A 22 2.71 4.93 -1.27
C LEU A 22 1.72 5.59 -2.23
N VAL A 23 0.57 4.96 -2.41
CA VAL A 23 -0.45 5.45 -3.34
C VAL A 23 -1.45 6.35 -2.64
N HIS A 24 -1.58 6.19 -1.32
CA HIS A 24 -2.54 6.97 -0.55
C HIS A 24 -2.12 7.03 0.91
N ASN A 25 -2.20 8.22 1.50
CA ASN A 25 -1.85 8.43 2.91
C ASN A 25 -2.78 9.45 3.53
N PHE A 26 -3.23 9.20 4.75
CA PHE A 26 -4.16 10.08 5.44
C PHE A 26 -3.75 10.25 6.90
N LYS A 27 -3.78 11.50 7.38
CA LYS A 27 -3.43 11.82 8.77
C LYS A 27 -1.98 11.46 9.07
N ASP A 28 -1.18 11.32 8.02
CA ASP A 28 0.21 10.87 8.12
C ASP A 28 0.30 9.52 8.81
N GLY A 29 -0.73 8.69 8.61
CA GLY A 29 -0.77 7.37 9.22
C GLY A 29 0.32 6.45 8.70
N PHE A 30 0.92 6.82 7.56
CA PHE A 30 2.00 6.06 6.97
C PHE A 30 3.29 6.22 7.78
N ASN A 31 3.92 5.09 8.09
CA ASN A 31 5.22 5.07 8.74
C ASN A 31 5.94 3.77 8.40
N GLU A 32 7.15 3.88 7.86
CA GLU A 32 7.89 2.72 7.38
C GLU A 32 8.17 1.72 8.51
N GLU A 33 8.71 2.20 9.63
CA GLU A 33 9.14 1.33 10.72
C GLU A 33 7.97 0.49 11.25
N ALA A 34 6.78 1.06 11.22
CA ALA A 34 5.58 0.36 11.65
C ALA A 34 5.10 -0.60 10.55
N PHE A 35 5.15 -0.14 9.31
CA PHE A 35 4.74 -0.93 8.15
C PHE A 35 5.55 -2.23 8.06
N LYS A 36 6.87 -2.09 7.99
CA LYS A 36 7.77 -3.22 7.78
C LYS A 36 7.71 -4.21 8.95
N ALA A 37 7.23 -3.74 10.09
CA ALA A 37 7.09 -4.59 11.27
C ALA A 37 5.79 -5.38 11.22
N ARG A 38 4.70 -4.73 10.81
CA ARG A 38 3.37 -5.35 10.79
C ARG A 38 3.07 -5.97 9.44
N TYR A 39 4.00 -5.85 8.50
CA TYR A 39 3.88 -6.51 7.20
C TYR A 39 3.95 -8.03 7.37
N SER A 40 3.15 -8.75 6.60
CA SER A 40 3.08 -10.20 6.70
C SER A 40 2.99 -10.83 5.32
N ASP A 41 3.37 -12.10 5.24
CA ASP A 41 3.47 -12.83 3.97
C ASP A 41 2.11 -12.92 3.26
N ILE A 42 1.07 -13.30 4.01
CA ILE A 42 -0.27 -13.48 3.45
C ILE A 42 -0.77 -12.20 2.77
N LEU A 43 -0.33 -11.07 3.29
CA LEU A 43 -0.79 -9.77 2.81
C LEU A 43 -0.30 -9.50 1.38
N ASN A 44 0.86 -10.06 1.06
CA ASN A 44 1.51 -9.82 -0.22
C ASN A 44 0.60 -10.15 -1.41
N LYS A 45 -0.08 -11.30 -1.35
CA LYS A 45 -0.86 -11.80 -2.48
C LYS A 45 -2.11 -10.96 -2.74
N TYR A 46 -2.47 -10.09 -1.81
CA TYR A 46 -3.64 -9.23 -1.99
C TYR A 46 -3.35 -8.15 -3.01
N ASP A 47 -2.06 -7.81 -3.17
CA ASP A 47 -1.60 -6.77 -4.10
C ASP A 47 -1.89 -5.37 -3.55
N TYR A 48 -2.49 -5.31 -2.36
CA TYR A 48 -2.81 -4.04 -1.69
C TYR A 48 -2.60 -4.19 -0.19
N ILE A 49 -1.82 -3.28 0.38
CA ILE A 49 -1.59 -3.26 1.82
C ILE A 49 -2.07 -1.94 2.40
N VAL A 50 -3.10 -1.99 3.23
CA VAL A 50 -3.64 -0.80 3.87
C VAL A 50 -3.67 -0.97 5.39
N GLY A 51 -2.97 -0.10 6.08
CA GLY A 51 -2.89 -0.18 7.53
C GLY A 51 -3.86 0.76 8.22
N ASP A 52 -4.69 0.23 9.10
CA ASP A 52 -5.65 1.05 9.86
C ASP A 52 -5.18 1.23 11.29
N TRP A 53 -5.23 2.47 11.77
CA TRP A 53 -4.95 2.78 13.17
C TRP A 53 -6.27 2.87 13.94
N GLY A 54 -7.38 2.68 13.23
CA GLY A 54 -8.71 2.84 13.82
C GLY A 54 -8.96 1.86 14.94
N TYR A 55 -8.45 0.64 14.80
CA TYR A 55 -8.62 -0.39 15.82
C TYR A 55 -7.82 -0.04 17.08
N GLY A 56 -6.90 0.91 16.94
CA GLY A 56 -6.07 1.32 18.06
C GLY A 56 -4.62 0.92 17.85
N GLN A 57 -4.42 -0.36 17.53
CA GLN A 57 -3.10 -0.88 17.18
C GLN A 57 -3.01 -1.07 15.67
N LEU A 58 -1.94 -0.57 15.06
CA LEU A 58 -1.79 -0.59 13.61
C LEU A 58 -1.90 -2.00 13.05
N ARG A 59 -2.92 -2.22 12.23
CA ARG A 59 -3.11 -3.47 11.51
C ARG A 59 -2.92 -3.24 10.01
N LEU A 60 -2.10 -4.05 9.38
CA LEU A 60 -1.94 -4.00 7.93
C LEU A 60 -2.87 -5.03 7.28
N LYS A 61 -3.93 -4.54 6.67
CA LYS A 61 -4.93 -5.39 6.03
C LYS A 61 -4.66 -5.46 4.53
N GLY A 62 -5.25 -6.45 3.86
CA GLY A 62 -5.04 -6.61 2.44
C GLY A 62 -6.35 -6.73 1.68
N PHE A 63 -6.39 -6.16 0.47
CA PHE A 63 -7.56 -6.22 -0.40
C PHE A 63 -7.14 -6.51 -1.82
N PHE A 64 -8.11 -6.82 -2.67
CA PHE A 64 -7.83 -7.10 -4.09
C PHE A 64 -8.25 -5.91 -4.93
N ASP A 65 -7.79 -5.86 -6.18
CA ASP A 65 -8.21 -4.80 -7.10
C ASP A 65 -9.73 -4.83 -7.31
N ASP A 66 -10.39 -3.82 -6.75
CA ASP A 66 -11.84 -3.71 -6.80
C ASP A 66 -12.24 -2.66 -7.86
N GLN A 67 -13.53 -2.61 -8.20
CA GLN A 67 -14.05 -1.70 -9.22
C GLN A 67 -13.45 -2.02 -10.59
N ASN A 68 -13.13 -3.29 -10.81
CA ASN A 68 -12.60 -3.74 -12.09
C ASN A 68 -13.60 -3.47 -13.22
N GLN A 69 -13.46 -2.32 -13.84
CA GLN A 69 -14.37 -1.84 -14.86
C GLN A 69 -13.61 -0.94 -15.84
N LYS A 70 -14.22 -0.60 -16.98
CA LYS A 70 -13.58 0.27 -17.97
C LYS A 70 -13.30 1.66 -17.38
N ALA A 71 -13.98 1.98 -16.28
CA ALA A 71 -13.72 3.22 -15.54
C ALA A 71 -12.23 3.37 -15.28
N THR A 72 -11.62 4.35 -15.92
CA THR A 72 -10.18 4.54 -15.84
C THR A 72 -9.79 5.30 -14.57
N PHE A 73 -9.21 4.57 -13.63
CA PHE A 73 -8.73 5.14 -12.37
C PHE A 73 -7.36 4.55 -12.04
N GLU A 74 -6.52 5.34 -11.39
CA GLU A 74 -5.17 4.89 -11.02
C GLU A 74 -5.22 4.05 -9.75
N THR A 75 -6.07 4.44 -8.81
CA THR A 75 -6.21 3.75 -7.53
C THR A 75 -7.59 4.02 -6.91
N LYS A 76 -8.49 3.04 -7.01
CA LYS A 76 -9.83 3.13 -6.38
C LYS A 76 -10.28 1.76 -5.92
N ILE A 77 -10.78 1.70 -4.68
CA ILE A 77 -11.29 0.46 -4.09
C ILE A 77 -12.50 0.79 -3.21
N SER A 78 -13.68 0.30 -3.60
CA SER A 78 -14.92 0.62 -2.87
C SER A 78 -14.95 -0.12 -1.53
N THR A 79 -14.62 -1.40 -1.55
CA THR A 79 -14.64 -2.23 -0.34
C THR A 79 -13.66 -1.67 0.72
N LEU A 80 -12.71 -0.86 0.27
CA LEU A 80 -11.77 -0.20 1.17
C LEU A 80 -12.53 0.76 2.08
N ASP A 81 -13.40 1.56 1.47
CA ASP A 81 -14.21 2.54 2.21
C ASP A 81 -15.11 1.83 3.21
N GLU A 82 -15.68 0.70 2.77
CA GLU A 82 -16.53 -0.12 3.62
C GLU A 82 -15.76 -0.60 4.86
N TYR A 83 -14.49 -0.93 4.66
CA TYR A 83 -13.63 -1.41 5.73
C TYR A 83 -13.27 -0.26 6.69
N ILE A 84 -12.84 0.85 6.11
CA ILE A 84 -12.44 2.02 6.90
C ILE A 84 -13.60 2.48 7.78
N TYR A 85 -14.80 2.48 7.21
CA TYR A 85 -16.01 2.91 7.92
C TYR A 85 -16.22 2.13 9.22
N GLU A 86 -15.70 0.91 9.26
CA GLU A 86 -15.86 0.04 10.44
C GLU A 86 -14.86 0.38 11.53
N TYR A 87 -13.57 0.35 11.19
CA TYR A 87 -12.51 0.51 12.18
C TYR A 87 -12.15 1.99 12.37
N CYS A 88 -12.07 2.71 11.28
CA CYS A 88 -11.63 4.10 11.30
C CYS A 88 -12.79 5.03 10.92
N ASN A 89 -13.59 5.39 11.91
CA ASN A 89 -14.75 6.26 11.69
C ASN A 89 -14.31 7.68 11.34
N PHE A 90 -15.14 8.37 10.55
CA PHE A 90 -14.86 9.72 10.09
C PHE A 90 -13.67 9.73 9.12
N GLY A 91 -12.47 9.55 9.67
CA GLY A 91 -11.26 9.57 8.87
C GLY A 91 -10.03 9.78 9.73
N CYS A 92 -9.63 8.71 10.41
CA CYS A 92 -8.45 8.76 11.27
C CYS A 92 -7.20 8.39 10.46
N ALA A 93 -6.14 7.94 11.14
CA ALA A 93 -4.89 7.60 10.48
C ALA A 93 -4.97 6.25 9.76
N TYR A 94 -4.61 6.25 8.48
CA TYR A 94 -4.51 5.03 7.70
C TYR A 94 -3.73 5.31 6.41
N PHE A 95 -3.12 4.27 5.85
CA PHE A 95 -2.29 4.42 4.65
C PHE A 95 -2.47 3.22 3.72
N VAL A 96 -2.27 3.45 2.42
CA VAL A 96 -2.43 2.40 1.42
C VAL A 96 -1.21 2.32 0.50
N LEU A 97 -0.59 1.15 0.46
CA LEU A 97 0.47 0.84 -0.48
C LEU A 97 -0.03 -0.22 -1.47
N LYS A 98 0.45 -0.17 -2.70
CA LYS A 98 0.09 -1.16 -3.71
C LYS A 98 1.30 -2.00 -4.09
N ARG A 99 1.12 -3.31 -4.14
CA ARG A 99 2.16 -4.21 -4.60
C ARG A 99 2.25 -4.10 -6.11
N ILE A 100 3.13 -3.22 -6.57
CA ILE A 100 3.19 -2.84 -7.98
C ILE A 100 3.50 -4.04 -8.87
N ARG A 101 4.75 -4.52 -8.80
CA ARG A 101 5.19 -5.63 -9.63
C ARG A 101 6.53 -6.16 -9.11
N LYS A 102 7.15 -7.05 -9.89
CA LYS A 102 8.41 -7.67 -9.47
C LYS A 102 9.62 -6.82 -9.81
N LEU A 103 9.82 -5.76 -9.01
CA LEU A 103 11.08 -4.99 -8.95
C LEU A 103 11.57 -4.55 -10.32
N GLU A 104 11.38 -3.26 -10.63
CA GLU A 104 11.81 -2.69 -11.90
C GLU A 104 13.22 -2.12 -11.82
N HIS A 105 14.09 -2.58 -12.70
CA HIS A 105 15.45 -2.07 -12.80
C HIS A 105 15.46 -0.75 -13.57
N HIS A 106 14.79 0.25 -13.01
CA HIS A 106 14.63 1.53 -13.68
C HIS A 106 15.89 2.38 -13.55
N HIS A 107 16.93 2.00 -14.27
CA HIS A 107 18.19 2.76 -14.27
C HIS A 107 18.14 3.87 -15.31
N HIS A 108 17.15 3.81 -16.20
CA HIS A 108 16.93 4.86 -17.19
C HIS A 108 16.33 6.08 -16.53
N HIS A 109 17.20 6.94 -16.00
CA HIS A 109 16.77 8.16 -15.31
C HIS A 109 16.62 9.30 -16.31
N HIS A 110 17.30 9.18 -17.45
CA HIS A 110 17.38 10.21 -18.50
C HIS A 110 18.17 11.43 -18.02
N MET A 1 22.92 -7.24 -12.99
CA MET A 1 22.24 -6.29 -13.90
C MET A 1 21.43 -5.28 -13.11
N ILE A 2 22.05 -4.14 -12.79
CA ILE A 2 21.36 -3.07 -12.09
C ILE A 2 20.88 -2.02 -13.09
N GLY A 3 19.69 -2.26 -13.64
CA GLY A 3 19.12 -1.34 -14.60
C GLY A 3 18.34 -0.24 -13.91
N MET A 4 18.89 0.97 -13.93
CA MET A 4 18.29 2.12 -13.25
C MET A 4 16.94 2.49 -13.90
N SER A 5 15.87 1.89 -13.41
CA SER A 5 14.53 2.18 -13.89
C SER A 5 13.99 3.48 -13.28
N GLU A 6 14.69 4.56 -13.57
CA GLU A 6 14.32 5.88 -13.04
C GLU A 6 13.36 6.57 -14.01
N LYS A 7 12.09 6.19 -13.92
CA LYS A 7 11.05 6.81 -14.73
C LYS A 7 10.32 7.88 -13.93
N ARG A 8 9.61 7.44 -12.90
CA ARG A 8 8.84 8.33 -12.05
C ARG A 8 8.47 7.60 -10.76
N GLY A 9 8.44 8.33 -9.66
CA GLY A 9 8.10 7.74 -8.38
C GLY A 9 7.85 8.81 -7.32
N GLU A 10 6.96 8.50 -6.38
CA GLU A 10 6.65 9.41 -5.28
C GLU A 10 7.17 8.81 -3.97
N ILE A 11 6.62 7.67 -3.59
CA ILE A 11 7.03 6.96 -2.39
C ILE A 11 6.96 5.45 -2.64
N MET A 12 8.08 4.88 -3.05
CA MET A 12 8.16 3.46 -3.39
C MET A 12 8.75 2.66 -2.22
N ILE A 13 7.98 1.69 -1.74
CA ILE A 13 8.38 0.87 -0.58
C ILE A 13 8.77 -0.53 -1.05
N LEU A 14 10.07 -0.79 -1.16
CA LEU A 14 10.57 -2.12 -1.54
C LEU A 14 10.84 -2.95 -0.27
N ILE A 15 10.03 -3.98 -0.07
CA ILE A 15 10.12 -4.81 1.13
C ILE A 15 9.86 -6.29 0.79
N GLN A 16 10.72 -7.16 1.32
CA GLN A 16 10.57 -8.62 1.15
C GLN A 16 10.43 -8.99 -0.33
N ASN A 17 11.21 -8.32 -1.18
CA ASN A 17 11.15 -8.51 -2.64
C ASN A 17 9.75 -8.21 -3.16
N ALA A 18 9.17 -7.12 -2.66
CA ALA A 18 7.89 -6.63 -3.15
C ALA A 18 7.93 -5.10 -3.22
N GLU A 19 7.75 -4.57 -4.43
CA GLU A 19 7.80 -3.13 -4.65
C GLU A 19 6.40 -2.53 -4.57
N PHE A 20 6.19 -1.66 -3.58
CA PHE A 20 4.90 -0.99 -3.40
C PHE A 20 5.07 0.52 -3.62
N GLU A 21 3.95 1.23 -3.74
CA GLU A 21 3.95 2.67 -3.76
C GLU A 21 2.85 3.20 -2.85
N LEU A 22 3.10 4.32 -2.18
CA LEU A 22 2.12 4.94 -1.31
C LEU A 22 1.16 5.79 -2.16
N VAL A 23 -0.02 5.26 -2.44
CA VAL A 23 -1.01 5.94 -3.27
C VAL A 23 -1.88 6.87 -2.44
N HIS A 24 -2.09 6.51 -1.18
CA HIS A 24 -2.93 7.31 -0.28
C HIS A 24 -2.41 7.25 1.15
N ASN A 25 -2.32 8.41 1.78
CA ASN A 25 -1.84 8.50 3.17
C ASN A 25 -2.69 9.52 3.93
N PHE A 26 -3.53 9.03 4.82
CA PHE A 26 -4.45 9.87 5.57
C PHE A 26 -3.84 10.28 6.91
N LYS A 27 -3.82 11.60 7.14
CA LYS A 27 -3.35 12.16 8.42
C LYS A 27 -1.89 11.80 8.69
N ASP A 28 -1.14 11.50 7.62
CA ASP A 28 0.27 11.11 7.72
C ASP A 28 0.44 9.89 8.63
N GLY A 29 -0.50 8.96 8.52
CA GLY A 29 -0.47 7.76 9.34
C GLY A 29 0.54 6.73 8.85
N PHE A 30 1.22 7.05 7.75
CA PHE A 30 2.21 6.15 7.17
C PHE A 30 3.46 6.07 8.05
N ASN A 31 3.53 5.04 8.88
CA ASN A 31 4.73 4.74 9.66
C ASN A 31 5.37 3.45 9.17
N GLU A 32 6.44 3.59 8.38
CA GLU A 32 7.11 2.45 7.77
C GLU A 32 7.52 1.43 8.83
N GLU A 33 8.04 1.93 9.95
CA GLU A 33 8.53 1.09 11.04
C GLU A 33 7.46 0.08 11.47
N ALA A 34 6.20 0.54 11.54
CA ALA A 34 5.10 -0.30 11.95
C ALA A 34 4.72 -1.26 10.82
N PHE A 35 4.72 -0.73 9.61
CA PHE A 35 4.40 -1.50 8.41
C PHE A 35 5.31 -2.71 8.26
N LYS A 36 6.62 -2.45 8.18
CA LYS A 36 7.61 -3.49 7.90
C LYS A 36 7.72 -4.48 9.06
N ALA A 37 7.26 -4.06 10.23
CA ALA A 37 7.29 -4.91 11.42
C ALA A 37 6.11 -5.88 11.41
N ARG A 38 4.93 -5.37 11.06
CA ARG A 38 3.70 -6.16 11.07
C ARG A 38 3.48 -6.87 9.74
N TYR A 39 4.33 -6.56 8.75
CA TYR A 39 4.22 -7.17 7.43
C TYR A 39 4.29 -8.69 7.52
N SER A 40 3.46 -9.36 6.74
CA SER A 40 3.35 -10.82 6.79
C SER A 40 3.39 -11.40 5.38
N ASP A 41 3.87 -12.64 5.27
CA ASP A 41 4.02 -13.32 3.98
C ASP A 41 2.68 -13.40 3.23
N ILE A 42 1.61 -13.68 3.97
CA ILE A 42 0.27 -13.83 3.39
C ILE A 42 -0.17 -12.55 2.66
N LEU A 43 0.35 -11.41 3.11
CA LEU A 43 -0.07 -10.11 2.59
C LEU A 43 0.49 -9.86 1.18
N ASN A 44 1.59 -10.51 0.87
CA ASN A 44 2.32 -10.25 -0.39
C ASN A 44 1.46 -10.51 -1.63
N LYS A 45 0.47 -11.41 -1.50
CA LYS A 45 -0.32 -11.86 -2.65
C LYS A 45 -1.41 -10.87 -3.06
N TYR A 46 -1.80 -9.98 -2.15
CA TYR A 46 -2.98 -9.12 -2.36
C TYR A 46 -2.75 -8.03 -3.41
N ASP A 47 -1.49 -7.63 -3.59
CA ASP A 47 -1.12 -6.52 -4.49
C ASP A 47 -1.58 -5.17 -3.93
N TYR A 48 -2.22 -5.20 -2.75
CA TYR A 48 -2.70 -4.00 -2.08
C TYR A 48 -2.61 -4.19 -0.57
N ILE A 49 -1.75 -3.39 0.06
CA ILE A 49 -1.56 -3.45 1.51
C ILE A 49 -1.95 -2.14 2.15
N VAL A 50 -2.98 -2.16 2.97
CA VAL A 50 -3.45 -0.97 3.67
C VAL A 50 -3.22 -1.11 5.16
N GLY A 51 -2.52 -0.14 5.73
CA GLY A 51 -2.31 -0.14 7.17
C GLY A 51 -3.24 0.85 7.83
N ASP A 52 -4.07 0.35 8.74
CA ASP A 52 -5.02 1.19 9.46
C ASP A 52 -4.64 1.30 10.93
N TRP A 53 -5.01 2.40 11.55
CA TRP A 53 -4.79 2.59 12.98
C TRP A 53 -6.10 2.42 13.74
N GLY A 54 -6.90 1.45 13.30
CA GLY A 54 -8.18 1.17 13.91
C GLY A 54 -8.05 0.86 15.39
N TYR A 55 -8.83 1.55 16.21
CA TYR A 55 -8.84 1.36 17.66
C TYR A 55 -7.52 1.85 18.28
N GLY A 56 -6.62 2.37 17.45
CA GLY A 56 -5.34 2.88 17.93
C GLY A 56 -4.18 1.96 17.63
N GLN A 57 -4.49 0.76 17.11
CA GLN A 57 -3.46 -0.23 16.80
C GLN A 57 -3.22 -0.29 15.30
N LEU A 58 -1.95 -0.31 14.90
CA LEU A 58 -1.60 -0.35 13.48
C LEU A 58 -1.73 -1.79 12.96
N ARG A 59 -2.59 -1.99 11.98
CA ARG A 59 -2.81 -3.29 11.36
C ARG A 59 -2.63 -3.21 9.84
N LEU A 60 -2.04 -4.25 9.25
CA LEU A 60 -1.96 -4.38 7.81
C LEU A 60 -3.04 -5.31 7.31
N LYS A 61 -4.00 -4.77 6.58
CA LYS A 61 -5.11 -5.55 6.04
C LYS A 61 -4.91 -5.71 4.54
N GLY A 62 -5.00 -6.94 4.07
CA GLY A 62 -4.84 -7.20 2.65
C GLY A 62 -6.14 -7.04 1.89
N PHE A 63 -6.11 -6.24 0.82
CA PHE A 63 -7.29 -5.99 0.01
C PHE A 63 -7.05 -6.47 -1.42
N PHE A 64 -8.14 -6.65 -2.16
CA PHE A 64 -8.05 -7.05 -3.55
C PHE A 64 -8.36 -5.85 -4.46
N ASP A 65 -8.13 -6.03 -5.75
CA ASP A 65 -8.35 -4.97 -6.72
C ASP A 65 -9.84 -4.78 -7.00
N ASP A 66 -10.29 -3.53 -6.97
CA ASP A 66 -11.69 -3.18 -7.26
C ASP A 66 -11.78 -2.29 -8.49
N GLN A 67 -13.02 -2.04 -8.91
CA GLN A 67 -13.34 -1.11 -10.01
C GLN A 67 -12.76 -1.54 -11.36
N ASN A 68 -11.99 -2.62 -11.40
CA ASN A 68 -11.46 -3.14 -12.66
C ASN A 68 -12.58 -3.82 -13.44
N GLN A 69 -13.42 -2.98 -14.02
CA GLN A 69 -14.62 -3.41 -14.73
C GLN A 69 -15.13 -2.24 -15.55
N LYS A 70 -15.01 -1.05 -14.96
CA LYS A 70 -15.32 0.21 -15.63
C LYS A 70 -14.22 1.21 -15.30
N ALA A 71 -13.76 1.95 -16.29
CA ALA A 71 -12.67 2.92 -16.10
C ALA A 71 -13.04 3.96 -15.04
N THR A 72 -12.76 3.63 -13.78
CA THR A 72 -13.04 4.53 -12.67
C THR A 72 -11.74 5.04 -12.06
N PHE A 73 -11.08 4.23 -11.23
CA PHE A 73 -9.82 4.60 -10.61
C PHE A 73 -9.15 3.34 -10.03
N GLU A 74 -8.12 2.85 -10.73
CA GLU A 74 -7.47 1.59 -10.39
C GLU A 74 -6.92 1.60 -8.96
N THR A 75 -6.59 2.79 -8.46
CA THR A 75 -6.00 2.94 -7.14
C THR A 75 -7.06 3.14 -6.05
N LYS A 76 -8.34 3.09 -6.45
CA LYS A 76 -9.44 3.24 -5.51
C LYS A 76 -10.11 1.89 -5.25
N ILE A 77 -9.93 1.38 -4.03
CA ILE A 77 -10.53 0.12 -3.62
C ILE A 77 -11.87 0.37 -2.93
N SER A 78 -12.89 -0.41 -3.28
CA SER A 78 -14.23 -0.22 -2.73
C SER A 78 -14.32 -0.78 -1.32
N THR A 79 -13.90 -2.04 -1.15
CA THR A 79 -13.92 -2.69 0.16
C THR A 79 -13.08 -1.89 1.17
N LEU A 80 -12.13 -1.12 0.65
CA LEU A 80 -11.29 -0.26 1.49
C LEU A 80 -12.13 0.78 2.22
N ASP A 81 -12.82 1.61 1.46
CA ASP A 81 -13.60 2.71 2.03
C ASP A 81 -14.68 2.17 2.97
N GLU A 82 -15.21 1.00 2.63
CA GLU A 82 -16.20 0.33 3.48
C GLU A 82 -15.57 -0.11 4.81
N TYR A 83 -14.34 -0.61 4.72
CA TYR A 83 -13.58 -1.07 5.89
C TYR A 83 -13.23 0.11 6.79
N ILE A 84 -12.77 1.20 6.18
CA ILE A 84 -12.36 2.39 6.91
C ILE A 84 -13.51 2.95 7.74
N TYR A 85 -14.70 2.94 7.16
CA TYR A 85 -15.90 3.48 7.82
C TYR A 85 -16.18 2.73 9.13
N GLU A 86 -15.78 1.47 9.19
CA GLU A 86 -16.05 0.63 10.36
C GLU A 86 -15.29 1.10 11.59
N TYR A 87 -14.06 1.59 11.40
CA TYR A 87 -13.17 1.88 12.52
C TYR A 87 -12.78 3.35 12.59
N CYS A 88 -12.54 3.98 11.45
CA CYS A 88 -11.93 5.30 11.40
C CYS A 88 -12.88 6.35 10.82
N ASN A 89 -14.18 6.21 11.07
CA ASN A 89 -15.17 7.16 10.56
C ASN A 89 -14.99 8.54 11.21
N PHE A 90 -14.47 8.56 12.44
CA PHE A 90 -14.18 9.81 13.15
C PHE A 90 -12.87 10.44 12.66
N GLY A 91 -12.20 9.75 11.72
CA GLY A 91 -10.95 10.25 11.18
C GLY A 91 -9.77 10.02 12.12
N CYS A 92 -8.90 9.10 11.76
CA CYS A 92 -7.73 8.79 12.58
C CYS A 92 -6.46 8.80 11.74
N ALA A 93 -6.22 7.72 10.99
CA ALA A 93 -5.02 7.59 10.15
C ALA A 93 -4.99 6.21 9.49
N TYR A 94 -4.54 6.19 8.24
CA TYR A 94 -4.34 4.93 7.51
C TYR A 94 -3.59 5.22 6.20
N PHE A 95 -2.95 4.20 5.64
CA PHE A 95 -2.17 4.35 4.41
C PHE A 95 -2.38 3.17 3.47
N VAL A 96 -2.34 3.44 2.17
CA VAL A 96 -2.58 2.43 1.14
C VAL A 96 -1.36 2.27 0.23
N LEU A 97 -0.81 1.05 0.18
CA LEU A 97 0.32 0.73 -0.69
C LEU A 97 -0.12 -0.18 -1.84
N LYS A 98 0.25 0.19 -3.06
CA LYS A 98 -0.04 -0.60 -4.26
C LYS A 98 1.24 -1.25 -4.78
N ARG A 99 1.20 -2.57 -5.02
CA ARG A 99 2.37 -3.27 -5.54
C ARG A 99 2.52 -3.02 -7.03
N ILE A 100 3.71 -2.61 -7.43
CA ILE A 100 3.98 -2.27 -8.83
C ILE A 100 4.29 -3.52 -9.63
N ARG A 101 4.12 -3.43 -10.96
CA ARG A 101 4.34 -4.56 -11.86
C ARG A 101 5.83 -4.76 -12.15
N LYS A 102 6.67 -3.90 -11.58
CA LYS A 102 8.13 -4.03 -11.70
C LYS A 102 8.72 -4.47 -10.37
N LEU A 103 9.92 -5.00 -10.41
CA LEU A 103 10.64 -5.39 -9.20
C LEU A 103 12.08 -4.93 -9.33
N GLU A 104 12.37 -3.77 -8.75
CA GLU A 104 13.70 -3.19 -8.84
C GLU A 104 14.68 -4.02 -8.03
N HIS A 105 15.66 -4.58 -8.72
CA HIS A 105 16.57 -5.57 -8.14
C HIS A 105 17.38 -4.99 -6.99
N HIS A 106 17.85 -5.87 -6.11
CA HIS A 106 18.61 -5.48 -4.92
C HIS A 106 19.77 -4.54 -5.27
N HIS A 107 19.79 -3.39 -4.61
CA HIS A 107 20.85 -2.40 -4.82
C HIS A 107 22.14 -2.87 -4.14
N HIS A 108 22.76 -3.89 -4.71
CA HIS A 108 24.00 -4.44 -4.19
C HIS A 108 25.15 -3.44 -4.32
N HIS A 109 25.76 -3.10 -3.20
CA HIS A 109 26.92 -2.22 -3.17
C HIS A 109 27.78 -2.53 -1.95
N HIS A 110 29.04 -2.84 -2.20
CA HIS A 110 30.00 -3.05 -1.13
C HIS A 110 30.80 -1.75 -0.90
N MET A 1 10.84 -4.00 -18.68
CA MET A 1 11.76 -3.06 -19.36
C MET A 1 11.81 -1.72 -18.61
N ILE A 2 12.71 -1.61 -17.63
CA ILE A 2 12.90 -0.37 -16.90
C ILE A 2 14.38 0.01 -16.91
N GLY A 3 14.74 0.92 -17.81
CA GLY A 3 16.10 1.42 -17.89
C GLY A 3 16.12 2.90 -18.20
N MET A 4 15.68 3.24 -19.41
CA MET A 4 15.61 4.65 -19.83
C MET A 4 14.31 5.30 -19.39
N SER A 5 13.37 4.47 -18.94
CA SER A 5 12.08 4.95 -18.44
C SER A 5 12.12 5.07 -16.91
N GLU A 6 10.99 5.42 -16.33
CA GLU A 6 10.90 5.68 -14.89
C GLU A 6 9.46 5.47 -14.40
N LYS A 7 9.31 4.86 -13.22
CA LYS A 7 7.98 4.58 -12.66
C LYS A 7 7.44 5.82 -11.95
N ARG A 8 8.35 6.72 -11.58
CA ARG A 8 8.00 8.04 -11.06
C ARG A 8 7.27 7.93 -9.72
N GLY A 9 7.55 6.88 -8.97
CA GLY A 9 6.94 6.68 -7.67
C GLY A 9 7.51 7.64 -6.64
N GLU A 10 6.67 8.55 -6.15
CA GLU A 10 7.09 9.54 -5.16
C GLU A 10 7.60 8.85 -3.90
N ILE A 11 6.81 7.91 -3.37
CA ILE A 11 7.19 7.17 -2.18
C ILE A 11 7.07 5.67 -2.44
N MET A 12 8.21 5.04 -2.69
CA MET A 12 8.28 3.61 -2.97
C MET A 12 8.69 2.84 -1.72
N ILE A 13 8.07 1.68 -1.51
CA ILE A 13 8.34 0.84 -0.34
C ILE A 13 8.79 -0.54 -0.81
N LEU A 14 10.07 -0.85 -0.58
CA LEU A 14 10.65 -2.12 -1.03
C LEU A 14 11.00 -2.99 0.17
N ILE A 15 10.32 -4.13 0.30
CA ILE A 15 10.52 -5.05 1.42
C ILE A 15 10.25 -6.49 1.01
N GLN A 16 11.13 -7.42 1.42
CA GLN A 16 10.97 -8.85 1.11
C GLN A 16 10.87 -9.09 -0.39
N ASN A 17 11.62 -8.29 -1.15
CA ASN A 17 11.58 -8.32 -2.61
C ASN A 17 10.18 -8.03 -3.16
N ALA A 18 9.34 -7.46 -2.31
CA ALA A 18 8.02 -6.99 -2.72
C ALA A 18 8.05 -5.47 -2.83
N GLU A 19 7.61 -4.95 -3.97
CA GLU A 19 7.67 -3.52 -4.24
C GLU A 19 6.29 -2.90 -4.11
N PHE A 20 6.21 -1.79 -3.40
CA PHE A 20 4.95 -1.08 -3.18
C PHE A 20 5.13 0.41 -3.42
N GLU A 21 4.02 1.12 -3.56
CA GLU A 21 4.03 2.58 -3.59
C GLU A 21 2.91 3.10 -2.67
N LEU A 22 3.15 4.25 -2.06
CA LEU A 22 2.15 4.88 -1.20
C LEU A 22 1.08 5.55 -2.07
N VAL A 23 -0.06 4.89 -2.23
CA VAL A 23 -1.14 5.39 -3.07
C VAL A 23 -2.14 6.22 -2.25
N HIS A 24 -2.17 6.01 -0.95
CA HIS A 24 -3.05 6.77 -0.07
C HIS A 24 -2.43 6.87 1.33
N ASN A 25 -2.43 8.07 1.88
CA ASN A 25 -1.90 8.32 3.21
C ASN A 25 -2.80 9.33 3.93
N PHE A 26 -3.25 8.98 5.13
CA PHE A 26 -4.16 9.84 5.89
C PHE A 26 -3.51 10.23 7.22
N LYS A 27 -3.50 11.53 7.48
CA LYS A 27 -2.95 12.07 8.74
C LYS A 27 -1.46 11.71 8.86
N ASP A 28 -0.84 11.40 7.71
CA ASP A 28 0.56 10.98 7.65
C ASP A 28 0.82 9.78 8.56
N GLY A 29 -0.20 8.94 8.71
CA GLY A 29 -0.11 7.79 9.59
C GLY A 29 0.82 6.71 9.07
N PHE A 30 1.28 6.88 7.83
CA PHE A 30 2.17 5.91 7.23
C PHE A 30 3.56 5.96 7.89
N ASN A 31 3.74 5.11 8.89
CA ASN A 31 5.03 4.90 9.52
C ASN A 31 5.71 3.70 8.87
N GLU A 32 6.73 3.95 8.06
CA GLU A 32 7.39 2.91 7.26
C GLU A 32 7.86 1.75 8.15
N GLU A 33 8.52 2.07 9.25
CA GLU A 33 9.07 1.05 10.14
C GLU A 33 7.96 0.17 10.70
N ALA A 34 6.84 0.80 11.08
CA ALA A 34 5.68 0.07 11.60
C ALA A 34 5.16 -0.90 10.54
N PHE A 35 5.04 -0.40 9.32
CA PHE A 35 4.56 -1.20 8.19
C PHE A 35 5.44 -2.43 8.00
N LYS A 36 6.74 -2.19 7.79
CA LYS A 36 7.69 -3.25 7.47
C LYS A 36 7.91 -4.18 8.66
N ALA A 37 7.62 -3.69 9.86
CA ALA A 37 7.77 -4.48 11.08
C ALA A 37 6.54 -5.37 11.32
N ARG A 38 5.44 -5.06 10.63
CA ARG A 38 4.20 -5.84 10.77
C ARG A 38 3.89 -6.62 9.48
N TYR A 39 4.58 -6.24 8.40
CA TYR A 39 4.39 -6.89 7.10
C TYR A 39 4.85 -8.34 7.13
N SER A 40 4.35 -9.14 6.19
CA SER A 40 4.73 -10.55 6.08
C SER A 40 4.54 -11.02 4.64
N ASP A 41 5.07 -12.20 4.34
CA ASP A 41 5.11 -12.74 2.97
C ASP A 41 3.71 -12.86 2.36
N ILE A 42 2.80 -13.51 3.09
CA ILE A 42 1.45 -13.81 2.58
C ILE A 42 0.72 -12.55 2.07
N LEU A 43 1.05 -11.40 2.66
CA LEU A 43 0.37 -10.15 2.32
C LEU A 43 0.63 -9.74 0.86
N ASN A 44 1.74 -10.21 0.32
CA ASN A 44 2.13 -9.88 -1.06
C ASN A 44 1.10 -10.42 -2.06
N LYS A 45 0.38 -11.46 -1.67
CA LYS A 45 -0.60 -12.11 -2.55
C LYS A 45 -1.83 -11.21 -2.78
N TYR A 46 -2.00 -10.21 -1.93
CA TYR A 46 -3.16 -9.32 -2.04
C TYR A 46 -2.91 -8.19 -3.05
N ASP A 47 -1.65 -7.78 -3.17
CA ASP A 47 -1.25 -6.65 -4.02
C ASP A 47 -1.81 -5.32 -3.50
N TYR A 48 -2.53 -5.37 -2.38
CA TYR A 48 -3.08 -4.18 -1.72
C TYR A 48 -2.98 -4.33 -0.21
N ILE A 49 -2.24 -3.44 0.42
CA ILE A 49 -2.07 -3.47 1.87
C ILE A 49 -2.60 -2.19 2.49
N VAL A 50 -3.61 -2.33 3.34
CA VAL A 50 -4.21 -1.19 4.03
C VAL A 50 -3.94 -1.31 5.53
N GLY A 51 -3.17 -0.39 6.07
CA GLY A 51 -2.86 -0.41 7.48
C GLY A 51 -3.68 0.60 8.25
N ASP A 52 -4.47 0.12 9.19
CA ASP A 52 -5.30 0.99 10.03
C ASP A 52 -4.71 1.10 11.43
N TRP A 53 -4.59 2.32 11.93
CA TRP A 53 -4.30 2.54 13.33
C TRP A 53 -5.58 2.35 14.14
N GLY A 54 -6.69 2.81 13.55
CA GLY A 54 -8.01 2.64 14.16
C GLY A 54 -8.10 3.25 15.54
N TYR A 55 -7.72 2.48 16.55
CA TYR A 55 -7.78 2.93 17.94
C TYR A 55 -6.38 3.27 18.45
N GLY A 56 -5.37 2.65 17.85
CA GLY A 56 -3.99 2.84 18.28
C GLY A 56 -3.12 1.67 17.87
N GLN A 57 -3.73 0.50 17.75
CA GLN A 57 -3.02 -0.70 17.33
C GLN A 57 -2.95 -0.77 15.80
N LEU A 58 -1.78 -0.42 15.27
CA LEU A 58 -1.54 -0.45 13.83
C LEU A 58 -1.56 -1.89 13.32
N ARG A 59 -2.51 -2.20 12.45
CA ARG A 59 -2.64 -3.54 11.87
C ARG A 59 -2.76 -3.46 10.35
N LEU A 60 -2.18 -4.45 9.67
CA LEU A 60 -2.21 -4.51 8.21
C LEU A 60 -3.31 -5.45 7.72
N LYS A 61 -4.26 -4.90 6.97
CA LYS A 61 -5.35 -5.66 6.38
C LYS A 61 -5.11 -5.81 4.88
N GLY A 62 -5.32 -7.02 4.38
CA GLY A 62 -5.13 -7.27 2.96
C GLY A 62 -6.41 -7.11 2.17
N PHE A 63 -6.28 -6.64 0.94
CA PHE A 63 -7.42 -6.53 0.01
C PHE A 63 -6.96 -6.88 -1.40
N PHE A 64 -7.91 -7.15 -2.28
CA PHE A 64 -7.60 -7.44 -3.68
C PHE A 64 -7.94 -6.24 -4.55
N ASP A 65 -7.43 -6.24 -5.77
CA ASP A 65 -7.71 -5.14 -6.70
C ASP A 65 -9.18 -5.19 -7.10
N ASP A 66 -9.88 -4.12 -6.80
CA ASP A 66 -11.33 -4.06 -7.00
C ASP A 66 -11.68 -3.45 -8.36
N GLN A 67 -10.64 -3.02 -9.09
CA GLN A 67 -10.81 -2.39 -10.39
C GLN A 67 -10.10 -3.18 -11.49
N ASN A 68 -8.77 -3.28 -11.39
CA ASN A 68 -7.94 -4.00 -12.36
C ASN A 68 -8.08 -3.38 -13.76
N GLN A 69 -8.35 -2.07 -13.79
CA GLN A 69 -8.58 -1.37 -15.06
C GLN A 69 -7.38 -0.51 -15.43
N LYS A 70 -7.40 0.01 -16.65
CA LYS A 70 -6.40 0.98 -17.11
C LYS A 70 -6.99 2.39 -17.05
N ALA A 71 -8.08 2.52 -16.31
CA ALA A 71 -8.81 3.79 -16.19
C ALA A 71 -8.02 4.79 -15.36
N THR A 72 -8.60 5.98 -15.16
CA THR A 72 -7.95 7.03 -14.38
C THR A 72 -7.80 6.61 -12.92
N PHE A 73 -8.62 5.63 -12.52
CA PHE A 73 -8.51 5.01 -11.21
C PHE A 73 -8.21 3.52 -11.37
N GLU A 74 -7.04 3.11 -10.88
CA GLU A 74 -6.65 1.70 -10.89
C GLU A 74 -6.08 1.30 -9.53
N THR A 75 -6.33 2.15 -8.54
CA THR A 75 -5.82 1.96 -7.19
C THR A 75 -6.91 2.27 -6.16
N LYS A 76 -8.15 2.35 -6.63
CA LYS A 76 -9.26 2.77 -5.79
C LYS A 76 -10.24 1.62 -5.55
N ILE A 77 -10.16 1.02 -4.38
CA ILE A 77 -11.07 -0.06 -4.01
C ILE A 77 -12.39 0.52 -3.49
N SER A 78 -13.50 -0.04 -3.97
CA SER A 78 -14.82 0.47 -3.59
C SER A 78 -15.20 0.04 -2.17
N THR A 79 -15.16 -1.27 -1.91
CA THR A 79 -15.54 -1.81 -0.60
C THR A 79 -14.64 -1.24 0.50
N LEU A 80 -13.45 -0.76 0.12
CA LEU A 80 -12.50 -0.19 1.07
C LEU A 80 -13.09 1.03 1.76
N ASP A 81 -13.85 1.82 1.01
CA ASP A 81 -14.45 3.05 1.53
C ASP A 81 -15.36 2.73 2.71
N GLU A 82 -16.20 1.73 2.52
CA GLU A 82 -17.16 1.29 3.53
C GLU A 82 -16.45 0.60 4.70
N TYR A 83 -15.34 -0.06 4.40
CA TYR A 83 -14.50 -0.68 5.42
C TYR A 83 -13.89 0.38 6.34
N ILE A 84 -13.23 1.37 5.73
CA ILE A 84 -12.59 2.46 6.47
C ILE A 84 -13.62 3.19 7.33
N TYR A 85 -14.83 3.35 6.79
CA TYR A 85 -15.93 3.98 7.50
C TYR A 85 -16.12 3.36 8.88
N GLU A 86 -16.11 2.03 8.95
CA GLU A 86 -16.35 1.31 10.20
C GLU A 86 -15.23 1.58 11.21
N TYR A 87 -14.03 1.86 10.73
CA TYR A 87 -12.86 1.97 11.59
C TYR A 87 -12.24 3.37 11.55
N CYS A 88 -11.24 3.55 10.71
CA CYS A 88 -10.41 4.76 10.75
C CYS A 88 -10.91 5.79 9.75
N ASN A 89 -12.22 6.06 9.78
CA ASN A 89 -12.81 7.06 8.89
C ASN A 89 -12.37 8.47 9.27
N PHE A 90 -12.19 8.70 10.57
CA PHE A 90 -11.73 9.99 11.08
C PHE A 90 -11.41 9.88 12.57
N GLY A 91 -10.37 10.59 13.01
CA GLY A 91 -9.97 10.56 14.41
C GLY A 91 -8.70 9.74 14.62
N CYS A 92 -8.25 9.11 13.55
CA CYS A 92 -7.03 8.30 13.57
C CYS A 92 -6.38 8.37 12.19
N ALA A 93 -5.46 7.44 11.90
CA ALA A 93 -4.74 7.45 10.64
C ALA A 93 -4.71 6.06 10.01
N TYR A 94 -4.58 6.03 8.69
CA TYR A 94 -4.45 4.78 7.94
C TYR A 94 -3.72 5.04 6.63
N PHE A 95 -3.24 3.98 5.99
CA PHE A 95 -2.48 4.10 4.74
C PHE A 95 -2.78 2.94 3.80
N VAL A 96 -2.59 3.17 2.50
CA VAL A 96 -2.84 2.15 1.48
C VAL A 96 -1.65 2.08 0.52
N LEU A 97 -1.11 0.87 0.36
CA LEU A 97 -0.01 0.61 -0.57
C LEU A 97 -0.44 -0.40 -1.63
N LYS A 98 0.03 -0.23 -2.86
CA LYS A 98 -0.20 -1.21 -3.92
C LYS A 98 1.11 -1.84 -4.36
N ARG A 99 1.06 -3.13 -4.66
CA ARG A 99 2.24 -3.91 -5.03
C ARG A 99 2.64 -3.64 -6.49
N ILE A 100 3.72 -2.91 -6.69
CA ILE A 100 4.23 -2.63 -8.02
C ILE A 100 4.92 -3.88 -8.58
N ARG A 101 4.63 -4.19 -9.84
CA ARG A 101 5.03 -5.47 -10.43
C ARG A 101 6.43 -5.42 -11.03
N LYS A 102 7.44 -5.48 -10.17
CA LYS A 102 8.83 -5.69 -10.59
C LYS A 102 9.75 -5.84 -9.39
N LEU A 103 9.89 -4.77 -8.61
CA LEU A 103 10.88 -4.65 -7.53
C LEU A 103 12.24 -4.28 -8.11
N GLU A 104 12.63 -3.03 -7.92
CA GLU A 104 13.93 -2.54 -8.37
C GLU A 104 15.06 -3.18 -7.56
N HIS A 105 15.44 -4.41 -7.93
CA HIS A 105 16.53 -5.11 -7.25
C HIS A 105 17.87 -4.59 -7.75
N HIS A 106 18.20 -3.36 -7.37
CA HIS A 106 19.47 -2.73 -7.76
C HIS A 106 20.58 -3.14 -6.80
N HIS A 107 21.80 -2.71 -7.11
CA HIS A 107 22.99 -3.09 -6.33
C HIS A 107 23.12 -2.27 -5.05
N HIS A 108 21.99 -1.91 -4.45
CA HIS A 108 21.95 -1.18 -3.18
C HIS A 108 22.64 0.17 -3.25
N HIS A 109 21.87 1.21 -3.55
CA HIS A 109 22.34 2.58 -3.47
C HIS A 109 21.72 3.26 -2.26
N HIS A 110 22.51 4.03 -1.53
CA HIS A 110 22.06 4.68 -0.31
C HIS A 110 21.08 5.82 -0.65
N MET A 1 20.19 -9.03 -20.32
CA MET A 1 20.42 -7.82 -19.49
C MET A 1 19.86 -6.56 -20.17
N ILE A 2 19.31 -6.72 -21.37
CA ILE A 2 18.81 -5.59 -22.14
C ILE A 2 17.44 -5.12 -21.60
N GLY A 3 17.26 -3.80 -21.57
CA GLY A 3 16.00 -3.23 -21.10
C GLY A 3 15.98 -3.01 -19.61
N MET A 4 16.48 -1.85 -19.17
CA MET A 4 16.44 -1.50 -17.75
C MET A 4 15.03 -1.09 -17.33
N SER A 5 14.85 -0.88 -16.03
CA SER A 5 13.55 -0.49 -15.48
C SER A 5 13.75 0.37 -14.23
N GLU A 6 12.93 1.41 -14.08
CA GLU A 6 13.04 2.33 -12.95
C GLU A 6 11.66 2.88 -12.59
N LYS A 7 11.33 2.86 -11.30
CA LYS A 7 10.08 3.41 -10.78
C LYS A 7 10.38 4.45 -9.70
N ARG A 8 9.43 5.34 -9.48
CA ARG A 8 9.58 6.39 -8.47
C ARG A 8 8.23 6.72 -7.84
N GLY A 9 7.32 7.24 -8.65
CA GLY A 9 6.01 7.66 -8.16
C GLY A 9 6.12 8.82 -7.19
N GLU A 10 6.44 8.51 -5.95
CA GLU A 10 6.62 9.51 -4.89
C GLU A 10 7.26 8.85 -3.68
N ILE A 11 6.57 7.89 -3.10
CA ILE A 11 7.08 7.12 -1.96
C ILE A 11 7.01 5.63 -2.31
N MET A 12 8.17 5.00 -2.45
CA MET A 12 8.25 3.60 -2.87
C MET A 12 8.66 2.72 -1.69
N ILE A 13 7.93 1.63 -1.48
CA ILE A 13 8.16 0.74 -0.34
C ILE A 13 8.55 -0.65 -0.83
N LEU A 14 9.83 -0.98 -0.69
CA LEU A 14 10.34 -2.29 -1.11
C LEU A 14 10.71 -3.13 0.11
N ILE A 15 10.00 -4.24 0.30
CA ILE A 15 10.22 -5.13 1.45
C ILE A 15 9.86 -6.56 1.09
N GLN A 16 10.68 -7.51 1.55
CA GLN A 16 10.43 -8.94 1.35
C GLN A 16 10.26 -9.29 -0.13
N ASN A 17 11.07 -8.66 -0.98
CA ASN A 17 11.04 -8.88 -2.42
C ASN A 17 9.72 -8.44 -3.02
N ALA A 18 8.97 -7.66 -2.25
CA ALA A 18 7.70 -7.09 -2.70
C ALA A 18 7.83 -5.59 -2.85
N GLU A 19 7.46 -5.09 -4.03
CA GLU A 19 7.59 -3.67 -4.35
C GLU A 19 6.22 -3.00 -4.29
N PHE A 20 6.13 -1.90 -3.54
CA PHE A 20 4.88 -1.17 -3.36
C PHE A 20 5.09 0.33 -3.58
N GLU A 21 4.00 1.03 -3.82
CA GLU A 21 4.00 2.49 -3.85
C GLU A 21 2.88 3.02 -2.95
N LEU A 22 3.17 4.03 -2.15
CA LEU A 22 2.18 4.63 -1.26
C LEU A 22 1.22 5.49 -2.08
N VAL A 23 0.05 4.93 -2.37
CA VAL A 23 -0.91 5.59 -3.24
C VAL A 23 -1.85 6.51 -2.47
N HIS A 24 -2.07 6.22 -1.19
CA HIS A 24 -2.99 7.00 -0.38
C HIS A 24 -2.52 7.08 1.07
N ASN A 25 -2.58 8.27 1.65
CA ASN A 25 -2.21 8.49 3.04
C ASN A 25 -3.32 9.29 3.73
N PHE A 26 -3.61 8.95 4.98
CA PHE A 26 -4.69 9.59 5.72
C PHE A 26 -4.20 9.98 7.11
N LYS A 27 -4.18 11.30 7.39
CA LYS A 27 -3.71 11.83 8.67
C LYS A 27 -2.25 11.45 8.93
N ASP A 28 -1.50 11.25 7.84
CA ASP A 28 -0.07 10.93 7.90
C ASP A 28 0.16 9.65 8.70
N GLY A 29 -0.81 8.74 8.63
CA GLY A 29 -0.71 7.47 9.36
C GLY A 29 0.40 6.57 8.83
N PHE A 30 1.05 7.00 7.76
CA PHE A 30 2.15 6.23 7.20
C PHE A 30 3.40 6.33 8.07
N ASN A 31 3.78 5.21 8.67
CA ASN A 31 5.02 5.10 9.43
C ASN A 31 5.71 3.78 9.05
N GLU A 32 6.73 3.88 8.20
CA GLU A 32 7.33 2.71 7.56
C GLU A 32 7.87 1.70 8.57
N GLU A 33 8.52 2.20 9.62
CA GLU A 33 9.09 1.32 10.66
C GLU A 33 8.01 0.41 11.24
N ALA A 34 6.83 0.96 11.47
CA ALA A 34 5.72 0.21 12.05
C ALA A 34 5.10 -0.73 11.00
N PHE A 35 5.15 -0.29 9.75
CA PHE A 35 4.64 -1.10 8.64
C PHE A 35 5.45 -2.39 8.48
N LYS A 36 6.75 -2.23 8.26
CA LYS A 36 7.64 -3.37 8.01
C LYS A 36 7.67 -4.31 9.22
N ALA A 37 7.48 -3.76 10.41
CA ALA A 37 7.45 -4.55 11.63
C ALA A 37 6.24 -5.49 11.65
N ARG A 38 5.12 -5.04 11.06
CA ARG A 38 3.87 -5.79 11.08
C ARG A 38 3.61 -6.47 9.75
N TYR A 39 4.59 -6.40 8.84
CA TYR A 39 4.42 -6.96 7.50
C TYR A 39 4.63 -8.48 7.52
N SER A 40 3.98 -9.15 6.58
CA SER A 40 4.09 -10.60 6.42
C SER A 40 4.08 -10.94 4.93
N ASP A 41 4.82 -12.00 4.56
CA ASP A 41 4.95 -12.40 3.16
C ASP A 41 3.59 -12.75 2.55
N ILE A 42 2.67 -13.20 3.41
CA ILE A 42 1.34 -13.60 2.96
C ILE A 42 0.59 -12.42 2.33
N LEU A 43 0.97 -11.21 2.74
CA LEU A 43 0.28 -9.99 2.31
C LEU A 43 0.54 -9.68 0.83
N ASN A 44 1.64 -10.20 0.31
CA ASN A 44 2.02 -9.99 -1.10
C ASN A 44 0.91 -10.50 -2.05
N LYS A 45 0.09 -11.40 -1.53
CA LYS A 45 -0.98 -12.04 -2.29
C LYS A 45 -2.05 -11.04 -2.77
N TYR A 46 -2.28 -9.99 -1.97
CA TYR A 46 -3.44 -9.12 -2.15
C TYR A 46 -3.17 -7.99 -3.18
N ASP A 47 -1.91 -7.65 -3.36
CA ASP A 47 -1.49 -6.54 -4.25
C ASP A 47 -1.85 -5.17 -3.66
N TYR A 48 -2.48 -5.16 -2.49
CA TYR A 48 -2.87 -3.91 -1.82
C TYR A 48 -2.81 -4.08 -0.30
N ILE A 49 -1.98 -3.26 0.34
CA ILE A 49 -1.80 -3.33 1.79
C ILE A 49 -2.26 -2.03 2.44
N VAL A 50 -3.30 -2.13 3.28
CA VAL A 50 -3.83 -0.96 3.97
C VAL A 50 -3.60 -1.10 5.47
N GLY A 51 -2.76 -0.24 6.03
CA GLY A 51 -2.47 -0.28 7.45
C GLY A 51 -3.27 0.76 8.22
N ASP A 52 -4.07 0.31 9.18
CA ASP A 52 -4.89 1.22 9.99
C ASP A 52 -4.37 1.29 11.43
N TRP A 53 -4.68 2.40 12.10
CA TRP A 53 -4.30 2.61 13.49
C TRP A 53 -5.54 2.58 14.39
N GLY A 54 -6.46 1.67 14.07
CA GLY A 54 -7.71 1.57 14.82
C GLY A 54 -7.50 1.40 16.31
N TYR A 55 -6.87 0.30 16.69
CA TYR A 55 -6.58 0.02 18.10
C TYR A 55 -5.34 0.79 18.55
N GLY A 56 -4.36 0.85 17.67
CA GLY A 56 -3.08 1.46 17.99
C GLY A 56 -1.96 0.70 17.33
N GLN A 57 -1.98 -0.62 17.52
CA GLN A 57 -1.10 -1.50 16.79
C GLN A 57 -1.40 -1.40 15.30
N LEU A 58 -0.43 -0.93 14.53
CA LEU A 58 -0.59 -0.80 13.09
C LEU A 58 -0.95 -2.17 12.49
N ARG A 59 -2.20 -2.29 12.04
CA ARG A 59 -2.68 -3.54 11.45
C ARG A 59 -2.70 -3.43 9.93
N LEU A 60 -2.12 -4.42 9.27
CA LEU A 60 -2.09 -4.47 7.81
C LEU A 60 -3.22 -5.33 7.28
N LYS A 61 -4.21 -4.70 6.67
CA LYS A 61 -5.32 -5.41 6.07
C LYS A 61 -5.06 -5.57 4.58
N GLY A 62 -5.16 -6.80 4.09
CA GLY A 62 -4.93 -7.07 2.68
C GLY A 62 -6.20 -6.99 1.86
N PHE A 63 -6.19 -6.14 0.85
CA PHE A 63 -7.33 -5.98 -0.05
C PHE A 63 -6.96 -6.41 -1.47
N PHE A 64 -7.96 -6.79 -2.25
CA PHE A 64 -7.76 -7.12 -3.65
C PHE A 64 -8.24 -5.96 -4.51
N ASP A 65 -7.77 -5.89 -5.74
CA ASP A 65 -8.08 -4.77 -6.62
C ASP A 65 -9.56 -4.80 -7.03
N ASP A 66 -10.23 -3.66 -6.90
CA ASP A 66 -11.62 -3.52 -7.33
C ASP A 66 -11.67 -2.74 -8.63
N GLN A 67 -11.22 -1.48 -8.58
CA GLN A 67 -11.28 -0.59 -9.73
C GLN A 67 -9.90 -0.06 -10.11
N ASN A 68 -9.33 -0.65 -11.15
CA ASN A 68 -8.15 -0.11 -11.83
C ASN A 68 -8.53 0.20 -13.28
N GLN A 69 -9.84 0.42 -13.45
CA GLN A 69 -10.44 0.61 -14.76
C GLN A 69 -10.08 1.97 -15.35
N LYS A 70 -9.96 1.99 -16.68
CA LYS A 70 -9.71 3.21 -17.42
C LYS A 70 -10.78 4.26 -17.13
N ALA A 71 -10.42 5.53 -17.21
CA ALA A 71 -11.34 6.64 -16.98
C ALA A 71 -11.88 6.63 -15.54
N THR A 72 -11.19 5.88 -14.67
CA THR A 72 -11.58 5.75 -13.27
C THR A 72 -10.32 5.75 -12.39
N PHE A 73 -10.49 6.02 -11.10
CA PHE A 73 -9.37 5.97 -10.15
C PHE A 73 -8.70 4.60 -10.21
N GLU A 74 -7.44 4.58 -10.63
CA GLU A 74 -6.65 3.33 -10.72
C GLU A 74 -6.11 2.93 -9.35
N THR A 75 -6.60 3.60 -8.31
CA THR A 75 -6.19 3.34 -6.95
C THR A 75 -7.40 3.29 -6.01
N LYS A 76 -8.56 2.94 -6.58
CA LYS A 76 -9.81 2.91 -5.82
C LYS A 76 -10.18 1.46 -5.45
N ILE A 77 -10.07 1.16 -4.17
CA ILE A 77 -10.57 -0.11 -3.63
C ILE A 77 -11.98 0.13 -3.07
N SER A 78 -12.96 -0.55 -3.66
CA SER A 78 -14.36 -0.30 -3.36
C SER A 78 -14.68 -0.69 -1.92
N THR A 79 -14.34 -1.92 -1.54
CA THR A 79 -14.62 -2.43 -0.20
C THR A 79 -13.86 -1.63 0.85
N LEU A 80 -12.75 -1.02 0.43
CA LEU A 80 -11.92 -0.23 1.34
C LEU A 80 -12.68 0.98 1.87
N ASP A 81 -13.34 1.70 0.97
CA ASP A 81 -14.06 2.91 1.35
C ASP A 81 -15.07 2.60 2.47
N GLU A 82 -15.73 1.46 2.33
CA GLU A 82 -16.69 0.98 3.33
C GLU A 82 -15.95 0.62 4.62
N TYR A 83 -14.88 -0.16 4.46
CA TYR A 83 -14.03 -0.61 5.57
C TYR A 83 -13.58 0.55 6.44
N ILE A 84 -13.20 1.65 5.79
CA ILE A 84 -12.69 2.82 6.47
C ILE A 84 -13.76 3.43 7.39
N TYR A 85 -14.99 3.56 6.86
CA TYR A 85 -16.07 4.18 7.60
C TYR A 85 -16.44 3.36 8.84
N GLU A 86 -16.15 2.06 8.78
CA GLU A 86 -16.40 1.16 9.90
C GLU A 86 -15.40 1.41 11.03
N TYR A 87 -14.12 1.21 10.72
CA TYR A 87 -13.05 1.32 11.72
C TYR A 87 -12.65 2.78 11.94
N CYS A 88 -12.32 3.47 10.87
CA CYS A 88 -11.78 4.82 10.96
C CYS A 88 -12.86 5.86 10.66
N ASN A 89 -13.72 6.11 11.65
CA ASN A 89 -14.78 7.11 11.54
C ASN A 89 -14.34 8.42 12.18
N PHE A 90 -13.72 8.30 13.35
CA PHE A 90 -13.28 9.44 14.13
C PHE A 90 -11.86 9.85 13.71
N GLY A 91 -11.26 10.80 14.43
CA GLY A 91 -9.91 11.25 14.11
C GLY A 91 -8.86 10.15 14.25
N CYS A 92 -8.74 9.33 13.22
CA CYS A 92 -7.74 8.26 13.17
C CYS A 92 -6.94 8.35 11.87
N ALA A 93 -6.09 7.36 11.60
CA ALA A 93 -5.18 7.42 10.46
C ALA A 93 -4.99 6.05 9.82
N TYR A 94 -4.58 6.05 8.55
CA TYR A 94 -4.26 4.83 7.82
C TYR A 94 -3.48 5.18 6.54
N PHE A 95 -3.07 4.15 5.79
CA PHE A 95 -2.35 4.34 4.54
C PHE A 95 -2.54 3.13 3.62
N VAL A 96 -2.38 3.35 2.32
CA VAL A 96 -2.62 2.30 1.31
C VAL A 96 -1.42 2.16 0.37
N LEU A 97 -0.90 0.93 0.26
CA LEU A 97 0.20 0.62 -0.65
C LEU A 97 -0.28 -0.23 -1.82
N LYS A 98 0.32 -0.02 -2.99
CA LYS A 98 -0.04 -0.73 -4.22
C LYS A 98 1.14 -1.57 -4.71
N ARG A 99 0.90 -2.85 -4.98
CA ARG A 99 1.96 -3.79 -5.38
C ARG A 99 2.36 -3.58 -6.84
N ILE A 100 3.58 -3.09 -7.04
CA ILE A 100 4.15 -2.99 -8.36
C ILE A 100 4.92 -4.27 -8.66
N ARG A 101 4.43 -5.05 -9.62
CA ARG A 101 5.03 -6.35 -9.94
C ARG A 101 6.30 -6.21 -10.79
N LYS A 102 7.30 -5.54 -10.22
CA LYS A 102 8.62 -5.43 -10.84
C LYS A 102 9.70 -5.77 -9.82
N LEU A 103 9.87 -4.87 -8.83
CA LEU A 103 10.86 -5.05 -7.75
C LEU A 103 12.28 -5.07 -8.32
N GLU A 104 12.96 -3.93 -8.19
CA GLU A 104 14.34 -3.84 -8.64
C GLU A 104 15.26 -3.63 -7.43
N HIS A 105 16.39 -4.33 -7.43
CA HIS A 105 17.34 -4.32 -6.31
C HIS A 105 18.45 -3.31 -6.55
N HIS A 106 18.14 -2.22 -7.26
CA HIS A 106 19.11 -1.18 -7.59
C HIS A 106 19.78 -0.62 -6.33
N HIS A 107 20.87 -1.26 -5.91
CA HIS A 107 21.67 -0.83 -4.76
C HIS A 107 20.83 -0.77 -3.48
N HIS A 108 19.65 -1.38 -3.51
CA HIS A 108 18.76 -1.38 -2.35
C HIS A 108 19.14 -2.49 -1.39
N HIS A 109 20.16 -2.24 -0.58
CA HIS A 109 20.63 -3.19 0.42
C HIS A 109 21.32 -2.47 1.56
N HIS A 110 21.48 -3.17 2.67
CA HIS A 110 22.14 -2.63 3.86
C HIS A 110 23.20 -3.62 4.33
N MET A 1 19.02 -2.98 -21.10
CA MET A 1 19.31 -4.26 -20.41
C MET A 1 18.90 -4.18 -18.93
N ILE A 2 19.48 -3.24 -18.17
CA ILE A 2 19.20 -3.12 -16.74
C ILE A 2 18.07 -2.14 -16.48
N GLY A 3 17.68 -1.41 -17.52
CA GLY A 3 16.63 -0.41 -17.40
C GLY A 3 17.05 0.90 -18.02
N MET A 4 16.23 1.94 -17.80
CA MET A 4 16.54 3.27 -18.30
C MET A 4 16.55 4.27 -17.15
N SER A 5 16.64 3.74 -15.93
CA SER A 5 16.74 4.55 -14.71
C SER A 5 15.45 5.34 -14.47
N GLU A 6 14.37 4.93 -15.11
CA GLU A 6 13.08 5.59 -14.96
C GLU A 6 12.39 5.13 -13.68
N LYS A 7 12.65 5.85 -12.59
CA LYS A 7 11.97 5.60 -11.32
C LYS A 7 10.99 6.73 -11.06
N ARG A 8 10.02 6.86 -11.96
CA ARG A 8 9.10 8.00 -11.95
C ARG A 8 7.95 7.76 -10.97
N GLY A 9 8.03 8.41 -9.82
CA GLY A 9 7.02 8.30 -8.80
C GLY A 9 7.25 9.31 -7.70
N GLU A 10 7.24 8.84 -6.45
CA GLU A 10 7.56 9.71 -5.33
C GLU A 10 7.90 8.87 -4.10
N ILE A 11 6.93 8.10 -3.61
CA ILE A 11 7.12 7.28 -2.42
C ILE A 11 6.94 5.80 -2.77
N MET A 12 8.04 5.13 -3.06
CA MET A 12 8.05 3.71 -3.38
C MET A 12 8.65 2.91 -2.23
N ILE A 13 7.89 1.93 -1.74
CA ILE A 13 8.31 1.13 -0.59
C ILE A 13 8.74 -0.27 -1.06
N LEU A 14 10.06 -0.47 -1.16
CA LEU A 14 10.61 -1.77 -1.55
C LEU A 14 10.86 -2.61 -0.30
N ILE A 15 10.07 -3.68 -0.14
CA ILE A 15 10.19 -4.54 1.04
C ILE A 15 10.20 -6.02 0.63
N GLN A 16 11.34 -6.67 0.86
CA GLN A 16 11.50 -8.11 0.64
C GLN A 16 11.08 -8.50 -0.79
N ASN A 17 11.73 -7.87 -1.77
CA ASN A 17 11.50 -8.15 -3.20
C ASN A 17 10.10 -7.74 -3.65
N ALA A 18 9.33 -7.15 -2.76
CA ALA A 18 7.99 -6.68 -3.09
C ALA A 18 7.97 -5.16 -3.12
N GLU A 19 7.87 -4.59 -4.31
CA GLU A 19 7.86 -3.13 -4.48
C GLU A 19 6.42 -2.61 -4.45
N PHE A 20 6.13 -1.76 -3.49
CA PHE A 20 4.84 -1.08 -3.38
C PHE A 20 5.06 0.43 -3.51
N GLU A 21 3.98 1.20 -3.59
CA GLU A 21 4.09 2.66 -3.47
C GLU A 21 2.90 3.19 -2.67
N LEU A 22 3.12 4.30 -1.98
CA LEU A 22 2.10 4.92 -1.15
C LEU A 22 1.11 5.68 -2.05
N VAL A 23 -0.03 5.07 -2.32
CA VAL A 23 -1.03 5.67 -3.21
C VAL A 23 -2.01 6.52 -2.42
N HIS A 24 -2.06 6.32 -1.11
CA HIS A 24 -2.99 7.05 -0.26
C HIS A 24 -2.48 7.08 1.19
N ASN A 25 -2.52 8.25 1.79
CA ASN A 25 -2.03 8.44 3.15
C ASN A 25 -2.96 9.39 3.91
N PHE A 26 -3.29 9.04 5.15
CA PHE A 26 -4.28 9.79 5.91
C PHE A 26 -3.69 10.26 7.24
N LYS A 27 -3.60 11.59 7.41
CA LYS A 27 -3.02 12.19 8.62
C LYS A 27 -1.58 11.71 8.82
N ASP A 28 -0.95 11.33 7.70
CA ASP A 28 0.39 10.75 7.71
C ASP A 28 0.47 9.58 8.67
N GLY A 29 -0.54 8.72 8.63
CA GLY A 29 -0.54 7.51 9.45
C GLY A 29 0.52 6.53 8.99
N PHE A 30 1.08 6.79 7.81
CA PHE A 30 2.13 5.95 7.25
C PHE A 30 3.37 5.95 8.14
N ASN A 31 3.52 4.90 8.94
CA ASN A 31 4.75 4.65 9.69
C ASN A 31 5.45 3.44 9.11
N GLU A 32 6.49 3.68 8.31
CA GLU A 32 7.17 2.60 7.59
C GLU A 32 7.75 1.58 8.57
N GLU A 33 8.41 2.09 9.62
CA GLU A 33 9.03 1.23 10.62
C GLU A 33 8.01 0.26 11.23
N ALA A 34 6.78 0.73 11.40
CA ALA A 34 5.71 -0.10 11.94
C ALA A 34 5.19 -1.06 10.87
N PHE A 35 5.04 -0.54 9.65
CA PHE A 35 4.57 -1.33 8.50
C PHE A 35 5.46 -2.55 8.30
N LYS A 36 6.75 -2.30 8.12
CA LYS A 36 7.73 -3.36 7.84
C LYS A 36 7.85 -4.31 9.04
N ALA A 37 7.40 -3.85 10.21
CA ALA A 37 7.39 -4.67 11.42
C ALA A 37 6.16 -5.58 11.45
N ARG A 38 5.09 -5.16 10.79
CA ARG A 38 3.83 -5.90 10.80
C ARG A 38 3.64 -6.71 9.52
N TYR A 39 4.52 -6.51 8.55
CA TYR A 39 4.43 -7.20 7.26
C TYR A 39 4.54 -8.72 7.44
N SER A 40 3.75 -9.46 6.68
CA SER A 40 3.71 -10.92 6.78
C SER A 40 3.56 -11.52 5.38
N ASP A 41 3.85 -12.81 5.27
CA ASP A 41 3.84 -13.52 3.98
C ASP A 41 2.49 -13.39 3.29
N ILE A 42 1.42 -13.68 4.03
CA ILE A 42 0.05 -13.68 3.50
C ILE A 42 -0.28 -12.38 2.76
N LEU A 43 0.28 -11.27 3.23
CA LEU A 43 -0.04 -9.96 2.69
C LEU A 43 0.41 -9.82 1.23
N ASN A 44 1.45 -10.56 0.87
CA ASN A 44 2.10 -10.40 -0.44
C ASN A 44 1.16 -10.75 -1.61
N LYS A 45 0.25 -11.71 -1.39
CA LYS A 45 -0.62 -12.18 -2.48
C LYS A 45 -1.77 -11.23 -2.75
N TYR A 46 -1.99 -10.27 -1.86
CA TYR A 46 -3.07 -9.29 -2.03
C TYR A 46 -2.63 -8.19 -2.99
N ASP A 47 -1.37 -7.75 -2.83
CA ASP A 47 -0.79 -6.65 -3.61
C ASP A 47 -1.37 -5.29 -3.20
N TYR A 48 -2.24 -5.31 -2.20
CA TYR A 48 -2.77 -4.10 -1.59
C TYR A 48 -2.68 -4.22 -0.08
N ILE A 49 -1.88 -3.36 0.54
CA ILE A 49 -1.69 -3.39 1.98
C ILE A 49 -2.20 -2.09 2.59
N VAL A 50 -3.26 -2.19 3.38
CA VAL A 50 -3.84 -1.03 4.04
C VAL A 50 -3.63 -1.13 5.54
N GLY A 51 -2.74 -0.29 6.07
CA GLY A 51 -2.49 -0.29 7.49
C GLY A 51 -3.33 0.73 8.21
N ASP A 52 -4.16 0.28 9.13
CA ASP A 52 -5.03 1.17 9.91
C ASP A 52 -4.57 1.21 11.37
N TRP A 53 -4.74 2.37 11.99
CA TRP A 53 -4.44 2.55 13.41
C TRP A 53 -5.73 2.42 14.22
N GLY A 54 -6.61 1.52 13.78
CA GLY A 54 -7.87 1.30 14.47
C GLY A 54 -7.66 0.77 15.87
N TYR A 55 -8.37 1.37 16.84
CA TYR A 55 -8.31 0.95 18.24
C TYR A 55 -7.00 1.43 18.88
N GLY A 56 -5.86 0.98 18.32
CA GLY A 56 -4.57 1.37 18.84
C GLY A 56 -3.43 0.67 18.13
N GLN A 57 -3.67 -0.56 17.70
CA GLN A 57 -2.66 -1.36 17.03
C GLN A 57 -2.72 -1.16 15.51
N LEU A 58 -1.56 -1.03 14.89
CA LEU A 58 -1.48 -0.88 13.43
C LEU A 58 -1.75 -2.23 12.78
N ARG A 59 -2.91 -2.35 12.15
CA ARG A 59 -3.31 -3.57 11.46
C ARG A 59 -3.07 -3.44 9.95
N LEU A 60 -2.40 -4.42 9.37
CA LEU A 60 -2.21 -4.46 7.92
C LEU A 60 -3.29 -5.34 7.30
N LYS A 61 -4.29 -4.71 6.70
CA LYS A 61 -5.40 -5.40 6.08
C LYS A 61 -5.16 -5.54 4.58
N GLY A 62 -5.17 -6.76 4.09
CA GLY A 62 -4.99 -7.02 2.67
C GLY A 62 -6.30 -7.13 1.94
N PHE A 63 -6.36 -6.58 0.73
CA PHE A 63 -7.58 -6.60 -0.08
C PHE A 63 -7.29 -7.07 -1.49
N PHE A 64 -8.36 -7.44 -2.19
CA PHE A 64 -8.30 -7.72 -3.62
C PHE A 64 -8.94 -6.54 -4.37
N ASP A 65 -8.32 -6.14 -5.47
CA ASP A 65 -8.73 -4.93 -6.19
C ASP A 65 -10.09 -5.11 -6.85
N ASP A 66 -10.88 -4.05 -6.89
CA ASP A 66 -12.23 -4.10 -7.49
C ASP A 66 -12.58 -2.74 -8.10
N GLN A 67 -13.78 -2.66 -8.70
CA GLN A 67 -14.24 -1.48 -9.46
C GLN A 67 -13.54 -1.38 -10.82
N ASN A 68 -12.62 -2.29 -11.08
CA ASN A 68 -11.80 -2.23 -12.30
C ASN A 68 -12.58 -2.70 -13.52
N GLN A 69 -13.23 -1.77 -14.21
CA GLN A 69 -13.88 -2.06 -15.48
C GLN A 69 -13.38 -1.10 -16.55
N LYS A 70 -13.79 0.16 -16.43
CA LYS A 70 -13.34 1.23 -17.32
C LYS A 70 -12.85 2.41 -16.48
N ALA A 71 -12.40 2.08 -15.28
CA ALA A 71 -12.00 3.08 -14.29
C ALA A 71 -10.89 3.99 -14.81
N THR A 72 -11.05 5.28 -14.55
CA THR A 72 -10.03 6.28 -14.91
C THR A 72 -9.14 6.55 -13.68
N PHE A 73 -9.15 5.59 -12.76
CA PHE A 73 -8.44 5.70 -11.50
C PHE A 73 -7.92 4.33 -11.07
N GLU A 74 -6.92 4.32 -10.19
CA GLU A 74 -6.37 3.08 -9.67
C GLU A 74 -6.10 3.22 -8.17
N THR A 75 -6.70 4.25 -7.57
CA THR A 75 -6.49 4.57 -6.16
C THR A 75 -7.80 4.48 -5.37
N LYS A 76 -8.78 3.78 -5.93
CA LYS A 76 -10.10 3.69 -5.33
C LYS A 76 -10.62 2.26 -5.37
N ILE A 77 -10.85 1.68 -4.20
CA ILE A 77 -11.37 0.32 -4.06
C ILE A 77 -12.64 0.35 -3.20
N SER A 78 -13.69 -0.32 -3.67
CA SER A 78 -15.00 -0.24 -3.01
C SER A 78 -14.96 -0.91 -1.64
N THR A 79 -14.43 -2.14 -1.59
CA THR A 79 -14.37 -2.88 -0.33
C THR A 79 -13.51 -2.13 0.69
N LEU A 80 -12.56 -1.34 0.18
CA LEU A 80 -11.70 -0.50 1.02
C LEU A 80 -12.46 0.74 1.49
N ASP A 81 -13.23 1.32 0.57
CA ASP A 81 -14.00 2.53 0.85
C ASP A 81 -14.93 2.31 2.04
N GLU A 82 -15.50 1.11 2.10
CA GLU A 82 -16.38 0.73 3.21
C GLU A 82 -15.57 0.44 4.48
N TYR A 83 -14.43 -0.23 4.29
CA TYR A 83 -13.56 -0.63 5.39
C TYR A 83 -13.10 0.57 6.21
N ILE A 84 -12.75 1.66 5.52
CA ILE A 84 -12.29 2.87 6.18
C ILE A 84 -13.39 3.45 7.07
N TYR A 85 -14.62 3.38 6.59
CA TYR A 85 -15.79 3.89 7.31
C TYR A 85 -15.97 3.17 8.65
N GLU A 86 -15.48 1.94 8.71
CA GLU A 86 -15.60 1.11 9.92
C GLU A 86 -14.79 1.70 11.08
N TYR A 87 -13.58 2.15 10.79
CA TYR A 87 -12.65 2.60 11.84
C TYR A 87 -12.63 4.11 11.97
N CYS A 88 -12.52 4.80 10.84
CA CYS A 88 -12.24 6.23 10.83
C CYS A 88 -13.48 7.05 11.17
N ASN A 89 -13.71 7.22 12.46
CA ASN A 89 -14.76 8.13 12.96
C ASN A 89 -14.15 9.50 13.19
N PHE A 90 -13.12 9.54 14.04
CA PHE A 90 -12.37 10.75 14.31
C PHE A 90 -11.05 10.39 15.01
N GLY A 91 -9.99 11.13 14.68
CA GLY A 91 -8.68 10.83 15.24
C GLY A 91 -8.09 9.59 14.61
N CYS A 92 -8.60 9.23 13.43
CA CYS A 92 -8.15 8.05 12.71
C CYS A 92 -6.91 8.34 11.87
N ALA A 93 -6.21 7.27 11.49
CA ALA A 93 -5.04 7.37 10.64
C ALA A 93 -4.79 6.03 9.95
N TYR A 94 -4.35 6.07 8.70
CA TYR A 94 -4.06 4.85 7.95
C TYR A 94 -3.25 5.18 6.69
N PHE A 95 -2.85 4.13 5.98
CA PHE A 95 -2.07 4.27 4.75
C PHE A 95 -2.33 3.09 3.81
N VAL A 96 -2.34 3.36 2.50
CA VAL A 96 -2.58 2.34 1.50
C VAL A 96 -1.40 2.22 0.53
N LEU A 97 -0.77 1.05 0.52
CA LEU A 97 0.32 0.74 -0.39
C LEU A 97 -0.16 -0.19 -1.50
N LYS A 98 0.10 0.20 -2.75
CA LYS A 98 -0.26 -0.62 -3.91
C LYS A 98 0.98 -1.22 -4.55
N ARG A 99 0.88 -2.49 -4.94
CA ARG A 99 1.99 -3.20 -5.57
C ARG A 99 2.27 -2.63 -6.96
N ILE A 100 3.55 -2.43 -7.27
CA ILE A 100 3.97 -2.01 -8.60
C ILE A 100 4.60 -3.20 -9.31
N ARG A 101 4.33 -3.35 -10.60
CA ARG A 101 4.78 -4.51 -11.35
C ARG A 101 6.24 -4.40 -11.78
N LYS A 102 7.12 -4.53 -10.79
CA LYS A 102 8.57 -4.70 -11.00
C LYS A 102 9.27 -4.65 -9.64
N LEU A 103 10.58 -4.80 -9.66
CA LEU A 103 11.40 -4.63 -8.47
C LEU A 103 12.72 -3.99 -8.88
N GLU A 104 12.99 -2.79 -8.38
CA GLU A 104 14.21 -2.07 -8.71
C GLU A 104 15.44 -2.87 -8.27
N HIS A 105 15.87 -3.78 -9.14
CA HIS A 105 17.04 -4.60 -8.89
C HIS A 105 18.30 -3.73 -8.96
N HIS A 106 18.66 -3.17 -7.81
CA HIS A 106 19.81 -2.27 -7.70
C HIS A 106 21.07 -2.97 -8.16
N HIS A 107 21.26 -4.21 -7.72
CA HIS A 107 22.39 -5.04 -8.13
C HIS A 107 21.95 -6.49 -8.31
N HIS A 108 21.61 -6.87 -9.54
CA HIS A 108 21.28 -8.26 -9.82
C HIS A 108 22.57 -9.09 -9.80
N HIS A 109 22.80 -9.78 -8.68
CA HIS A 109 24.03 -10.52 -8.45
C HIS A 109 24.32 -11.48 -9.60
N HIS A 110 25.21 -11.06 -10.50
CA HIS A 110 25.57 -11.87 -11.66
C HIS A 110 26.88 -12.60 -11.39
N MET A 1 10.62 -5.08 -25.23
CA MET A 1 9.26 -5.35 -24.69
C MET A 1 8.56 -4.05 -24.33
N ILE A 2 9.04 -3.38 -23.29
CA ILE A 2 8.45 -2.13 -22.81
C ILE A 2 9.55 -1.16 -22.38
N GLY A 3 9.28 0.13 -22.52
CA GLY A 3 10.24 1.15 -22.09
C GLY A 3 9.90 1.70 -20.72
N MET A 4 10.29 2.95 -20.47
CA MET A 4 10.03 3.59 -19.17
C MET A 4 9.88 5.09 -19.34
N SER A 5 8.96 5.68 -18.59
CA SER A 5 8.72 7.12 -18.62
C SER A 5 9.64 7.84 -17.63
N GLU A 6 9.53 7.47 -16.35
CA GLU A 6 10.32 8.08 -15.29
C GLU A 6 10.57 7.09 -14.15
N LYS A 7 9.48 6.47 -13.68
CA LYS A 7 9.54 5.51 -12.57
C LYS A 7 10.01 6.19 -11.29
N ARG A 8 9.86 7.52 -11.21
CA ARG A 8 10.26 8.27 -10.03
C ARG A 8 9.30 7.97 -8.88
N GLY A 9 8.02 8.26 -9.10
CA GLY A 9 7.03 8.11 -8.06
C GLY A 9 7.23 9.13 -6.96
N GLU A 10 6.90 8.76 -5.73
CA GLU A 10 7.12 9.64 -4.58
C GLU A 10 7.61 8.84 -3.38
N ILE A 11 6.87 7.79 -3.03
CA ILE A 11 7.25 6.93 -1.90
C ILE A 11 7.20 5.46 -2.33
N MET A 12 8.37 4.90 -2.61
CA MET A 12 8.50 3.52 -3.06
C MET A 12 9.05 2.64 -1.93
N ILE A 13 8.24 1.70 -1.49
CA ILE A 13 8.60 0.83 -0.36
C ILE A 13 8.99 -0.57 -0.85
N LEU A 14 10.28 -0.87 -0.78
CA LEU A 14 10.80 -2.18 -1.18
C LEU A 14 10.94 -3.07 0.04
N ILE A 15 10.18 -4.17 0.07
CA ILE A 15 10.23 -5.10 1.19
C ILE A 15 9.90 -6.53 0.74
N GLN A 16 10.59 -7.52 1.35
CA GLN A 16 10.33 -8.94 1.11
C GLN A 16 10.34 -9.27 -0.39
N ASN A 17 11.23 -8.61 -1.12
CA ASN A 17 11.38 -8.82 -2.56
C ASN A 17 10.10 -8.44 -3.31
N ALA A 18 9.45 -7.36 -2.85
CA ALA A 18 8.31 -6.79 -3.52
C ALA A 18 8.37 -5.27 -3.43
N GLU A 19 8.06 -4.58 -4.52
CA GLU A 19 8.10 -3.12 -4.55
C GLU A 19 6.67 -2.56 -4.46
N PHE A 20 6.46 -1.66 -3.52
CA PHE A 20 5.17 -0.99 -3.33
C PHE A 20 5.35 0.52 -3.51
N GLU A 21 4.25 1.22 -3.72
CA GLU A 21 4.26 2.69 -3.65
C GLU A 21 3.04 3.18 -2.88
N LEU A 22 3.21 4.28 -2.14
CA LEU A 22 2.13 4.87 -1.38
C LEU A 22 1.16 5.58 -2.32
N VAL A 23 -0.05 5.03 -2.44
CA VAL A 23 -1.05 5.58 -3.36
C VAL A 23 -2.12 6.39 -2.62
N HIS A 24 -2.10 6.32 -1.29
CA HIS A 24 -3.08 7.06 -0.48
C HIS A 24 -2.68 7.06 0.99
N ASN A 25 -2.82 8.20 1.65
CA ASN A 25 -2.55 8.31 3.08
C ASN A 25 -3.52 9.29 3.73
N PHE A 26 -3.79 9.09 5.01
CA PHE A 26 -4.63 10.00 5.79
C PHE A 26 -3.99 10.26 7.15
N LYS A 27 -3.96 11.53 7.53
CA LYS A 27 -3.47 11.96 8.84
C LYS A 27 -2.03 11.51 9.08
N ASP A 28 -1.28 11.34 7.98
CA ASP A 28 0.14 11.00 8.05
C ASP A 28 0.35 9.65 8.74
N GLY A 29 -0.65 8.78 8.65
CA GLY A 29 -0.61 7.49 9.33
C GLY A 29 0.42 6.53 8.75
N PHE A 30 1.20 6.98 7.78
CA PHE A 30 2.19 6.12 7.14
C PHE A 30 3.47 6.08 7.96
N ASN A 31 3.75 4.92 8.54
CA ASN A 31 4.97 4.71 9.31
C ASN A 31 5.64 3.43 8.83
N GLU A 32 6.65 3.58 7.97
CA GLU A 32 7.28 2.44 7.30
C GLU A 32 7.77 1.40 8.31
N GLU A 33 8.43 1.87 9.37
CA GLU A 33 8.98 0.97 10.38
C GLU A 33 7.90 0.04 10.95
N ALA A 34 6.70 0.58 11.10
CA ALA A 34 5.56 -0.19 11.60
C ALA A 34 5.06 -1.14 10.53
N PHE A 35 4.90 -0.60 9.31
CA PHE A 35 4.43 -1.38 8.17
C PHE A 35 5.30 -2.64 7.99
N LYS A 36 6.60 -2.43 7.86
CA LYS A 36 7.53 -3.51 7.57
C LYS A 36 7.66 -4.47 8.76
N ALA A 37 7.26 -4.00 9.93
CA ALA A 37 7.28 -4.83 11.14
C ALA A 37 6.09 -5.78 11.16
N ARG A 38 4.95 -5.31 10.64
CA ARG A 38 3.71 -6.08 10.68
C ARG A 38 3.51 -6.85 9.38
N TYR A 39 4.18 -6.42 8.32
CA TYR A 39 4.04 -7.02 7.00
C TYR A 39 4.58 -8.46 6.99
N SER A 40 3.96 -9.31 6.18
CA SER A 40 4.37 -10.71 6.07
C SER A 40 4.11 -11.22 4.66
N ASP A 41 4.65 -12.40 4.35
CA ASP A 41 4.54 -12.98 3.01
C ASP A 41 3.09 -13.34 2.71
N ILE A 42 2.31 -13.57 3.77
CA ILE A 42 0.89 -13.92 3.65
C ILE A 42 0.11 -12.79 2.96
N LEU A 43 0.63 -11.57 3.08
CA LEU A 43 -0.05 -10.38 2.57
C LEU A 43 0.41 -10.03 1.15
N ASN A 44 1.48 -10.67 0.70
CA ASN A 44 2.11 -10.33 -0.58
C ASN A 44 1.18 -10.62 -1.76
N LYS A 45 0.20 -11.50 -1.56
CA LYS A 45 -0.71 -11.90 -2.63
C LYS A 45 -1.82 -10.86 -2.87
N TYR A 46 -1.97 -9.92 -1.95
CA TYR A 46 -3.07 -8.94 -2.04
C TYR A 46 -2.76 -7.83 -3.03
N ASP A 47 -1.49 -7.45 -3.13
CA ASP A 47 -1.05 -6.33 -3.97
C ASP A 47 -1.57 -4.99 -3.42
N TYR A 48 -2.30 -5.04 -2.31
CA TYR A 48 -2.80 -3.84 -1.63
C TYR A 48 -2.78 -4.06 -0.13
N ILE A 49 -1.97 -3.28 0.57
CA ILE A 49 -1.86 -3.37 2.03
C ILE A 49 -2.25 -2.06 2.67
N VAL A 50 -3.30 -2.11 3.50
CA VAL A 50 -3.79 -0.91 4.18
C VAL A 50 -3.53 -1.01 5.68
N GLY A 51 -2.82 -0.03 6.23
CA GLY A 51 -2.54 -0.01 7.65
C GLY A 51 -3.13 1.21 8.33
N ASP A 52 -3.87 1.00 9.40
CA ASP A 52 -4.47 2.08 10.18
C ASP A 52 -4.09 1.94 11.64
N TRP A 53 -3.92 3.07 12.31
CA TRP A 53 -3.55 3.09 13.72
C TRP A 53 -4.78 2.97 14.61
N GLY A 54 -5.88 3.59 14.17
CA GLY A 54 -7.08 3.65 14.99
C GLY A 54 -6.82 4.32 16.34
N TYR A 55 -6.30 3.55 17.29
CA TYR A 55 -5.94 4.04 18.62
C TYR A 55 -4.50 3.67 18.95
N GLY A 56 -3.70 3.49 17.90
CA GLY A 56 -2.30 3.11 18.08
C GLY A 56 -2.07 1.64 17.76
N GLN A 57 -3.14 0.96 17.36
CA GLN A 57 -3.09 -0.45 17.02
C GLN A 57 -2.80 -0.63 15.54
N LEU A 58 -1.55 -0.43 15.16
CA LEU A 58 -1.15 -0.49 13.75
C LEU A 58 -1.26 -1.92 13.23
N ARG A 59 -2.39 -2.20 12.58
CA ARG A 59 -2.62 -3.49 11.96
C ARG A 59 -2.75 -3.33 10.45
N LEU A 60 -2.31 -4.33 9.70
CA LEU A 60 -2.40 -4.32 8.25
C LEU A 60 -3.57 -5.18 7.79
N LYS A 61 -4.34 -4.66 6.85
CA LYS A 61 -5.48 -5.36 6.29
C LYS A 61 -5.30 -5.47 4.78
N GLY A 62 -5.35 -6.70 4.27
CA GLY A 62 -5.10 -6.93 2.86
C GLY A 62 -6.36 -6.79 2.03
N PHE A 63 -6.21 -6.20 0.85
CA PHE A 63 -7.31 -6.05 -0.11
C PHE A 63 -6.80 -6.32 -1.51
N PHE A 64 -7.72 -6.56 -2.43
CA PHE A 64 -7.41 -6.67 -3.85
C PHE A 64 -8.02 -5.48 -4.59
N ASP A 65 -7.52 -5.17 -5.78
CA ASP A 65 -8.06 -4.05 -6.55
C ASP A 65 -9.52 -4.33 -6.94
N ASP A 66 -10.43 -3.60 -6.29
CA ASP A 66 -11.86 -3.76 -6.52
C ASP A 66 -12.27 -3.26 -7.90
N GLN A 67 -11.95 -2.00 -8.18
CA GLN A 67 -12.32 -1.38 -9.45
C GLN A 67 -11.43 -1.92 -10.58
N ASN A 68 -11.65 -3.17 -10.94
CA ASN A 68 -10.91 -3.79 -12.04
C ASN A 68 -11.57 -3.39 -13.36
N GLN A 69 -11.41 -2.11 -13.70
CA GLN A 69 -11.98 -1.53 -14.91
C GLN A 69 -11.37 -0.15 -15.15
N LYS A 70 -11.66 0.44 -16.31
CA LYS A 70 -11.01 1.68 -16.71
C LYS A 70 -11.58 2.88 -15.96
N ALA A 71 -10.93 3.20 -14.84
CA ALA A 71 -11.25 4.39 -14.06
C ALA A 71 -9.97 5.17 -13.81
N THR A 72 -10.07 6.50 -13.80
CA THR A 72 -8.91 7.37 -13.61
C THR A 72 -8.26 7.13 -12.23
N PHE A 73 -8.97 6.43 -11.36
CA PHE A 73 -8.47 6.11 -10.02
C PHE A 73 -8.90 4.70 -9.60
N GLU A 74 -8.09 3.72 -9.99
CA GLU A 74 -8.34 2.30 -9.70
C GLU A 74 -8.34 2.04 -8.18
N THR A 75 -7.46 2.75 -7.48
CA THR A 75 -7.18 2.50 -6.07
C THR A 75 -8.39 2.78 -5.15
N LYS A 76 -9.50 3.25 -5.72
CA LYS A 76 -10.71 3.51 -4.94
C LYS A 76 -11.45 2.18 -4.71
N ILE A 77 -10.85 1.34 -3.87
CA ILE A 77 -11.38 0.00 -3.58
C ILE A 77 -12.65 0.10 -2.73
N SER A 78 -13.78 -0.29 -3.31
CA SER A 78 -15.08 -0.22 -2.62
C SER A 78 -15.05 -0.95 -1.27
N THR A 79 -14.69 -2.23 -1.28
CA THR A 79 -14.66 -3.03 -0.05
C THR A 79 -13.76 -2.39 1.02
N LEU A 80 -12.78 -1.62 0.56
CA LEU A 80 -11.88 -0.89 1.45
C LEU A 80 -12.58 0.34 2.02
N ASP A 81 -13.31 1.04 1.16
CA ASP A 81 -14.04 2.25 1.56
C ASP A 81 -15.02 1.91 2.68
N GLU A 82 -15.69 0.78 2.53
CA GLU A 82 -16.63 0.29 3.54
C GLU A 82 -15.89 0.01 4.85
N TYR A 83 -14.70 -0.58 4.74
CA TYR A 83 -13.85 -0.85 5.90
C TYR A 83 -13.49 0.46 6.60
N ILE A 84 -13.03 1.43 5.80
CA ILE A 84 -12.64 2.74 6.32
C ILE A 84 -13.82 3.40 7.04
N TYR A 85 -15.01 3.21 6.49
CA TYR A 85 -16.22 3.80 7.06
C TYR A 85 -16.50 3.24 8.46
N GLU A 86 -16.13 1.98 8.68
CA GLU A 86 -16.37 1.32 9.96
C GLU A 86 -15.41 1.83 11.03
N TYR A 87 -14.12 1.68 10.78
CA TYR A 87 -13.08 1.92 11.79
C TYR A 87 -12.65 3.38 11.79
N CYS A 88 -12.33 3.91 10.61
CA CYS A 88 -11.80 5.26 10.50
C CYS A 88 -12.94 6.28 10.57
N ASN A 89 -13.47 6.47 11.78
CA ASN A 89 -14.54 7.43 12.02
C ASN A 89 -13.97 8.83 12.21
N PHE A 90 -13.02 8.95 13.13
CA PHE A 90 -12.34 10.21 13.41
C PHE A 90 -11.07 9.94 14.21
N GLY A 91 -10.05 10.76 14.01
CA GLY A 91 -8.79 10.58 14.71
C GLY A 91 -8.03 9.34 14.25
N CYS A 92 -8.45 8.81 13.10
CA CYS A 92 -7.81 7.65 12.50
C CYS A 92 -6.72 8.08 11.53
N ALA A 93 -5.84 7.16 11.16
CA ALA A 93 -4.70 7.46 10.30
C ALA A 93 -4.26 6.21 9.56
N TYR A 94 -4.69 6.09 8.31
CA TYR A 94 -4.41 4.89 7.51
C TYR A 94 -3.58 5.23 6.27
N PHE A 95 -2.99 4.20 5.68
CA PHE A 95 -2.21 4.34 4.45
C PHE A 95 -2.45 3.13 3.56
N VAL A 96 -2.43 3.35 2.24
CA VAL A 96 -2.64 2.28 1.26
C VAL A 96 -1.41 2.15 0.35
N LEU A 97 -0.77 0.99 0.40
CA LEU A 97 0.35 0.68 -0.49
C LEU A 97 -0.10 -0.26 -1.60
N LYS A 98 0.26 0.07 -2.84
CA LYS A 98 -0.03 -0.77 -3.99
C LYS A 98 1.26 -1.42 -4.47
N ARG A 99 1.24 -2.75 -4.64
CA ARG A 99 2.40 -3.46 -5.14
C ARG A 99 2.48 -3.30 -6.65
N ILE A 100 3.63 -2.85 -7.12
CA ILE A 100 3.84 -2.55 -8.54
C ILE A 100 3.56 -3.79 -9.40
N ARG A 101 4.29 -4.86 -9.12
CA ARG A 101 4.12 -6.14 -9.82
C ARG A 101 5.16 -7.14 -9.32
N LYS A 102 6.43 -6.72 -9.37
CA LYS A 102 7.55 -7.55 -8.93
C LYS A 102 8.58 -6.66 -8.24
N LEU A 103 9.77 -7.21 -8.01
CA LEU A 103 10.89 -6.45 -7.46
C LEU A 103 12.10 -6.65 -8.35
N GLU A 104 12.57 -5.57 -8.97
CA GLU A 104 13.70 -5.65 -9.87
C GLU A 104 14.97 -6.00 -9.10
N HIS A 105 15.19 -7.30 -8.94
CA HIS A 105 16.41 -7.82 -8.34
C HIS A 105 17.46 -8.03 -9.43
N HIS A 106 17.66 -6.98 -10.23
CA HIS A 106 18.51 -7.05 -11.42
C HIS A 106 19.94 -7.43 -11.05
N HIS A 107 20.70 -6.48 -10.49
CA HIS A 107 22.05 -6.71 -10.02
C HIS A 107 22.43 -5.67 -8.98
N HIS A 108 22.42 -6.07 -7.71
CA HIS A 108 22.71 -5.16 -6.60
C HIS A 108 24.20 -5.21 -6.26
N HIS A 109 24.98 -4.40 -6.99
CA HIS A 109 26.45 -4.32 -6.84
C HIS A 109 27.14 -5.55 -7.45
N HIS A 110 26.51 -6.71 -7.34
CA HIS A 110 27.05 -7.95 -7.90
C HIS A 110 26.24 -8.35 -9.14
N MET A 1 15.76 25.02 -6.86
CA MET A 1 14.58 24.51 -7.58
C MET A 1 14.61 22.98 -7.61
N ILE A 2 15.53 22.41 -8.39
CA ILE A 2 15.67 20.97 -8.47
C ILE A 2 16.74 20.50 -7.49
N GLY A 3 16.32 20.26 -6.25
CA GLY A 3 17.24 19.82 -5.21
C GLY A 3 17.29 18.31 -5.12
N MET A 4 16.17 17.67 -5.47
CA MET A 4 16.06 16.22 -5.43
C MET A 4 15.45 15.72 -6.74
N SER A 5 16.19 14.87 -7.44
CA SER A 5 15.70 14.29 -8.69
C SER A 5 14.72 13.16 -8.43
N GLU A 6 14.32 12.47 -9.49
CA GLU A 6 13.30 11.44 -9.42
C GLU A 6 13.91 10.11 -8.99
N LYS A 7 13.28 9.46 -8.02
CA LYS A 7 13.71 8.14 -7.55
C LYS A 7 12.92 7.05 -8.28
N ARG A 8 12.37 7.41 -9.44
CA ARG A 8 11.53 6.51 -10.26
C ARG A 8 10.25 6.15 -9.52
N GLY A 9 9.87 7.02 -8.58
CA GLY A 9 8.67 6.85 -7.81
C GLY A 9 8.62 7.85 -6.67
N GLU A 10 7.41 8.25 -6.26
CA GLU A 10 7.26 9.23 -5.19
C GLU A 10 7.79 8.65 -3.88
N ILE A 11 7.14 7.58 -3.41
CA ILE A 11 7.58 6.87 -2.21
C ILE A 11 7.51 5.36 -2.46
N MET A 12 8.58 4.82 -3.01
CA MET A 12 8.68 3.39 -3.31
C MET A 12 9.12 2.62 -2.07
N ILE A 13 8.30 1.65 -1.66
CA ILE A 13 8.58 0.83 -0.50
C ILE A 13 9.00 -0.58 -0.92
N LEU A 14 10.30 -0.83 -0.92
CA LEU A 14 10.83 -2.15 -1.29
C LEU A 14 10.98 -3.01 -0.03
N ILE A 15 10.17 -4.05 0.04
CA ILE A 15 10.20 -4.98 1.17
C ILE A 15 9.92 -6.41 0.68
N GLN A 16 10.66 -7.37 1.23
CA GLN A 16 10.52 -8.78 0.85
C GLN A 16 10.74 -8.97 -0.65
N ASN A 17 11.57 -8.10 -1.24
CA ASN A 17 11.86 -8.13 -2.68
C ASN A 17 10.60 -7.91 -3.50
N ALA A 18 9.71 -7.10 -2.96
CA ALA A 18 8.52 -6.65 -3.66
C ALA A 18 8.41 -5.13 -3.51
N GLU A 19 8.28 -4.43 -4.63
CA GLU A 19 8.21 -2.98 -4.60
C GLU A 19 6.76 -2.53 -4.50
N PHE A 20 6.51 -1.63 -3.56
CA PHE A 20 5.21 -1.00 -3.40
C PHE A 20 5.38 0.50 -3.52
N GLU A 21 4.29 1.24 -3.57
CA GLU A 21 4.37 2.70 -3.50
C GLU A 21 3.17 3.24 -2.74
N LEU A 22 3.39 4.35 -2.04
CA LEU A 22 2.32 5.01 -1.31
C LEU A 22 1.37 5.69 -2.28
N VAL A 23 0.18 5.12 -2.44
CA VAL A 23 -0.82 5.65 -3.38
C VAL A 23 -1.87 6.49 -2.66
N HIS A 24 -2.08 6.20 -1.37
CA HIS A 24 -3.06 6.92 -0.57
C HIS A 24 -2.59 7.00 0.87
N ASN A 25 -2.66 8.19 1.47
CA ASN A 25 -2.20 8.41 2.83
C ASN A 25 -3.15 9.37 3.55
N PHE A 26 -3.36 9.14 4.83
CA PHE A 26 -4.29 9.95 5.62
C PHE A 26 -3.64 10.37 6.93
N LYS A 27 -3.52 11.69 7.09
CA LYS A 27 -3.08 12.29 8.35
C LYS A 27 -1.64 11.89 8.67
N ASP A 28 -0.90 11.53 7.61
CA ASP A 28 0.50 11.12 7.73
C ASP A 28 0.62 9.87 8.60
N GLY A 29 -0.43 9.06 8.58
CA GLY A 29 -0.42 7.81 9.33
C GLY A 29 0.57 6.80 8.77
N PHE A 30 1.08 7.09 7.58
CA PHE A 30 2.08 6.24 6.94
C PHE A 30 3.39 6.24 7.74
N ASN A 31 3.80 5.04 8.18
CA ASN A 31 5.06 4.86 8.88
C ASN A 31 5.65 3.48 8.57
N GLU A 32 6.66 3.46 7.70
CA GLU A 32 7.29 2.22 7.27
C GLU A 32 7.77 1.40 8.45
N GLU A 33 8.28 2.09 9.48
CA GLU A 33 8.76 1.45 10.70
C GLU A 33 7.72 0.49 11.27
N ALA A 34 6.47 0.94 11.35
CA ALA A 34 5.38 0.11 11.87
C ALA A 34 4.91 -0.88 10.81
N PHE A 35 4.89 -0.41 9.56
CA PHE A 35 4.50 -1.22 8.41
C PHE A 35 5.29 -2.53 8.36
N LYS A 36 6.60 -2.41 8.22
CA LYS A 36 7.48 -3.57 8.07
C LYS A 36 7.46 -4.45 9.32
N ALA A 37 7.26 -3.82 10.48
CA ALA A 37 7.26 -4.54 11.75
C ALA A 37 6.09 -5.50 11.86
N ARG A 38 4.99 -5.18 11.17
CA ARG A 38 3.78 -6.00 11.23
C ARG A 38 3.46 -6.62 9.87
N TYR A 39 4.37 -6.46 8.92
CA TYR A 39 4.16 -6.96 7.56
C TYR A 39 4.19 -8.50 7.53
N SER A 40 3.23 -9.09 6.86
CA SER A 40 3.11 -10.54 6.74
C SER A 40 3.11 -10.95 5.27
N ASP A 41 3.63 -12.15 5.00
CA ASP A 41 3.76 -12.64 3.63
C ASP A 41 2.40 -12.83 2.97
N ILE A 42 1.41 -13.22 3.75
CA ILE A 42 0.06 -13.43 3.24
C ILE A 42 -0.47 -12.17 2.56
N LEU A 43 -0.07 -11.02 3.09
CA LEU A 43 -0.54 -9.73 2.59
C LEU A 43 0.01 -9.44 1.20
N ASN A 44 1.23 -9.92 0.95
CA ASN A 44 1.94 -9.65 -0.31
C ASN A 44 1.13 -10.13 -1.51
N LYS A 45 0.38 -11.21 -1.31
CA LYS A 45 -0.37 -11.86 -2.39
C LYS A 45 -1.57 -11.01 -2.82
N TYR A 46 -2.03 -10.12 -1.95
CA TYR A 46 -3.20 -9.30 -2.23
C TYR A 46 -2.88 -8.16 -3.19
N ASP A 47 -1.59 -7.80 -3.26
CA ASP A 47 -1.11 -6.70 -4.11
C ASP A 47 -1.54 -5.33 -3.55
N TYR A 48 -2.24 -5.34 -2.42
CA TYR A 48 -2.67 -4.12 -1.75
C TYR A 48 -2.51 -4.25 -0.25
N ILE A 49 -1.66 -3.39 0.32
CA ILE A 49 -1.44 -3.38 1.76
C ILE A 49 -2.03 -2.10 2.35
N VAL A 50 -3.06 -2.25 3.17
CA VAL A 50 -3.69 -1.12 3.84
C VAL A 50 -3.43 -1.19 5.34
N GLY A 51 -2.67 -0.22 5.84
CA GLY A 51 -2.40 -0.17 7.28
C GLY A 51 -3.25 0.89 7.94
N ASP A 52 -4.07 0.49 8.91
CA ASP A 52 -4.95 1.42 9.62
C ASP A 52 -4.68 1.36 11.12
N TRP A 53 -4.98 2.45 11.80
CA TRP A 53 -4.85 2.52 13.25
C TRP A 53 -6.22 2.45 13.91
N GLY A 54 -7.27 2.24 13.11
CA GLY A 54 -8.63 2.24 13.62
C GLY A 54 -9.01 0.92 14.26
N TYR A 55 -8.27 -0.12 13.91
CA TYR A 55 -8.44 -1.44 14.51
C TYR A 55 -8.08 -1.40 16.00
N GLY A 56 -7.45 -0.31 16.42
CA GLY A 56 -7.00 -0.16 17.80
C GLY A 56 -5.49 -0.15 17.88
N GLN A 57 -4.88 -1.10 17.18
CA GLN A 57 -3.44 -1.15 17.00
C GLN A 57 -3.12 -0.97 15.52
N LEU A 58 -1.85 -0.81 15.19
CA LEU A 58 -1.42 -0.71 13.79
C LEU A 58 -1.67 -2.05 13.09
N ARG A 59 -2.74 -2.09 12.32
CA ARG A 59 -3.16 -3.30 11.63
C ARG A 59 -2.98 -3.17 10.11
N LEU A 60 -2.47 -4.22 9.48
CA LEU A 60 -2.40 -4.29 8.02
C LEU A 60 -3.50 -5.24 7.53
N LYS A 61 -4.22 -4.80 6.51
CA LYS A 61 -5.29 -5.60 5.92
C LYS A 61 -5.05 -5.68 4.42
N GLY A 62 -5.15 -6.89 3.87
CA GLY A 62 -4.93 -7.09 2.45
C GLY A 62 -6.23 -7.16 1.67
N PHE A 63 -6.30 -6.41 0.57
CA PHE A 63 -7.46 -6.42 -0.32
C PHE A 63 -7.01 -6.78 -1.73
N PHE A 64 -7.96 -7.09 -2.60
CA PHE A 64 -7.64 -7.37 -4.00
C PHE A 64 -8.01 -6.17 -4.86
N ASP A 65 -7.33 -6.03 -6.00
CA ASP A 65 -7.55 -4.91 -6.90
C ASP A 65 -9.04 -4.76 -7.20
N ASP A 66 -9.63 -3.70 -6.64
CA ASP A 66 -11.08 -3.53 -6.65
C ASP A 66 -11.52 -2.72 -7.86
N GLN A 67 -11.34 -1.40 -7.79
CA GLN A 67 -11.67 -0.53 -8.91
C GLN A 67 -10.46 -0.38 -9.83
N ASN A 68 -10.28 -1.37 -10.68
CA ASN A 68 -9.16 -1.40 -11.62
C ASN A 68 -9.49 -0.55 -12.85
N GLN A 69 -10.76 -0.21 -12.97
CA GLN A 69 -11.26 0.65 -14.03
C GLN A 69 -10.63 2.04 -13.92
N LYS A 70 -9.47 2.21 -14.55
CA LYS A 70 -8.74 3.48 -14.51
C LYS A 70 -9.51 4.53 -15.32
N ALA A 71 -10.41 5.23 -14.64
CA ALA A 71 -11.13 6.35 -15.24
C ALA A 71 -10.44 7.65 -14.86
N THR A 72 -10.82 8.21 -13.71
CA THR A 72 -10.15 9.38 -13.16
C THR A 72 -9.29 8.97 -11.96
N PHE A 73 -9.35 7.67 -11.64
CA PHE A 73 -8.60 7.08 -10.54
C PHE A 73 -8.28 5.63 -10.88
N GLU A 74 -7.50 4.96 -10.03
CA GLU A 74 -7.15 3.56 -10.24
C GLU A 74 -6.94 2.85 -8.89
N THR A 75 -6.35 3.55 -7.94
CA THR A 75 -6.11 2.98 -6.63
C THR A 75 -7.23 3.33 -5.65
N LYS A 76 -8.38 2.70 -5.86
CA LYS A 76 -9.52 2.87 -4.96
C LYS A 76 -10.22 1.52 -4.76
N ILE A 77 -10.61 1.24 -3.53
CA ILE A 77 -11.23 -0.03 -3.19
C ILE A 77 -12.57 0.23 -2.50
N SER A 78 -13.65 -0.22 -3.14
CA SER A 78 -15.01 0.01 -2.62
C SER A 78 -15.17 -0.55 -1.21
N THR A 79 -14.81 -1.83 -1.03
CA THR A 79 -14.92 -2.49 0.26
C THR A 79 -14.04 -1.81 1.30
N LEU A 80 -13.00 -1.11 0.83
CA LEU A 80 -12.11 -0.37 1.73
C LEU A 80 -12.80 0.91 2.22
N ASP A 81 -13.51 1.58 1.32
CA ASP A 81 -14.27 2.79 1.66
C ASP A 81 -15.21 2.48 2.82
N GLU A 82 -15.76 1.28 2.80
CA GLU A 82 -16.65 0.78 3.85
C GLU A 82 -15.84 0.37 5.08
N TYR A 83 -14.70 -0.29 4.82
CA TYR A 83 -13.76 -0.73 5.86
C TYR A 83 -13.36 0.43 6.77
N ILE A 84 -13.09 1.58 6.15
CA ILE A 84 -12.67 2.77 6.88
C ILE A 84 -13.70 3.17 7.93
N TYR A 85 -14.98 3.12 7.55
CA TYR A 85 -16.08 3.47 8.44
C TYR A 85 -16.12 2.54 9.65
N GLU A 86 -15.91 1.25 9.41
CA GLU A 86 -16.00 0.25 10.46
C GLU A 86 -14.85 0.40 11.46
N TYR A 87 -13.64 0.62 10.93
CA TYR A 87 -12.43 0.66 11.76
C TYR A 87 -12.03 2.08 12.14
N CYS A 88 -11.60 2.87 11.17
CA CYS A 88 -11.05 4.19 11.44
C CYS A 88 -12.17 5.18 11.80
N ASN A 89 -13.40 4.80 11.46
CA ASN A 89 -14.61 5.55 11.83
C ASN A 89 -14.49 7.05 11.56
N PHE A 90 -13.98 7.79 12.54
CA PHE A 90 -14.01 9.25 12.51
C PHE A 90 -12.92 9.82 11.61
N GLY A 91 -12.00 8.95 11.18
CA GLY A 91 -10.89 9.38 10.33
C GLY A 91 -9.61 9.50 11.13
N CYS A 92 -9.24 8.40 11.79
CA CYS A 92 -8.02 8.34 12.58
C CYS A 92 -6.77 8.53 11.71
N ALA A 93 -6.36 7.47 11.03
CA ALA A 93 -5.16 7.49 10.20
C ALA A 93 -4.96 6.13 9.53
N TYR A 94 -4.50 6.15 8.28
CA TYR A 94 -4.24 4.93 7.54
C TYR A 94 -3.43 5.23 6.27
N PHE A 95 -2.93 4.18 5.63
CA PHE A 95 -2.14 4.31 4.41
C PHE A 95 -2.36 3.11 3.51
N VAL A 96 -2.29 3.31 2.19
CA VAL A 96 -2.50 2.26 1.21
C VAL A 96 -1.32 2.17 0.25
N LEU A 97 -0.72 0.99 0.18
CA LEU A 97 0.38 0.71 -0.76
C LEU A 97 -0.08 -0.27 -1.83
N LYS A 98 0.30 0.01 -3.08
CA LYS A 98 -0.01 -0.87 -4.21
C LYS A 98 1.25 -1.60 -4.67
N ARG A 99 1.10 -2.89 -4.99
CA ARG A 99 2.22 -3.70 -5.46
C ARG A 99 2.54 -3.34 -6.91
N ILE A 100 3.76 -2.88 -7.15
CA ILE A 100 4.19 -2.46 -8.47
C ILE A 100 4.34 -3.66 -9.42
N ARG A 101 4.10 -3.42 -10.71
CA ARG A 101 4.07 -4.47 -11.74
C ARG A 101 5.18 -5.50 -11.54
N LYS A 102 6.37 -5.02 -11.19
CA LYS A 102 7.49 -5.87 -10.81
C LYS A 102 8.65 -5.00 -10.33
N LEU A 103 9.76 -5.64 -9.97
CA LEU A 103 10.93 -4.92 -9.48
C LEU A 103 11.71 -4.28 -10.63
N GLU A 104 11.03 -3.41 -11.37
CA GLU A 104 11.62 -2.67 -12.48
C GLU A 104 10.62 -1.64 -12.99
N HIS A 105 11.12 -0.53 -13.52
CA HIS A 105 10.27 0.56 -13.98
C HIS A 105 11.07 1.53 -14.84
N HIS A 106 10.35 2.42 -15.53
CA HIS A 106 10.95 3.35 -16.50
C HIS A 106 11.50 2.55 -17.68
N HIS A 107 10.58 1.96 -18.44
CA HIS A 107 10.93 1.12 -19.57
C HIS A 107 11.52 1.92 -20.72
N HIS A 108 12.63 1.44 -21.28
CA HIS A 108 13.23 2.03 -22.48
C HIS A 108 12.71 1.33 -23.72
N HIS A 109 11.69 0.49 -23.53
CA HIS A 109 10.99 -0.21 -24.61
C HIS A 109 10.03 0.77 -25.32
N HIS A 110 10.51 2.00 -25.55
CA HIS A 110 9.71 3.11 -26.09
C HIS A 110 8.23 3.03 -25.66
N MET A 1 6.75 -11.00 -14.57
CA MET A 1 8.20 -10.80 -14.30
C MET A 1 8.89 -10.11 -15.47
N ILE A 2 8.35 -10.29 -16.69
CA ILE A 2 8.92 -9.67 -17.88
C ILE A 2 8.64 -8.16 -17.89
N GLY A 3 9.59 -7.40 -18.44
CA GLY A 3 9.46 -5.96 -18.47
C GLY A 3 10.80 -5.28 -18.44
N MET A 4 11.49 -5.30 -19.58
CA MET A 4 12.81 -4.68 -19.70
C MET A 4 12.66 -3.15 -19.80
N SER A 5 12.25 -2.57 -18.68
CA SER A 5 12.05 -1.13 -18.56
C SER A 5 12.20 -0.74 -17.08
N GLU A 6 12.43 0.54 -16.82
CA GLU A 6 12.61 1.04 -15.46
C GLU A 6 11.26 1.44 -14.85
N LYS A 7 11.31 1.97 -13.63
CA LYS A 7 10.12 2.42 -12.92
C LYS A 7 10.51 3.28 -11.72
N ARG A 8 9.73 4.31 -11.45
CA ARG A 8 9.95 5.16 -10.29
C ARG A 8 8.62 5.60 -9.69
N GLY A 9 8.66 6.06 -8.45
CA GLY A 9 7.48 6.55 -7.77
C GLY A 9 7.84 7.62 -6.76
N GLU A 10 6.84 8.17 -6.09
CA GLU A 10 7.08 9.18 -5.07
C GLU A 10 7.64 8.52 -3.81
N ILE A 11 6.89 7.58 -3.27
CA ILE A 11 7.31 6.82 -2.09
C ILE A 11 7.19 5.33 -2.38
N MET A 12 8.26 4.75 -2.87
CA MET A 12 8.30 3.33 -3.24
C MET A 12 8.75 2.48 -2.05
N ILE A 13 7.90 1.56 -1.63
CA ILE A 13 8.18 0.68 -0.50
C ILE A 13 8.46 -0.73 -1.00
N LEU A 14 9.73 -1.14 -0.98
CA LEU A 14 10.12 -2.47 -1.42
C LEU A 14 10.44 -3.35 -0.21
N ILE A 15 9.71 -4.45 -0.07
CA ILE A 15 9.92 -5.39 1.02
C ILE A 15 9.62 -6.82 0.56
N GLN A 16 10.41 -7.78 1.04
CA GLN A 16 10.25 -9.20 0.68
C GLN A 16 10.31 -9.39 -0.85
N ASN A 17 10.97 -8.45 -1.52
CA ASN A 17 11.03 -8.43 -2.97
C ASN A 17 9.63 -8.26 -3.55
N ALA A 18 8.95 -7.23 -3.04
CA ALA A 18 7.67 -6.78 -3.58
C ALA A 18 7.66 -5.26 -3.60
N GLU A 19 7.54 -4.68 -4.78
CA GLU A 19 7.62 -3.23 -4.95
C GLU A 19 6.23 -2.60 -4.84
N PHE A 20 6.03 -1.80 -3.81
CA PHE A 20 4.79 -1.05 -3.60
C PHE A 20 5.08 0.44 -3.65
N GLU A 21 4.02 1.25 -3.66
CA GLU A 21 4.16 2.70 -3.52
C GLU A 21 3.01 3.25 -2.68
N LEU A 22 3.29 4.35 -1.96
CA LEU A 22 2.26 5.02 -1.17
C LEU A 22 1.36 5.84 -2.09
N VAL A 23 0.13 5.39 -2.26
CA VAL A 23 -0.83 6.04 -3.16
C VAL A 23 -1.83 6.89 -2.38
N HIS A 24 -1.99 6.60 -1.09
CA HIS A 24 -2.96 7.30 -0.26
C HIS A 24 -2.50 7.35 1.20
N ASN A 25 -2.58 8.53 1.79
CA ASN A 25 -2.21 8.72 3.20
C ASN A 25 -3.31 9.52 3.89
N PHE A 26 -3.54 9.24 5.17
CA PHE A 26 -4.58 9.90 5.92
C PHE A 26 -4.05 10.27 7.31
N LYS A 27 -3.96 11.58 7.58
CA LYS A 27 -3.45 12.08 8.87
C LYS A 27 -2.02 11.61 9.11
N ASP A 28 -1.28 11.39 8.02
CA ASP A 28 0.10 10.92 8.08
C ASP A 28 0.20 9.59 8.81
N GLY A 29 -0.84 8.76 8.64
CA GLY A 29 -0.89 7.45 9.26
C GLY A 29 0.15 6.51 8.70
N PHE A 30 0.74 6.87 7.56
CA PHE A 30 1.79 6.08 6.94
C PHE A 30 3.01 5.99 7.86
N ASN A 31 3.36 4.77 8.25
CA ASN A 31 4.48 4.51 9.13
C ASN A 31 5.25 3.30 8.62
N GLU A 32 6.44 3.54 8.07
CA GLU A 32 7.21 2.50 7.38
C GLU A 32 7.73 1.45 8.36
N GLU A 33 8.32 1.91 9.47
CA GLU A 33 8.91 0.99 10.45
C GLU A 33 7.83 0.07 11.04
N ALA A 34 6.69 0.66 11.40
CA ALA A 34 5.58 -0.10 11.97
C ALA A 34 4.92 -0.97 10.90
N PHE A 35 4.93 -0.47 9.66
CA PHE A 35 4.43 -1.23 8.50
C PHE A 35 5.17 -2.55 8.37
N LYS A 36 6.48 -2.46 8.18
CA LYS A 36 7.30 -3.66 7.94
C LYS A 36 7.39 -4.52 9.20
N ALA A 37 7.12 -3.91 10.36
CA ALA A 37 7.07 -4.63 11.62
C ALA A 37 5.81 -5.49 11.71
N ARG A 38 4.75 -5.04 11.04
CA ARG A 38 3.47 -5.76 11.03
C ARG A 38 3.29 -6.55 9.73
N TYR A 39 4.17 -6.30 8.76
CA TYR A 39 4.08 -6.95 7.45
C TYR A 39 4.32 -8.44 7.57
N SER A 40 3.36 -9.23 7.08
CA SER A 40 3.49 -10.68 7.04
C SER A 40 3.39 -11.15 5.59
N ASP A 41 4.01 -12.29 5.29
CA ASP A 41 4.09 -12.79 3.90
C ASP A 41 2.69 -13.03 3.31
N ILE A 42 1.72 -13.31 4.17
CA ILE A 42 0.34 -13.54 3.73
C ILE A 42 -0.20 -12.33 2.95
N LEU A 43 0.27 -11.15 3.32
CA LEU A 43 -0.22 -9.91 2.72
C LEU A 43 0.35 -9.70 1.33
N ASN A 44 1.40 -10.45 1.00
CA ASN A 44 2.12 -10.28 -0.26
C ASN A 44 1.26 -10.72 -1.45
N LYS A 45 0.27 -11.58 -1.21
CA LYS A 45 -0.57 -12.11 -2.28
C LYS A 45 -1.76 -11.18 -2.57
N TYR A 46 -1.90 -10.12 -1.78
CA TYR A 46 -2.99 -9.16 -1.98
C TYR A 46 -2.57 -8.06 -2.96
N ASP A 47 -1.31 -7.64 -2.85
CA ASP A 47 -0.74 -6.60 -3.71
C ASP A 47 -1.28 -5.21 -3.37
N TYR A 48 -2.14 -5.15 -2.34
CA TYR A 48 -2.61 -3.88 -1.79
C TYR A 48 -2.60 -3.97 -0.27
N ILE A 49 -1.77 -3.13 0.37
CA ILE A 49 -1.58 -3.19 1.81
C ILE A 49 -2.07 -1.90 2.45
N VAL A 50 -3.03 -2.03 3.37
CA VAL A 50 -3.61 -0.89 4.07
C VAL A 50 -3.48 -1.06 5.57
N GLY A 51 -2.79 -0.14 6.23
CA GLY A 51 -2.63 -0.21 7.66
C GLY A 51 -3.51 0.80 8.38
N ASP A 52 -4.39 0.32 9.25
CA ASP A 52 -5.31 1.18 10.00
C ASP A 52 -4.91 1.25 11.47
N TRP A 53 -4.94 2.45 12.04
CA TRP A 53 -4.62 2.63 13.46
C TRP A 53 -5.89 2.52 14.31
N GLY A 54 -6.80 1.63 13.87
CA GLY A 54 -8.08 1.47 14.53
C GLY A 54 -7.98 1.02 15.98
N TYR A 55 -7.00 0.16 16.27
CA TYR A 55 -6.83 -0.36 17.62
C TYR A 55 -5.38 -0.19 18.09
N GLY A 56 -5.07 1.00 18.59
CA GLY A 56 -3.75 1.28 19.12
C GLY A 56 -2.64 1.11 18.08
N GLN A 57 -2.08 -0.08 18.01
CA GLN A 57 -1.04 -0.41 17.04
C GLN A 57 -1.69 -0.66 15.68
N LEU A 58 -1.06 -0.19 14.61
CA LEU A 58 -1.67 -0.27 13.29
C LEU A 58 -1.88 -1.73 12.88
N ARG A 59 -3.06 -2.01 12.38
CA ARG A 59 -3.42 -3.31 11.87
C ARG A 59 -3.18 -3.32 10.36
N LEU A 60 -2.47 -4.31 9.86
CA LEU A 60 -2.08 -4.33 8.46
C LEU A 60 -3.00 -5.28 7.68
N LYS A 61 -3.85 -4.70 6.85
CA LYS A 61 -4.85 -5.43 6.08
C LYS A 61 -4.42 -5.50 4.61
N GLY A 62 -4.96 -6.47 3.88
CA GLY A 62 -4.67 -6.59 2.46
C GLY A 62 -5.94 -6.70 1.63
N PHE A 63 -5.89 -6.15 0.43
CA PHE A 63 -7.03 -6.20 -0.50
C PHE A 63 -6.54 -6.55 -1.89
N PHE A 64 -7.47 -6.89 -2.79
CA PHE A 64 -7.14 -7.20 -4.18
C PHE A 64 -7.56 -6.04 -5.09
N ASP A 65 -7.13 -6.11 -6.35
CA ASP A 65 -7.52 -5.10 -7.35
C ASP A 65 -9.04 -5.02 -7.46
N ASP A 66 -9.57 -3.80 -7.44
CA ASP A 66 -11.00 -3.55 -7.51
C ASP A 66 -11.26 -2.25 -8.27
N GLN A 67 -12.55 -1.90 -8.47
CA GLN A 67 -12.92 -0.71 -9.25
C GLN A 67 -12.53 -0.93 -10.72
N ASN A 68 -12.33 -2.19 -11.08
CA ASN A 68 -11.83 -2.56 -12.40
C ASN A 68 -12.96 -2.52 -13.44
N GLN A 69 -14.20 -2.48 -12.97
CA GLN A 69 -15.35 -2.31 -13.85
C GLN A 69 -15.32 -0.90 -14.45
N LYS A 70 -15.12 0.08 -13.59
CA LYS A 70 -14.94 1.46 -14.00
C LYS A 70 -13.45 1.78 -13.98
N ALA A 71 -12.73 1.24 -14.96
CA ALA A 71 -11.27 1.34 -15.02
C ALA A 71 -10.81 2.79 -15.07
N THR A 72 -10.66 3.39 -13.90
CA THR A 72 -10.15 4.74 -13.75
C THR A 72 -9.59 4.92 -12.34
N PHE A 73 -10.21 4.23 -11.38
CA PHE A 73 -9.79 4.28 -9.98
C PHE A 73 -8.56 3.39 -9.76
N GLU A 74 -7.42 3.83 -10.27
CA GLU A 74 -6.18 3.05 -10.19
C GLU A 74 -5.69 2.92 -8.74
N THR A 75 -6.12 3.84 -7.88
CA THR A 75 -5.63 3.91 -6.51
C THR A 75 -6.78 3.91 -5.49
N LYS A 76 -7.94 3.42 -5.91
CA LYS A 76 -9.12 3.36 -5.04
C LYS A 76 -9.76 1.98 -5.10
N ILE A 77 -10.36 1.56 -3.98
CA ILE A 77 -10.98 0.25 -3.87
C ILE A 77 -12.28 0.35 -3.06
N SER A 78 -13.36 -0.23 -3.58
CA SER A 78 -14.68 -0.13 -2.96
C SER A 78 -14.69 -0.78 -1.57
N THR A 79 -14.33 -2.06 -1.51
CA THR A 79 -14.32 -2.80 -0.25
C THR A 79 -13.39 -2.13 0.78
N LEU A 80 -12.42 -1.38 0.28
CA LEU A 80 -11.51 -0.62 1.13
C LEU A 80 -12.24 0.56 1.76
N ASP A 81 -12.94 1.32 0.93
CA ASP A 81 -13.73 2.46 1.40
C ASP A 81 -14.69 2.02 2.50
N GLU A 82 -15.26 0.84 2.32
CA GLU A 82 -16.14 0.23 3.32
C GLU A 82 -15.38 -0.09 4.60
N TYR A 83 -14.22 -0.72 4.44
CA TYR A 83 -13.38 -1.14 5.56
C TYR A 83 -12.95 0.07 6.40
N ILE A 84 -12.69 1.18 5.72
CA ILE A 84 -12.27 2.41 6.40
C ILE A 84 -13.38 2.92 7.31
N TYR A 85 -14.62 2.85 6.82
CA TYR A 85 -15.79 3.32 7.57
C TYR A 85 -15.91 2.60 8.92
N GLU A 86 -15.39 1.39 8.99
CA GLU A 86 -15.50 0.57 10.21
C GLU A 86 -14.51 1.03 11.27
N TYR A 87 -13.50 1.82 10.89
CA TYR A 87 -12.43 2.21 11.81
C TYR A 87 -12.14 3.71 11.74
N CYS A 88 -11.43 4.13 10.70
CA CYS A 88 -10.94 5.50 10.63
C CYS A 88 -11.96 6.45 10.02
N ASN A 89 -12.68 7.16 10.90
CA ASN A 89 -13.62 8.19 10.48
C ASN A 89 -13.25 9.52 11.13
N PHE A 90 -12.77 9.44 12.37
CA PHE A 90 -12.40 10.63 13.14
C PHE A 90 -11.10 10.38 13.93
N GLY A 91 -10.05 11.12 13.57
CA GLY A 91 -8.78 11.01 14.27
C GLY A 91 -7.97 9.80 13.85
N CYS A 92 -8.65 8.67 13.70
CA CYS A 92 -8.03 7.42 13.26
C CYS A 92 -7.34 7.62 11.91
N ALA A 93 -6.09 7.19 11.82
CA ALA A 93 -5.27 7.39 10.62
C ALA A 93 -4.99 6.05 9.93
N TYR A 94 -4.57 6.12 8.67
CA TYR A 94 -4.25 4.91 7.91
C TYR A 94 -3.44 5.27 6.66
N PHE A 95 -3.01 4.25 5.92
CA PHE A 95 -2.24 4.42 4.69
C PHE A 95 -2.52 3.28 3.71
N VAL A 96 -2.40 3.57 2.41
CA VAL A 96 -2.66 2.56 1.36
C VAL A 96 -1.47 2.45 0.41
N LEU A 97 -0.92 1.24 0.29
CA LEU A 97 0.16 0.94 -0.65
C LEU A 97 -0.36 0.12 -1.83
N LYS A 98 0.05 0.51 -3.04
CA LYS A 98 -0.33 -0.18 -4.27
C LYS A 98 0.87 -0.94 -4.85
N ARG A 99 0.63 -2.12 -5.38
CA ARG A 99 1.68 -2.94 -6.00
C ARG A 99 2.05 -2.40 -7.38
N ILE A 100 3.35 -2.18 -7.58
CA ILE A 100 3.87 -1.76 -8.88
C ILE A 100 3.95 -2.98 -9.82
N ARG A 101 3.90 -2.71 -11.12
CA ARG A 101 3.94 -3.78 -12.13
C ARG A 101 5.37 -4.34 -12.29
N LYS A 102 6.32 -3.69 -11.63
CA LYS A 102 7.74 -4.08 -11.72
C LYS A 102 8.20 -4.78 -10.44
N LEU A 103 9.51 -4.94 -10.33
CA LEU A 103 10.14 -5.56 -9.17
C LEU A 103 11.58 -5.11 -9.12
N GLU A 104 12.29 -5.34 -10.22
CA GLU A 104 13.61 -4.78 -10.43
C GLU A 104 13.46 -3.51 -11.25
N HIS A 105 13.95 -2.40 -10.71
CA HIS A 105 13.84 -1.11 -11.36
C HIS A 105 15.09 -0.26 -11.10
N HIS A 106 15.62 0.33 -12.15
CA HIS A 106 16.83 1.14 -12.08
C HIS A 106 16.78 2.24 -13.13
N HIS A 107 17.12 3.47 -12.76
CA HIS A 107 17.11 4.57 -13.72
C HIS A 107 18.23 4.37 -14.74
N HIS A 108 17.87 4.39 -16.02
CA HIS A 108 18.81 4.12 -17.10
C HIS A 108 19.87 5.21 -17.20
N HIS A 109 19.50 6.43 -16.82
CA HIS A 109 20.43 7.55 -16.80
C HIS A 109 19.80 8.75 -16.10
N HIS A 110 20.61 9.74 -15.77
CA HIS A 110 20.10 10.98 -15.21
C HIS A 110 19.53 11.86 -16.33
N MET A 1 9.64 2.23 -28.03
CA MET A 1 8.27 1.69 -28.17
C MET A 1 7.90 0.85 -26.95
N ILE A 2 8.59 -0.29 -26.78
CA ILE A 2 8.30 -1.19 -25.66
C ILE A 2 8.85 -0.62 -24.35
N GLY A 3 8.11 0.34 -23.80
CA GLY A 3 8.51 0.98 -22.57
C GLY A 3 7.83 2.33 -22.39
N MET A 4 8.63 3.36 -22.13
CA MET A 4 8.15 4.73 -21.98
C MET A 4 7.24 4.87 -20.75
N SER A 5 7.26 3.87 -19.88
CA SER A 5 6.47 3.89 -18.66
C SER A 5 7.14 4.80 -17.62
N GLU A 6 7.03 6.10 -17.86
CA GLU A 6 7.66 7.11 -17.03
C GLU A 6 7.06 7.12 -15.62
N LYS A 7 7.85 6.69 -14.66
CA LYS A 7 7.45 6.66 -13.27
C LYS A 7 8.64 6.99 -12.36
N ARG A 8 8.46 7.96 -11.48
CA ARG A 8 9.50 8.33 -10.52
C ARG A 8 9.30 7.56 -9.22
N GLY A 9 8.04 7.39 -8.83
CA GLY A 9 7.71 6.71 -7.58
C GLY A 9 7.75 7.68 -6.41
N GLU A 10 6.57 8.08 -5.94
CA GLU A 10 6.47 9.09 -4.88
C GLU A 10 7.13 8.58 -3.60
N ILE A 11 6.57 7.51 -3.06
CA ILE A 11 7.15 6.85 -1.88
C ILE A 11 7.13 5.34 -2.11
N MET A 12 8.17 4.84 -2.76
CA MET A 12 8.32 3.43 -3.07
C MET A 12 8.81 2.65 -1.83
N ILE A 13 8.13 1.55 -1.55
CA ILE A 13 8.49 0.68 -0.42
C ILE A 13 8.83 -0.71 -0.94
N LEU A 14 10.13 -0.98 -1.08
CA LEU A 14 10.60 -2.27 -1.57
C LEU A 14 11.05 -3.15 -0.41
N ILE A 15 10.31 -4.22 -0.16
CA ILE A 15 10.61 -5.13 0.95
C ILE A 15 10.37 -6.58 0.55
N GLN A 16 11.36 -7.44 0.81
CA GLN A 16 11.26 -8.88 0.56
C GLN A 16 10.87 -9.17 -0.90
N ASN A 17 11.51 -8.46 -1.83
CA ASN A 17 11.26 -8.65 -3.27
C ASN A 17 9.85 -8.23 -3.67
N ALA A 18 9.20 -7.44 -2.82
CA ALA A 18 7.88 -6.89 -3.11
C ALA A 18 7.95 -5.38 -3.22
N GLU A 19 7.54 -4.84 -4.37
CA GLU A 19 7.59 -3.40 -4.61
C GLU A 19 6.21 -2.77 -4.50
N PHE A 20 6.03 -1.92 -3.49
CA PHE A 20 4.80 -1.18 -3.28
C PHE A 20 5.10 0.32 -3.31
N GLU A 21 4.05 1.15 -3.28
CA GLU A 21 4.22 2.59 -3.09
C GLU A 21 3.01 3.16 -2.35
N LEU A 22 3.23 4.25 -1.63
CA LEU A 22 2.15 4.93 -0.91
C LEU A 22 1.28 5.72 -1.88
N VAL A 23 0.08 5.22 -2.14
CA VAL A 23 -0.85 5.88 -3.07
C VAL A 23 -1.84 6.77 -2.32
N HIS A 24 -1.98 6.55 -1.02
CA HIS A 24 -2.96 7.29 -0.21
C HIS A 24 -2.58 7.25 1.27
N ASN A 25 -2.62 8.41 1.92
CA ASN A 25 -2.30 8.54 3.34
C ASN A 25 -3.40 9.33 4.05
N PHE A 26 -3.60 9.05 5.33
CA PHE A 26 -4.59 9.77 6.14
C PHE A 26 -3.98 10.06 7.51
N LYS A 27 -3.92 11.35 7.84
CA LYS A 27 -3.44 11.79 9.15
C LYS A 27 -1.98 11.37 9.35
N ASP A 28 -1.30 11.16 8.22
CA ASP A 28 0.11 10.78 8.21
C ASP A 28 0.31 9.47 8.97
N GLY A 29 -0.67 8.59 8.89
CA GLY A 29 -0.60 7.30 9.57
C GLY A 29 0.48 6.40 8.99
N PHE A 30 0.99 6.77 7.82
CA PHE A 30 2.05 6.00 7.17
C PHE A 30 3.33 6.00 8.00
N ASN A 31 3.77 4.82 8.39
CA ASN A 31 5.04 4.64 9.08
C ASN A 31 5.73 3.39 8.53
N GLU A 32 6.76 3.60 7.70
CA GLU A 32 7.48 2.51 7.06
C GLU A 32 7.92 1.47 8.09
N GLU A 33 8.50 1.94 9.18
CA GLU A 33 9.03 1.06 10.23
C GLU A 33 7.93 0.16 10.78
N ALA A 34 6.73 0.71 10.97
CA ALA A 34 5.60 -0.04 11.51
C ALA A 34 5.07 -1.02 10.47
N PHE A 35 5.08 -0.60 9.21
CA PHE A 35 4.65 -1.45 8.10
C PHE A 35 5.53 -2.69 8.00
N LYS A 36 6.83 -2.46 7.86
CA LYS A 36 7.78 -3.55 7.65
C LYS A 36 7.91 -4.42 8.91
N ALA A 37 7.51 -3.88 10.05
CA ALA A 37 7.52 -4.62 11.31
C ALA A 37 6.34 -5.60 11.36
N ARG A 38 5.19 -5.16 10.87
CA ARG A 38 3.97 -5.98 10.90
C ARG A 38 3.79 -6.76 9.60
N TYR A 39 4.62 -6.46 8.61
CA TYR A 39 4.55 -7.09 7.30
C TYR A 39 4.82 -8.60 7.39
N SER A 40 4.22 -9.36 6.48
CA SER A 40 4.41 -10.81 6.42
C SER A 40 4.20 -11.30 4.99
N ASP A 41 4.64 -12.53 4.72
CA ASP A 41 4.60 -13.10 3.36
C ASP A 41 3.17 -13.24 2.86
N ILE A 42 2.25 -13.57 3.77
CA ILE A 42 0.85 -13.76 3.42
C ILE A 42 0.29 -12.52 2.69
N LEU A 43 0.79 -11.35 3.06
CA LEU A 43 0.30 -10.10 2.51
C LEU A 43 0.59 -9.96 1.01
N ASN A 44 1.55 -10.73 0.53
CA ASN A 44 1.97 -10.67 -0.88
C ASN A 44 0.85 -11.08 -1.83
N LYS A 45 -0.08 -11.90 -1.34
CA LYS A 45 -1.16 -12.42 -2.18
C LYS A 45 -2.21 -11.36 -2.46
N TYR A 46 -2.15 -10.25 -1.71
CA TYR A 46 -3.11 -9.15 -1.88
C TYR A 46 -2.59 -8.13 -2.89
N ASP A 47 -1.32 -7.75 -2.72
CA ASP A 47 -0.66 -6.72 -3.52
C ASP A 47 -1.20 -5.32 -3.19
N TYR A 48 -2.12 -5.28 -2.23
CA TYR A 48 -2.65 -4.02 -1.69
C TYR A 48 -2.67 -4.11 -0.17
N ILE A 49 -1.87 -3.29 0.49
CA ILE A 49 -1.74 -3.33 1.94
C ILE A 49 -2.18 -2.01 2.54
N VAL A 50 -3.21 -2.05 3.38
CA VAL A 50 -3.71 -0.86 4.05
C VAL A 50 -3.56 -0.99 5.56
N GLY A 51 -2.62 -0.24 6.10
CA GLY A 51 -2.43 -0.23 7.55
C GLY A 51 -3.27 0.83 8.20
N ASP A 52 -4.14 0.42 9.12
CA ASP A 52 -5.05 1.36 9.78
C ASP A 52 -4.61 1.62 11.22
N TRP A 53 -5.08 2.74 11.75
CA TRP A 53 -4.86 3.12 13.15
C TRP A 53 -6.22 3.35 13.81
N GLY A 54 -7.23 2.61 13.34
CA GLY A 54 -8.62 2.85 13.70
C GLY A 54 -8.85 3.25 15.15
N TYR A 55 -8.34 2.43 16.08
CA TYR A 55 -8.48 2.71 17.50
C TYR A 55 -7.13 2.76 18.18
N GLY A 56 -6.14 3.32 17.49
CA GLY A 56 -4.79 3.42 18.03
C GLY A 56 -4.03 2.13 17.89
N GLN A 57 -4.47 1.29 16.95
CA GLN A 57 -3.85 0.00 16.70
C GLN A 57 -3.36 -0.07 15.26
N LEU A 58 -2.06 -0.14 15.06
CA LEU A 58 -1.49 -0.23 13.72
C LEU A 58 -1.53 -1.68 13.25
N ARG A 59 -2.44 -1.97 12.33
CA ARG A 59 -2.56 -3.31 11.76
C ARG A 59 -2.64 -3.23 10.24
N LEU A 60 -2.11 -4.24 9.57
CA LEU A 60 -2.10 -4.27 8.11
C LEU A 60 -3.26 -5.12 7.60
N LYS A 61 -4.19 -4.47 6.90
CA LYS A 61 -5.35 -5.13 6.31
C LYS A 61 -5.13 -5.29 4.81
N GLY A 62 -5.32 -6.51 4.30
CA GLY A 62 -5.11 -6.77 2.89
C GLY A 62 -6.37 -6.64 2.07
N PHE A 63 -6.24 -6.15 0.84
CA PHE A 63 -7.36 -6.00 -0.07
C PHE A 63 -6.96 -6.41 -1.49
N PHE A 64 -7.96 -6.50 -2.36
CA PHE A 64 -7.75 -6.79 -3.78
C PHE A 64 -8.33 -5.65 -4.60
N ASP A 65 -7.82 -5.46 -5.82
CA ASP A 65 -8.29 -4.38 -6.68
C ASP A 65 -9.77 -4.58 -7.00
N ASP A 66 -10.61 -3.73 -6.43
CA ASP A 66 -12.04 -3.72 -6.71
C ASP A 66 -12.30 -2.92 -7.98
N GLN A 67 -12.08 -1.61 -7.90
CA GLN A 67 -12.10 -0.76 -9.07
C GLN A 67 -10.80 -0.94 -9.83
N ASN A 68 -10.80 -1.89 -10.76
CA ASN A 68 -9.61 -2.27 -11.51
C ASN A 68 -9.02 -1.09 -12.28
N GLN A 69 -7.80 -1.28 -12.78
CA GLN A 69 -7.05 -0.23 -13.49
C GLN A 69 -7.83 0.29 -14.71
N LYS A 70 -8.77 -0.51 -15.20
CA LYS A 70 -9.60 -0.11 -16.34
C LYS A 70 -10.73 0.82 -15.89
N ALA A 71 -10.63 1.32 -14.66
CA ALA A 71 -11.59 2.28 -14.12
C ALA A 71 -10.89 3.59 -13.77
N THR A 72 -11.67 4.60 -13.40
CA THR A 72 -11.12 5.92 -13.08
C THR A 72 -10.16 5.85 -11.90
N PHE A 73 -10.57 5.18 -10.84
CA PHE A 73 -9.76 5.07 -9.63
C PHE A 73 -9.13 3.69 -9.54
N GLU A 74 -7.85 3.60 -9.87
CA GLU A 74 -7.09 2.35 -9.76
C GLU A 74 -6.48 2.23 -8.37
N THR A 75 -7.08 2.92 -7.41
CA THR A 75 -6.59 2.95 -6.03
C THR A 75 -7.76 2.89 -5.04
N LYS A 76 -8.78 3.70 -5.29
CA LYS A 76 -9.96 3.75 -4.42
C LYS A 76 -10.74 2.43 -4.51
N ILE A 77 -10.34 1.46 -3.71
CA ILE A 77 -11.04 0.19 -3.61
C ILE A 77 -12.32 0.37 -2.81
N SER A 78 -13.46 -0.04 -3.38
CA SER A 78 -14.74 0.12 -2.71
C SER A 78 -14.79 -0.73 -1.44
N THR A 79 -14.23 -1.93 -1.54
CA THR A 79 -14.11 -2.84 -0.41
C THR A 79 -13.37 -2.14 0.74
N LEU A 80 -12.37 -1.35 0.38
CA LEU A 80 -11.60 -0.57 1.35
C LEU A 80 -12.49 0.49 1.99
N ASP A 81 -13.29 1.15 1.17
CA ASP A 81 -14.14 2.25 1.64
C ASP A 81 -15.16 1.74 2.65
N GLU A 82 -15.52 0.46 2.55
CA GLU A 82 -16.38 -0.18 3.53
C GLU A 82 -15.64 -0.33 4.86
N TYR A 83 -14.37 -0.73 4.77
CA TYR A 83 -13.51 -0.89 5.94
C TYR A 83 -13.30 0.47 6.62
N ILE A 84 -13.06 1.49 5.81
CA ILE A 84 -12.86 2.85 6.29
C ILE A 84 -14.15 3.38 6.93
N TYR A 85 -15.28 2.99 6.35
CA TYR A 85 -16.61 3.36 6.86
C TYR A 85 -16.76 2.95 8.33
N GLU A 86 -16.24 1.77 8.67
CA GLU A 86 -16.40 1.22 10.01
C GLU A 86 -15.63 2.04 11.05
N TYR A 87 -14.40 2.42 10.71
CA TYR A 87 -13.53 3.13 11.66
C TYR A 87 -13.67 4.64 11.55
N CYS A 88 -13.45 5.16 10.35
CA CYS A 88 -13.36 6.59 10.13
C CYS A 88 -14.72 7.28 10.19
N ASN A 89 -15.09 7.73 11.38
CA ASN A 89 -16.21 8.64 11.56
C ASN A 89 -15.69 10.07 11.68
N PHE A 90 -14.50 10.19 12.27
CA PHE A 90 -13.82 11.47 12.40
C PHE A 90 -12.32 11.25 12.69
N GLY A 91 -12.03 10.71 13.87
CA GLY A 91 -10.65 10.51 14.29
C GLY A 91 -10.12 9.14 13.91
N CYS A 92 -9.31 9.10 12.86
CA CYS A 92 -8.71 7.84 12.40
C CYS A 92 -7.44 8.14 11.61
N ALA A 93 -6.79 7.09 11.13
CA ALA A 93 -5.60 7.21 10.29
C ALA A 93 -5.35 5.90 9.56
N TYR A 94 -4.78 5.96 8.36
CA TYR A 94 -4.45 4.77 7.59
C TYR A 94 -3.60 5.12 6.37
N PHE A 95 -2.99 4.12 5.76
CA PHE A 95 -2.16 4.30 4.57
C PHE A 95 -2.34 3.12 3.61
N VAL A 96 -2.38 3.41 2.31
CA VAL A 96 -2.58 2.39 1.29
C VAL A 96 -1.34 2.24 0.41
N LEU A 97 -0.76 1.04 0.41
CA LEU A 97 0.37 0.72 -0.46
C LEU A 97 -0.10 -0.17 -1.61
N LYS A 98 0.29 0.20 -2.83
CA LYS A 98 -0.10 -0.54 -4.03
C LYS A 98 1.12 -1.19 -4.68
N ARG A 99 0.95 -2.43 -5.16
CA ARG A 99 2.00 -3.14 -5.89
C ARG A 99 2.32 -2.43 -7.21
N ILE A 100 3.59 -2.36 -7.56
CA ILE A 100 4.01 -1.67 -8.79
C ILE A 100 4.20 -2.65 -9.94
N ARG A 101 5.38 -3.27 -10.02
CA ARG A 101 5.72 -4.16 -11.13
C ARG A 101 6.74 -5.20 -10.71
N LYS A 102 7.26 -5.92 -11.71
CA LYS A 102 8.38 -6.83 -11.50
C LYS A 102 9.62 -6.04 -11.12
N LEU A 103 10.26 -6.41 -10.01
CA LEU A 103 11.45 -5.71 -9.52
C LEU A 103 12.53 -5.66 -10.60
N GLU A 104 12.66 -4.48 -11.23
CA GLU A 104 13.70 -4.25 -12.23
C GLU A 104 15.07 -4.46 -11.61
N HIS A 105 15.62 -5.65 -11.81
CA HIS A 105 16.96 -5.98 -11.31
C HIS A 105 17.96 -4.99 -11.88
N HIS A 106 18.53 -4.15 -11.01
CA HIS A 106 19.46 -3.11 -11.43
C HIS A 106 20.64 -3.73 -12.18
N HIS A 107 20.91 -3.20 -13.35
CA HIS A 107 21.87 -3.78 -14.28
C HIS A 107 23.29 -3.74 -13.72
N HIS A 108 24.11 -4.72 -14.09
CA HIS A 108 25.47 -4.83 -13.57
C HIS A 108 26.35 -5.58 -14.56
N HIS A 109 27.56 -5.08 -14.77
CA HIS A 109 28.52 -5.71 -15.67
C HIS A 109 29.21 -6.88 -14.96
N HIS A 110 28.44 -7.95 -14.75
CA HIS A 110 28.90 -9.10 -13.96
C HIS A 110 29.32 -8.65 -12.55
N MET A 1 7.84 -4.46 -27.54
CA MET A 1 6.43 -4.23 -27.13
C MET A 1 6.31 -2.97 -26.29
N ILE A 2 7.07 -2.92 -25.18
CA ILE A 2 7.04 -1.78 -24.28
C ILE A 2 8.23 -0.85 -24.54
N GLY A 3 7.95 0.43 -24.69
CA GLY A 3 8.98 1.43 -24.86
C GLY A 3 8.68 2.64 -24.01
N MET A 4 8.43 2.40 -22.73
CA MET A 4 8.06 3.46 -21.80
C MET A 4 9.01 3.43 -20.59
N SER A 5 9.93 4.40 -20.55
CA SER A 5 10.87 4.51 -19.43
C SER A 5 10.28 5.39 -18.34
N GLU A 6 9.10 5.92 -18.60
CA GLU A 6 8.41 6.79 -17.65
C GLU A 6 7.98 6.01 -16.41
N LYS A 7 8.87 5.95 -15.43
CA LYS A 7 8.60 5.29 -14.16
C LYS A 7 8.11 6.31 -13.14
N ARG A 8 7.29 5.86 -12.19
CA ARG A 8 6.80 6.72 -11.13
C ARG A 8 6.98 6.03 -9.79
N GLY A 9 7.57 6.73 -8.84
CA GLY A 9 7.79 6.19 -7.52
C GLY A 9 8.15 7.28 -6.54
N GLU A 10 7.16 8.06 -6.15
CA GLU A 10 7.36 9.16 -5.21
C GLU A 10 7.81 8.60 -3.87
N ILE A 11 7.14 7.55 -3.43
CA ILE A 11 7.51 6.82 -2.22
C ILE A 11 7.41 5.32 -2.48
N MET A 12 8.46 4.80 -3.09
CA MET A 12 8.55 3.37 -3.44
C MET A 12 9.04 2.57 -2.24
N ILE A 13 8.25 1.58 -1.84
CA ILE A 13 8.57 0.77 -0.67
C ILE A 13 9.06 -0.61 -1.10
N LEU A 14 10.36 -0.78 -1.11
CA LEU A 14 10.99 -2.06 -1.43
C LEU A 14 11.41 -2.76 -0.14
N ILE A 15 10.73 -3.86 0.17
CA ILE A 15 10.97 -4.57 1.43
C ILE A 15 10.98 -6.08 1.18
N GLN A 16 12.00 -6.76 1.73
CA GLN A 16 12.12 -8.21 1.62
C GLN A 16 12.12 -8.66 0.15
N ASN A 17 12.70 -7.82 -0.71
CA ASN A 17 12.78 -8.10 -2.15
C ASN A 17 11.39 -8.09 -2.77
N ALA A 18 10.49 -7.33 -2.16
CA ALA A 18 9.16 -7.10 -2.72
C ALA A 18 9.01 -5.61 -3.05
N GLU A 19 8.35 -5.31 -4.16
CA GLU A 19 8.29 -3.95 -4.69
C GLU A 19 6.88 -3.37 -4.54
N PHE A 20 6.75 -2.34 -3.71
CA PHE A 20 5.48 -1.63 -3.49
C PHE A 20 5.68 -0.13 -3.65
N GLU A 21 4.59 0.63 -3.67
CA GLU A 21 4.66 2.10 -3.64
C GLU A 21 3.46 2.65 -2.85
N LEU A 22 3.61 3.86 -2.34
CA LEU A 22 2.52 4.51 -1.59
C LEU A 22 1.58 5.23 -2.55
N VAL A 23 0.39 4.66 -2.76
CA VAL A 23 -0.58 5.23 -3.69
C VAL A 23 -1.56 6.15 -2.96
N HIS A 24 -1.73 5.94 -1.66
CA HIS A 24 -2.67 6.72 -0.86
C HIS A 24 -2.24 6.75 0.60
N ASN A 25 -2.37 7.91 1.24
CA ASN A 25 -2.06 8.07 2.66
C ASN A 25 -3.10 8.98 3.30
N PHE A 26 -3.31 8.82 4.60
CA PHE A 26 -4.28 9.64 5.33
C PHE A 26 -3.84 9.85 6.77
N LYS A 27 -3.88 11.11 7.20
CA LYS A 27 -3.68 11.47 8.61
C LYS A 27 -2.27 11.10 9.07
N ASP A 28 -1.34 11.03 8.13
CA ASP A 28 0.07 10.73 8.44
C ASP A 28 0.23 9.33 9.02
N GLY A 29 -0.76 8.47 8.75
CA GLY A 29 -0.74 7.11 9.25
C GLY A 29 0.40 6.29 8.67
N PHE A 30 0.84 6.67 7.47
CA PHE A 30 1.93 5.95 6.80
C PHE A 30 3.23 6.06 7.58
N ASN A 31 3.54 5.02 8.34
CA ASN A 31 4.81 4.91 9.05
C ASN A 31 5.50 3.63 8.64
N GLU A 32 6.59 3.75 7.87
CA GLU A 32 7.34 2.59 7.40
C GLU A 32 7.69 1.66 8.57
N GLU A 33 8.09 2.26 9.68
CA GLU A 33 8.46 1.54 10.90
C GLU A 33 7.33 0.58 11.33
N ALA A 34 6.09 1.04 11.20
CA ALA A 34 4.93 0.25 11.59
C ALA A 34 4.62 -0.80 10.53
N PHE A 35 4.79 -0.40 9.26
CA PHE A 35 4.56 -1.29 8.14
C PHE A 35 5.49 -2.50 8.20
N LYS A 36 6.80 -2.24 8.25
CA LYS A 36 7.81 -3.29 8.22
C LYS A 36 7.74 -4.17 9.47
N ALA A 37 7.16 -3.64 10.54
CA ALA A 37 7.03 -4.38 11.80
C ALA A 37 5.84 -5.33 11.77
N ARG A 38 4.91 -5.09 10.84
CA ARG A 38 3.69 -5.89 10.73
C ARG A 38 3.64 -6.66 9.41
N TYR A 39 4.51 -6.28 8.47
CA TYR A 39 4.49 -6.86 7.13
C TYR A 39 4.77 -8.36 7.16
N SER A 40 4.02 -9.09 6.34
CA SER A 40 4.19 -10.52 6.16
C SER A 40 3.90 -10.89 4.71
N ASP A 41 4.58 -11.91 4.20
CA ASP A 41 4.46 -12.31 2.79
C ASP A 41 3.01 -12.63 2.41
N ILE A 42 2.25 -13.11 3.38
CA ILE A 42 0.83 -13.46 3.18
C ILE A 42 0.03 -12.24 2.68
N LEU A 43 0.51 -11.05 2.97
CA LEU A 43 -0.19 -9.82 2.62
C LEU A 43 0.03 -9.46 1.15
N ASN A 44 1.16 -9.88 0.59
CA ASN A 44 1.53 -9.52 -0.78
C ASN A 44 0.49 -10.01 -1.80
N LYS A 45 -0.13 -11.14 -1.52
CA LYS A 45 -1.06 -11.79 -2.46
C LYS A 45 -2.35 -10.98 -2.64
N TYR A 46 -2.49 -9.89 -1.89
CA TYR A 46 -3.65 -9.02 -2.01
C TYR A 46 -3.41 -7.92 -3.04
N ASP A 47 -2.14 -7.66 -3.34
CA ASP A 47 -1.73 -6.61 -4.31
C ASP A 47 -1.99 -5.21 -3.75
N TYR A 48 -2.54 -5.15 -2.53
CA TYR A 48 -2.83 -3.89 -1.85
C TYR A 48 -2.67 -4.06 -0.34
N ILE A 49 -1.85 -3.22 0.26
CA ILE A 49 -1.61 -3.26 1.70
C ILE A 49 -2.20 -2.02 2.35
N VAL A 50 -3.21 -2.22 3.20
CA VAL A 50 -3.86 -1.12 3.90
C VAL A 50 -3.69 -1.30 5.41
N GLY A 51 -2.94 -0.39 6.02
CA GLY A 51 -2.73 -0.44 7.46
C GLY A 51 -3.32 0.77 8.16
N ASP A 52 -4.23 0.53 9.09
CA ASP A 52 -4.85 1.60 9.86
C ASP A 52 -4.54 1.44 11.34
N TRP A 53 -4.33 2.56 12.02
CA TRP A 53 -4.06 2.54 13.46
C TRP A 53 -5.36 2.31 14.23
N GLY A 54 -6.46 2.85 13.69
CA GLY A 54 -7.75 2.76 14.36
C GLY A 54 -7.71 3.35 15.75
N TYR A 55 -7.46 2.50 16.74
CA TYR A 55 -7.35 2.93 18.12
C TYR A 55 -5.89 3.22 18.48
N GLY A 56 -4.98 2.51 17.82
CA GLY A 56 -3.56 2.67 18.09
C GLY A 56 -2.76 1.46 17.63
N GLN A 57 -3.35 0.27 17.79
CA GLN A 57 -2.71 -0.97 17.37
C GLN A 57 -2.71 -1.09 15.85
N LEU A 58 -1.65 -0.57 15.23
CA LEU A 58 -1.49 -0.58 13.78
C LEU A 58 -1.46 -2.03 13.25
N ARG A 59 -2.49 -2.38 12.47
CA ARG A 59 -2.57 -3.70 11.84
C ARG A 59 -2.69 -3.53 10.32
N LEU A 60 -2.06 -4.43 9.57
CA LEU A 60 -2.13 -4.44 8.11
C LEU A 60 -3.24 -5.38 7.64
N LYS A 61 -4.05 -4.90 6.70
CA LYS A 61 -5.11 -5.70 6.09
C LYS A 61 -5.02 -5.56 4.58
N GLY A 62 -5.21 -6.66 3.87
CA GLY A 62 -5.14 -6.64 2.42
C GLY A 62 -6.51 -6.48 1.79
N PHE A 63 -6.55 -5.80 0.65
CA PHE A 63 -7.78 -5.61 -0.11
C PHE A 63 -7.50 -5.78 -1.60
N PHE A 64 -8.57 -5.91 -2.38
CA PHE A 64 -8.45 -6.04 -3.83
C PHE A 64 -9.09 -4.84 -4.52
N ASP A 65 -8.52 -4.44 -5.66
CA ASP A 65 -9.01 -3.28 -6.40
C ASP A 65 -10.39 -3.54 -6.98
N ASP A 66 -11.36 -2.72 -6.58
CA ASP A 66 -12.72 -2.79 -7.12
C ASP A 66 -12.79 -1.99 -8.42
N GLN A 67 -12.31 -0.75 -8.35
CA GLN A 67 -12.33 0.15 -9.48
C GLN A 67 -11.17 -0.13 -10.43
N ASN A 68 -11.43 -0.98 -11.42
CA ASN A 68 -10.48 -1.25 -12.49
C ASN A 68 -11.26 -1.54 -13.76
N GLN A 69 -10.65 -1.22 -14.92
CA GLN A 69 -11.34 -1.31 -16.21
C GLN A 69 -12.48 -0.28 -16.27
N LYS A 70 -12.25 0.79 -17.02
CA LYS A 70 -13.17 1.94 -17.06
C LYS A 70 -13.31 2.52 -15.65
N ALA A 71 -12.24 2.39 -14.88
CA ALA A 71 -12.21 2.84 -13.48
C ALA A 71 -12.35 4.35 -13.37
N THR A 72 -13.00 4.80 -12.31
CA THR A 72 -13.05 6.23 -11.99
C THR A 72 -11.64 6.72 -11.68
N PHE A 73 -10.82 5.83 -11.14
CA PHE A 73 -9.42 6.11 -10.83
C PHE A 73 -8.74 4.80 -10.43
N GLU A 74 -7.48 4.62 -10.84
CA GLU A 74 -6.73 3.42 -10.50
C GLU A 74 -6.44 3.38 -9.00
N THR A 75 -6.15 2.18 -8.49
CA THR A 75 -5.86 1.95 -7.06
C THR A 75 -6.99 2.42 -6.15
N LYS A 76 -8.20 2.54 -6.72
CA LYS A 76 -9.38 2.93 -5.95
C LYS A 76 -10.16 1.69 -5.52
N ILE A 77 -10.26 1.50 -4.20
CA ILE A 77 -10.96 0.34 -3.64
C ILE A 77 -12.26 0.79 -2.96
N SER A 78 -13.39 0.26 -3.42
CA SER A 78 -14.70 0.67 -2.93
C SER A 78 -15.01 0.01 -1.58
N THR A 79 -14.69 -1.28 -1.46
CA THR A 79 -14.96 -2.02 -0.24
C THR A 79 -14.08 -1.49 0.92
N LEU A 80 -13.05 -0.73 0.55
CA LEU A 80 -12.16 -0.12 1.53
C LEU A 80 -12.90 0.94 2.34
N ASP A 81 -13.74 1.72 1.67
CA ASP A 81 -14.52 2.78 2.33
C ASP A 81 -15.38 2.19 3.44
N GLU A 82 -15.97 1.02 3.16
CA GLU A 82 -16.79 0.32 4.14
C GLU A 82 -15.98 -0.01 5.37
N TYR A 83 -14.80 -0.61 5.15
CA TYR A 83 -13.92 -1.02 6.23
C TYR A 83 -13.53 0.19 7.09
N ILE A 84 -13.11 1.25 6.43
CA ILE A 84 -12.71 2.47 7.11
C ILE A 84 -13.88 3.03 7.92
N TYR A 85 -15.07 3.00 7.34
CA TYR A 85 -16.28 3.52 7.99
C TYR A 85 -16.59 2.74 9.27
N GLU A 86 -16.48 1.42 9.19
CA GLU A 86 -16.77 0.55 10.33
C GLU A 86 -15.86 0.89 11.52
N TYR A 87 -14.65 1.32 11.21
CA TYR A 87 -13.64 1.60 12.24
C TYR A 87 -13.50 3.09 12.50
N CYS A 88 -13.99 3.93 11.58
CA CYS A 88 -13.73 5.36 11.65
C CYS A 88 -14.80 6.20 10.96
N ASN A 89 -15.44 7.06 11.73
CA ASN A 89 -16.22 8.16 11.19
C ASN A 89 -15.43 9.45 11.41
N PHE A 90 -14.88 9.58 12.61
CA PHE A 90 -13.96 10.67 12.96
C PHE A 90 -12.86 10.14 13.88
N GLY A 91 -11.81 9.58 13.29
CA GLY A 91 -10.69 9.08 14.08
C GLY A 91 -10.04 7.85 13.46
N CYS A 92 -8.99 8.07 12.68
CA CYS A 92 -8.28 7.00 11.98
C CYS A 92 -7.06 7.55 11.24
N ALA A 93 -6.21 6.65 10.78
CA ALA A 93 -5.01 7.01 10.04
C ALA A 93 -4.47 5.79 9.31
N TYR A 94 -4.67 5.73 8.00
CA TYR A 94 -4.33 4.54 7.23
C TYR A 94 -3.52 4.89 5.99
N PHE A 95 -2.86 3.88 5.45
CA PHE A 95 -2.07 4.02 4.22
C PHE A 95 -2.38 2.86 3.28
N VAL A 96 -2.33 3.12 1.97
CA VAL A 96 -2.57 2.11 0.95
C VAL A 96 -1.38 1.97 0.02
N LEU A 97 -0.76 0.79 0.01
CA LEU A 97 0.32 0.47 -0.90
C LEU A 97 -0.17 -0.51 -1.97
N LYS A 98 0.42 -0.44 -3.16
CA LYS A 98 0.10 -1.38 -4.23
C LYS A 98 1.33 -2.19 -4.60
N ARG A 99 1.12 -3.44 -5.02
CA ARG A 99 2.19 -4.30 -5.46
C ARG A 99 2.61 -3.95 -6.87
N ILE A 100 3.82 -3.42 -7.02
CA ILE A 100 4.35 -3.02 -8.31
C ILE A 100 4.74 -4.25 -9.13
N ARG A 101 5.10 -4.04 -10.40
CA ARG A 101 5.47 -5.13 -11.31
C ARG A 101 6.52 -6.06 -10.69
N LYS A 102 7.77 -5.62 -10.64
CA LYS A 102 8.85 -6.45 -10.09
C LYS A 102 10.18 -5.69 -10.09
N LEU A 103 11.08 -6.13 -9.21
CA LEU A 103 12.34 -5.44 -8.96
C LEU A 103 13.19 -5.40 -10.22
N GLU A 104 13.45 -4.19 -10.73
CA GLU A 104 14.33 -4.01 -11.88
C GLU A 104 15.80 -4.17 -11.46
N HIS A 105 16.45 -5.22 -11.96
CA HIS A 105 17.86 -5.45 -11.70
C HIS A 105 18.70 -4.51 -12.56
N HIS A 106 19.13 -3.39 -11.98
CA HIS A 106 19.90 -2.39 -12.70
C HIS A 106 21.28 -2.95 -13.03
N HIS A 107 21.36 -3.62 -14.19
CA HIS A 107 22.58 -4.31 -14.62
C HIS A 107 23.77 -3.35 -14.78
N HIS A 108 23.48 -2.07 -15.04
CA HIS A 108 24.53 -1.09 -15.19
C HIS A 108 25.16 -0.76 -13.83
N HIS A 109 26.08 -1.61 -13.41
CA HIS A 109 26.80 -1.44 -12.16
C HIS A 109 28.05 -2.31 -12.15
N HIS A 110 29.21 -1.68 -12.12
CA HIS A 110 30.48 -2.39 -12.07
C HIS A 110 30.74 -2.90 -10.66
N MET A 1 19.45 1.74 -27.20
CA MET A 1 18.00 1.63 -26.95
C MET A 1 17.61 2.39 -25.69
N ILE A 2 16.79 3.43 -25.86
CA ILE A 2 16.27 4.20 -24.73
C ILE A 2 14.88 3.70 -24.37
N GLY A 3 14.80 2.78 -23.42
CA GLY A 3 13.53 2.22 -23.01
C GLY A 3 13.13 2.63 -21.61
N MET A 4 14.07 3.24 -20.89
CA MET A 4 13.85 3.64 -19.49
C MET A 4 12.63 4.56 -19.35
N SER A 5 11.52 3.98 -18.90
CA SER A 5 10.31 4.73 -18.63
C SER A 5 10.19 4.96 -17.12
N GLU A 6 10.41 6.20 -16.69
CA GLU A 6 10.50 6.55 -15.27
C GLU A 6 9.37 7.51 -14.88
N LYS A 7 9.69 8.45 -13.97
CA LYS A 7 8.79 9.52 -13.53
C LYS A 7 7.78 9.02 -12.50
N ARG A 8 7.14 7.88 -12.77
CA ARG A 8 6.20 7.30 -11.82
C ARG A 8 6.94 6.80 -10.58
N GLY A 9 7.11 7.69 -9.63
CA GLY A 9 7.79 7.37 -8.39
C GLY A 9 7.82 8.55 -7.46
N GLU A 10 7.18 8.43 -6.30
CA GLU A 10 7.18 9.48 -5.29
C GLU A 10 7.68 8.89 -3.98
N ILE A 11 6.93 7.93 -3.45
CA ILE A 11 7.32 7.19 -2.25
C ILE A 11 7.10 5.68 -2.49
N MET A 12 8.14 5.04 -3.01
CA MET A 12 8.11 3.61 -3.32
C MET A 12 8.64 2.80 -2.14
N ILE A 13 7.93 1.72 -1.80
CA ILE A 13 8.28 0.88 -0.67
C ILE A 13 8.69 -0.52 -1.15
N LEU A 14 10.00 -0.75 -1.23
CA LEU A 14 10.52 -2.05 -1.66
C LEU A 14 10.81 -2.93 -0.44
N ILE A 15 10.06 -4.02 -0.30
CA ILE A 15 10.19 -4.91 0.84
C ILE A 15 9.83 -6.35 0.44
N GLN A 16 10.63 -7.31 0.90
CA GLN A 16 10.38 -8.74 0.66
C GLN A 16 10.26 -9.06 -0.83
N ASN A 17 11.21 -8.54 -1.62
CA ASN A 17 11.29 -8.80 -3.07
C ASN A 17 10.14 -8.13 -3.81
N ALA A 18 9.41 -7.25 -3.12
CA ALA A 18 8.24 -6.59 -3.69
C ALA A 18 8.42 -5.09 -3.74
N GLU A 19 7.82 -4.46 -4.75
CA GLU A 19 7.90 -3.01 -4.94
C GLU A 19 6.50 -2.38 -4.82
N PHE A 20 6.30 -1.59 -3.77
CA PHE A 20 5.02 -0.91 -3.54
C PHE A 20 5.17 0.59 -3.74
N GLU A 21 4.05 1.31 -3.72
CA GLU A 21 4.06 2.77 -3.69
C GLU A 21 2.95 3.28 -2.78
N LEU A 22 3.18 4.42 -2.14
CA LEU A 22 2.19 5.05 -1.28
C LEU A 22 1.15 5.80 -2.12
N VAL A 23 -0.03 5.21 -2.26
CA VAL A 23 -1.09 5.79 -3.09
C VAL A 23 -2.05 6.63 -2.26
N HIS A 24 -1.99 6.49 -0.93
CA HIS A 24 -2.86 7.25 -0.04
C HIS A 24 -2.26 7.31 1.36
N ASN A 25 -2.24 8.51 1.94
CA ASN A 25 -1.79 8.70 3.31
C ASN A 25 -2.66 9.76 3.97
N PHE A 26 -2.87 9.64 5.27
CA PHE A 26 -3.75 10.55 6.00
C PHE A 26 -3.29 10.67 7.44
N LYS A 27 -3.05 11.91 7.88
CA LYS A 27 -2.57 12.20 9.24
C LYS A 27 -1.27 11.45 9.53
N ASP A 28 -0.44 11.31 8.51
CA ASP A 28 0.85 10.64 8.60
C ASP A 28 0.69 9.23 9.18
N GLY A 29 -0.44 8.60 8.88
CA GLY A 29 -0.67 7.23 9.28
C GLY A 29 0.38 6.30 8.72
N PHE A 30 0.94 6.69 7.58
CA PHE A 30 2.03 5.94 6.96
C PHE A 30 3.28 6.00 7.85
N ASN A 31 3.55 4.90 8.53
CA ASN A 31 4.74 4.77 9.36
C ASN A 31 5.49 3.50 8.97
N GLU A 32 6.52 3.66 8.15
CA GLU A 32 7.24 2.54 7.54
C GLU A 32 7.66 1.49 8.57
N GLU A 33 8.18 1.95 9.71
CA GLU A 33 8.62 1.03 10.77
C GLU A 33 7.48 0.11 11.21
N ALA A 34 6.30 0.70 11.40
CA ALA A 34 5.12 -0.06 11.81
C ALA A 34 4.65 -0.97 10.67
N PHE A 35 4.76 -0.46 9.45
CA PHE A 35 4.39 -1.21 8.25
C PHE A 35 5.20 -2.51 8.17
N LYS A 36 6.51 -2.36 8.06
CA LYS A 36 7.41 -3.51 7.90
C LYS A 36 7.36 -4.43 9.10
N ALA A 37 7.07 -3.86 10.28
CA ALA A 37 6.98 -4.63 11.51
C ALA A 37 5.72 -5.50 11.53
N ARG A 38 4.67 -5.05 10.84
CA ARG A 38 3.40 -5.77 10.82
C ARG A 38 3.16 -6.43 9.45
N TYR A 39 4.10 -6.24 8.52
CA TYR A 39 3.98 -6.85 7.20
C TYR A 39 4.27 -8.35 7.29
N SER A 40 3.48 -9.15 6.60
CA SER A 40 3.61 -10.59 6.64
C SER A 40 3.35 -11.19 5.25
N ASP A 41 3.82 -12.42 5.05
CA ASP A 41 3.73 -13.12 3.76
C ASP A 41 2.26 -13.35 3.38
N ILE A 42 1.41 -13.52 4.39
CA ILE A 42 -0.02 -13.70 4.17
C ILE A 42 -0.61 -12.50 3.42
N LEU A 43 -0.01 -11.33 3.61
CA LEU A 43 -0.47 -10.10 2.99
C LEU A 43 0.14 -9.94 1.59
N ASN A 44 1.25 -10.62 1.36
CA ASN A 44 1.98 -10.55 0.10
C ASN A 44 1.10 -11.00 -1.08
N LYS A 45 0.14 -11.87 -0.79
CA LYS A 45 -0.71 -12.46 -1.82
C LYS A 45 -1.72 -11.45 -2.38
N TYR A 46 -1.92 -10.34 -1.67
CA TYR A 46 -2.96 -9.38 -2.03
C TYR A 46 -2.49 -8.34 -3.06
N ASP A 47 -1.22 -7.94 -2.97
CA ASP A 47 -0.64 -6.88 -3.82
C ASP A 47 -1.15 -5.49 -3.43
N TYR A 48 -2.00 -5.43 -2.40
CA TYR A 48 -2.51 -4.17 -1.86
C TYR A 48 -2.50 -4.23 -0.34
N ILE A 49 -1.81 -3.31 0.29
CA ILE A 49 -1.67 -3.30 1.74
C ILE A 49 -2.22 -2.01 2.33
N VAL A 50 -3.23 -2.13 3.18
CA VAL A 50 -3.81 -0.98 3.87
C VAL A 50 -3.53 -1.08 5.36
N GLY A 51 -3.16 0.03 5.98
CA GLY A 51 -2.88 0.04 7.40
C GLY A 51 -3.66 1.12 8.12
N ASP A 52 -4.43 0.74 9.12
CA ASP A 52 -5.24 1.69 9.89
C ASP A 52 -4.79 1.71 11.35
N TRP A 53 -4.98 2.85 11.99
CA TRP A 53 -4.71 3.02 13.42
C TRP A 53 -6.02 3.15 14.18
N GLY A 54 -7.06 2.47 13.67
CA GLY A 54 -8.41 2.61 14.21
C GLY A 54 -8.47 2.42 15.72
N TYR A 55 -8.00 1.27 16.19
CA TYR A 55 -8.02 0.96 17.62
C TYR A 55 -6.69 1.36 18.28
N GLY A 56 -5.97 2.27 17.62
CA GLY A 56 -4.65 2.65 18.09
C GLY A 56 -3.63 1.54 17.89
N GLN A 57 -4.00 0.57 17.06
CA GLN A 57 -3.16 -0.58 16.77
C GLN A 57 -2.97 -0.69 15.25
N LEU A 58 -1.73 -0.51 14.79
CA LEU A 58 -1.46 -0.55 13.36
C LEU A 58 -1.55 -1.99 12.85
N ARG A 59 -2.60 -2.26 12.07
CA ARG A 59 -2.76 -3.54 11.42
C ARG A 59 -2.78 -3.36 9.91
N LEU A 60 -2.11 -4.27 9.21
CA LEU A 60 -2.09 -4.24 7.75
C LEU A 60 -3.10 -5.24 7.20
N LYS A 61 -4.14 -4.72 6.57
CA LYS A 61 -5.18 -5.55 5.96
C LYS A 61 -4.97 -5.55 4.44
N GLY A 62 -4.92 -6.73 3.85
CA GLY A 62 -4.68 -6.83 2.42
C GLY A 62 -5.96 -6.90 1.62
N PHE A 63 -5.94 -6.34 0.42
CA PHE A 63 -7.08 -6.37 -0.49
C PHE A 63 -6.61 -6.73 -1.91
N PHE A 64 -7.54 -7.13 -2.76
CA PHE A 64 -7.24 -7.38 -4.17
C PHE A 64 -7.76 -6.21 -5.01
N ASP A 65 -7.22 -6.06 -6.22
CA ASP A 65 -7.68 -5.00 -7.13
C ASP A 65 -9.17 -5.17 -7.40
N ASP A 66 -9.92 -4.11 -7.12
CA ASP A 66 -11.37 -4.13 -7.33
C ASP A 66 -11.76 -3.29 -8.54
N GLN A 67 -11.79 -1.97 -8.36
CA GLN A 67 -12.04 -1.07 -9.48
C GLN A 67 -10.72 -0.79 -10.20
N ASN A 68 -10.24 -1.81 -10.90
CA ASN A 68 -8.98 -1.73 -11.65
C ASN A 68 -9.24 -1.09 -13.01
N GLN A 69 -10.52 -0.89 -13.32
CA GLN A 69 -10.92 -0.18 -14.52
C GLN A 69 -10.75 1.32 -14.30
N LYS A 70 -10.14 2.00 -15.27
CA LYS A 70 -9.95 3.44 -15.17
C LYS A 70 -11.29 4.16 -15.17
N ALA A 71 -11.84 4.37 -13.99
CA ALA A 71 -13.04 5.17 -13.80
C ALA A 71 -12.73 6.29 -12.82
N THR A 72 -12.09 7.33 -13.33
CA THR A 72 -11.55 8.43 -12.52
C THR A 72 -10.30 7.99 -11.76
N PHE A 73 -10.40 6.83 -11.09
CA PHE A 73 -9.28 6.27 -10.35
C PHE A 73 -8.78 4.99 -11.04
N GLU A 74 -7.60 4.53 -10.63
CA GLU A 74 -7.03 3.28 -11.15
C GLU A 74 -6.64 2.35 -10.00
N THR A 75 -6.79 2.85 -8.76
CA THR A 75 -6.48 2.07 -7.57
C THR A 75 -7.66 2.09 -6.59
N LYS A 76 -8.86 2.29 -7.13
CA LYS A 76 -10.07 2.36 -6.33
C LYS A 76 -10.51 0.95 -5.90
N ILE A 77 -10.79 0.79 -4.62
CA ILE A 77 -11.28 -0.47 -4.08
C ILE A 77 -12.54 -0.20 -3.26
N SER A 78 -13.69 -0.66 -3.74
CA SER A 78 -14.97 -0.39 -3.09
C SER A 78 -14.98 -0.91 -1.64
N THR A 79 -14.43 -2.11 -1.43
CA THR A 79 -14.43 -2.70 -0.10
C THR A 79 -13.45 -1.98 0.83
N LEU A 80 -12.60 -1.12 0.27
CA LEU A 80 -11.70 -0.29 1.07
C LEU A 80 -12.52 0.70 1.89
N ASP A 81 -13.44 1.38 1.20
CA ASP A 81 -14.37 2.31 1.85
C ASP A 81 -15.09 1.61 3.00
N GLU A 82 -15.57 0.40 2.71
CA GLU A 82 -16.29 -0.41 3.69
C GLU A 82 -15.43 -0.65 4.93
N TYR A 83 -14.15 -0.96 4.71
CA TYR A 83 -13.23 -1.28 5.79
C TYR A 83 -12.92 -0.03 6.61
N ILE A 84 -12.57 1.05 5.92
CA ILE A 84 -12.21 2.30 6.58
C ILE A 84 -13.39 2.84 7.39
N TYR A 85 -14.59 2.65 6.85
CA TYR A 85 -15.83 3.14 7.48
C TYR A 85 -15.98 2.57 8.89
N GLU A 86 -15.48 1.35 9.09
CA GLU A 86 -15.58 0.69 10.39
C GLU A 86 -14.77 1.43 11.46
N TYR A 87 -13.68 2.07 11.04
CA TYR A 87 -12.77 2.73 11.98
C TYR A 87 -12.90 4.25 11.87
N CYS A 88 -12.54 4.77 10.70
CA CYS A 88 -12.35 6.20 10.51
C CYS A 88 -13.47 6.80 9.67
N ASN A 89 -14.26 7.67 10.28
CA ASN A 89 -15.34 8.38 9.58
C ASN A 89 -14.96 9.84 9.36
N PHE A 90 -14.25 10.41 10.33
CA PHE A 90 -13.94 11.85 10.33
C PHE A 90 -12.50 12.10 9.89
N GLY A 91 -11.84 11.05 9.40
CA GLY A 91 -10.46 11.19 8.94
C GLY A 91 -9.46 11.08 10.08
N CYS A 92 -8.53 10.15 9.95
CA CYS A 92 -7.50 9.92 10.96
C CYS A 92 -6.30 9.19 10.33
N ALA A 93 -5.42 8.68 11.18
CA ALA A 93 -4.18 8.05 10.71
C ALA A 93 -4.45 6.69 10.02
N TYR A 94 -4.16 6.64 8.72
CA TYR A 94 -4.17 5.39 7.96
C TYR A 94 -3.48 5.61 6.61
N PHE A 95 -3.17 4.52 5.90
CA PHE A 95 -2.48 4.61 4.62
C PHE A 95 -2.81 3.42 3.71
N VAL A 96 -2.52 3.57 2.41
CA VAL A 96 -2.78 2.53 1.41
C VAL A 96 -1.59 2.40 0.44
N LEU A 97 -1.15 1.17 0.22
CA LEU A 97 -0.03 0.88 -0.69
C LEU A 97 -0.46 -0.06 -1.83
N LYS A 98 0.07 0.18 -3.03
CA LYS A 98 -0.13 -0.70 -4.18
C LYS A 98 1.21 -1.26 -4.64
N ARG A 99 1.25 -2.53 -5.03
CA ARG A 99 2.48 -3.11 -5.56
C ARG A 99 2.61 -2.85 -7.06
N ILE A 100 3.70 -2.20 -7.44
CA ILE A 100 3.96 -1.83 -8.84
C ILE A 100 4.15 -3.07 -9.71
N ARG A 101 4.57 -4.17 -9.09
CA ARG A 101 4.82 -5.45 -9.78
C ARG A 101 6.13 -5.41 -10.56
N LYS A 102 6.49 -4.22 -11.09
CA LYS A 102 7.66 -4.06 -11.95
C LYS A 102 8.97 -4.06 -11.14
N LEU A 103 8.95 -4.74 -9.99
CA LEU A 103 10.14 -4.93 -9.18
C LEU A 103 11.24 -5.59 -10.01
N GLU A 104 12.37 -4.91 -10.14
CA GLU A 104 13.51 -5.44 -10.86
C GLU A 104 14.76 -5.34 -10.00
N HIS A 105 15.23 -6.49 -9.54
CA HIS A 105 16.41 -6.56 -8.67
C HIS A 105 17.01 -7.95 -8.78
N HIS A 106 18.28 -8.03 -9.19
CA HIS A 106 18.96 -9.32 -9.37
C HIS A 106 18.96 -10.11 -8.06
N HIS A 107 17.94 -10.94 -7.88
CA HIS A 107 17.86 -11.81 -6.70
C HIS A 107 18.96 -12.86 -6.78
N HIS A 108 19.48 -13.27 -5.62
CA HIS A 108 20.62 -14.19 -5.55
C HIS A 108 20.36 -15.45 -6.38
N HIS A 109 21.35 -15.80 -7.20
CA HIS A 109 21.23 -16.91 -8.14
C HIS A 109 21.17 -18.25 -7.41
N HIS A 110 20.45 -19.20 -8.00
CA HIS A 110 20.34 -20.56 -7.47
C HIS A 110 20.34 -21.55 -8.62
N MET A 1 19.37 -4.34 -8.98
CA MET A 1 18.66 -4.16 -10.27
C MET A 1 18.46 -2.68 -10.56
N ILE A 2 18.38 -2.33 -11.84
CA ILE A 2 18.18 -0.94 -12.28
C ILE A 2 17.13 -0.90 -13.38
N GLY A 3 16.80 0.30 -13.85
CA GLY A 3 15.86 0.45 -14.94
C GLY A 3 15.33 1.86 -15.07
N MET A 4 15.08 2.27 -16.31
CA MET A 4 14.51 3.60 -16.58
C MET A 4 12.99 3.50 -16.74
N SER A 5 12.42 2.45 -16.17
CA SER A 5 10.98 2.25 -16.16
C SER A 5 10.47 2.32 -14.71
N GLU A 6 11.09 3.22 -13.95
CA GLU A 6 10.75 3.40 -12.53
C GLU A 6 9.29 3.83 -12.36
N LYS A 7 8.84 4.69 -13.28
CA LYS A 7 7.47 5.23 -13.27
C LYS A 7 7.15 5.89 -11.93
N ARG A 8 7.55 7.15 -11.81
CA ARG A 8 7.34 7.95 -10.60
C ARG A 8 7.99 7.30 -9.37
N GLY A 9 7.28 6.37 -8.73
CA GLY A 9 7.76 5.81 -7.48
C GLY A 9 8.06 6.90 -6.47
N GLU A 10 7.07 7.75 -6.21
CA GLU A 10 7.22 8.89 -5.34
C GLU A 10 7.76 8.44 -3.98
N ILE A 11 6.94 7.65 -3.28
CA ILE A 11 7.34 7.03 -2.03
C ILE A 11 7.32 5.52 -2.21
N MET A 12 8.43 5.01 -2.72
CA MET A 12 8.60 3.60 -3.00
C MET A 12 8.93 2.83 -1.72
N ILE A 13 8.24 1.73 -1.50
CA ILE A 13 8.45 0.90 -0.32
C ILE A 13 8.93 -0.49 -0.75
N LEU A 14 10.24 -0.72 -0.65
CA LEU A 14 10.82 -1.99 -1.07
C LEU A 14 10.99 -2.91 0.14
N ILE A 15 10.20 -3.99 0.17
CA ILE A 15 10.26 -4.92 1.28
C ILE A 15 9.88 -6.33 0.82
N GLN A 16 10.62 -7.32 1.30
CA GLN A 16 10.36 -8.74 1.00
C GLN A 16 10.33 -8.99 -0.52
N ASN A 17 11.31 -8.43 -1.23
CA ASN A 17 11.48 -8.67 -2.67
C ASN A 17 10.29 -8.15 -3.47
N ALA A 18 9.63 -7.11 -2.96
CA ALA A 18 8.50 -6.50 -3.65
C ALA A 18 8.59 -4.97 -3.59
N GLU A 19 8.35 -4.32 -4.72
CA GLU A 19 8.35 -2.86 -4.81
C GLU A 19 6.92 -2.34 -4.67
N PHE A 20 6.66 -1.58 -3.62
CA PHE A 20 5.34 -0.99 -3.38
C PHE A 20 5.37 0.51 -3.64
N GLU A 21 4.19 1.09 -3.86
CA GLU A 21 4.05 2.54 -3.96
C GLU A 21 3.02 3.02 -2.94
N LEU A 22 3.36 4.09 -2.20
CA LEU A 22 2.41 4.71 -1.28
C LEU A 22 1.43 5.56 -2.07
N VAL A 23 0.21 5.05 -2.25
CA VAL A 23 -0.78 5.69 -3.11
C VAL A 23 -1.63 6.68 -2.33
N HIS A 24 -1.75 6.46 -1.01
CA HIS A 24 -2.51 7.38 -0.16
C HIS A 24 -2.00 7.29 1.28
N ASN A 25 -1.76 8.43 1.88
CA ASN A 25 -1.33 8.52 3.28
C ASN A 25 -2.24 9.47 4.02
N PHE A 26 -3.07 8.92 4.90
CA PHE A 26 -4.10 9.71 5.58
C PHE A 26 -3.61 10.17 6.94
N LYS A 27 -3.43 11.48 7.10
CA LYS A 27 -3.01 12.08 8.36
C LYS A 27 -1.65 11.52 8.81
N ASP A 28 -0.79 11.23 7.84
CA ASP A 28 0.55 10.69 8.11
C ASP A 28 0.45 9.37 8.87
N GLY A 29 -0.63 8.64 8.64
CA GLY A 29 -0.80 7.33 9.27
C GLY A 29 0.27 6.35 8.88
N PHE A 30 0.94 6.62 7.76
CA PHE A 30 2.03 5.78 7.27
C PHE A 30 3.28 5.95 8.12
N ASN A 31 3.91 4.82 8.44
CA ASN A 31 5.19 4.81 9.13
C ASN A 31 5.94 3.54 8.73
N GLU A 32 7.14 3.72 8.17
CA GLU A 32 7.89 2.62 7.57
C GLU A 32 8.25 1.54 8.58
N GLU A 33 8.85 1.95 9.70
CA GLU A 33 9.33 0.99 10.70
C GLU A 33 8.17 0.21 11.33
N ALA A 34 7.01 0.86 11.46
CA ALA A 34 5.81 0.19 11.95
C ALA A 34 5.25 -0.78 10.90
N PHE A 35 5.27 -0.33 9.64
CA PHE A 35 4.77 -1.12 8.52
C PHE A 35 5.55 -2.43 8.39
N LYS A 36 6.87 -2.31 8.22
CA LYS A 36 7.74 -3.47 7.99
C LYS A 36 7.63 -4.49 9.12
N ALA A 37 7.36 -4.00 10.34
CA ALA A 37 7.26 -4.86 11.50
C ALA A 37 6.03 -5.75 11.42
N ARG A 38 4.95 -5.22 10.84
CA ARG A 38 3.66 -5.93 10.81
C ARG A 38 3.35 -6.47 9.42
N TYR A 39 4.21 -6.19 8.45
CA TYR A 39 4.05 -6.74 7.10
C TYR A 39 4.49 -8.19 7.07
N SER A 40 3.86 -8.98 6.20
CA SER A 40 4.19 -10.38 6.04
C SER A 40 3.92 -10.81 4.59
N ASP A 41 4.62 -11.84 4.14
CA ASP A 41 4.52 -12.32 2.76
C ASP A 41 3.11 -12.81 2.43
N ILE A 42 2.36 -13.20 3.45
CA ILE A 42 0.97 -13.63 3.28
C ILE A 42 0.13 -12.50 2.71
N LEU A 43 0.53 -11.27 3.00
CA LEU A 43 -0.23 -10.09 2.59
C LEU A 43 0.10 -9.67 1.16
N ASN A 44 1.23 -10.16 0.65
CA ASN A 44 1.74 -9.73 -0.66
C ASN A 44 0.79 -10.12 -1.79
N LYS A 45 0.13 -11.26 -1.64
CA LYS A 45 -0.73 -11.82 -2.68
C LYS A 45 -1.94 -10.92 -2.99
N TYR A 46 -2.22 -9.98 -2.09
CA TYR A 46 -3.40 -9.12 -2.23
C TYR A 46 -3.13 -7.96 -3.19
N ASP A 47 -1.84 -7.63 -3.35
CA ASP A 47 -1.40 -6.50 -4.20
C ASP A 47 -1.85 -5.15 -3.62
N TYR A 48 -2.53 -5.18 -2.47
CA TYR A 48 -3.01 -3.96 -1.82
C TYR A 48 -2.97 -4.13 -0.30
N ILE A 49 -2.15 -3.29 0.35
CA ILE A 49 -1.97 -3.35 1.79
C ILE A 49 -2.47 -2.05 2.43
N VAL A 50 -3.49 -2.18 3.28
CA VAL A 50 -4.04 -1.03 3.99
C VAL A 50 -3.90 -1.21 5.50
N GLY A 51 -3.13 -0.34 6.12
CA GLY A 51 -2.95 -0.39 7.57
C GLY A 51 -3.73 0.70 8.26
N ASP A 52 -4.52 0.35 9.27
CA ASP A 52 -5.38 1.31 9.95
C ASP A 52 -4.86 1.63 11.35
N TRP A 53 -5.22 2.82 11.82
CA TRP A 53 -5.01 3.23 13.21
C TRP A 53 -6.37 3.51 13.85
N GLY A 54 -7.39 2.78 13.40
CA GLY A 54 -8.77 3.06 13.77
C GLY A 54 -8.99 3.24 15.26
N TYR A 55 -8.34 2.39 16.05
CA TYR A 55 -8.48 2.43 17.51
C TYR A 55 -7.08 2.61 18.14
N GLY A 56 -6.15 3.09 17.33
CA GLY A 56 -4.75 3.08 17.73
C GLY A 56 -4.19 1.68 17.68
N GLN A 57 -4.47 1.00 16.58
CA GLN A 57 -4.14 -0.41 16.40
C GLN A 57 -3.49 -0.62 15.03
N LEU A 58 -2.16 -0.59 14.98
CA LEU A 58 -1.46 -0.68 13.71
C LEU A 58 -1.60 -2.10 13.13
N ARG A 59 -2.63 -2.28 12.32
CA ARG A 59 -2.95 -3.56 11.70
C ARG A 59 -2.94 -3.43 10.19
N LEU A 60 -2.22 -4.33 9.52
CA LEU A 60 -2.15 -4.35 8.05
C LEU A 60 -3.13 -5.35 7.49
N LYS A 61 -4.16 -4.86 6.81
CA LYS A 61 -5.19 -5.71 6.21
C LYS A 61 -5.00 -5.72 4.69
N GLY A 62 -4.99 -6.91 4.11
CA GLY A 62 -4.83 -7.04 2.67
C GLY A 62 -6.16 -7.13 1.95
N PHE A 63 -6.27 -6.46 0.80
CA PHE A 63 -7.49 -6.45 0.01
C PHE A 63 -7.20 -6.82 -1.43
N PHE A 64 -8.23 -7.21 -2.17
CA PHE A 64 -8.09 -7.56 -3.58
C PHE A 64 -8.60 -6.42 -4.45
N ASP A 65 -8.26 -6.45 -5.73
CA ASP A 65 -8.63 -5.37 -6.65
C ASP A 65 -10.13 -5.40 -6.93
N ASP A 66 -10.79 -4.28 -6.65
CA ASP A 66 -12.18 -4.08 -7.04
C ASP A 66 -12.23 -3.30 -8.34
N GLN A 67 -11.60 -2.13 -8.33
CA GLN A 67 -11.52 -1.27 -9.51
C GLN A 67 -10.05 -1.06 -9.88
N ASN A 68 -9.43 -2.07 -10.49
CA ASN A 68 -8.03 -1.96 -10.91
C ASN A 68 -7.96 -1.36 -12.31
N GLN A 69 -9.11 -1.29 -12.97
CA GLN A 69 -9.21 -0.76 -14.33
C GLN A 69 -8.50 0.59 -14.41
N LYS A 70 -7.42 0.64 -15.19
CA LYS A 70 -6.59 1.84 -15.30
C LYS A 70 -7.41 3.07 -15.74
N ALA A 71 -8.64 2.83 -16.19
CA ALA A 71 -9.53 3.91 -16.63
C ALA A 71 -10.11 4.69 -15.44
N THR A 72 -9.91 4.15 -14.23
CA THR A 72 -10.36 4.83 -13.01
C THR A 72 -9.20 5.67 -12.45
N PHE A 73 -9.31 6.09 -11.19
CA PHE A 73 -8.27 6.87 -10.55
C PHE A 73 -7.10 5.97 -10.11
N GLU A 74 -6.65 5.10 -11.02
CA GLU A 74 -5.52 4.20 -10.77
C GLU A 74 -5.83 3.22 -9.64
N THR A 75 -5.85 3.72 -8.41
CA THR A 75 -6.12 2.92 -7.23
C THR A 75 -7.54 3.18 -6.72
N LYS A 76 -8.40 2.17 -6.81
CA LYS A 76 -9.75 2.26 -6.29
C LYS A 76 -10.23 0.89 -5.78
N ILE A 77 -10.56 0.84 -4.49
CA ILE A 77 -11.05 -0.37 -3.85
C ILE A 77 -12.45 -0.11 -3.28
N SER A 78 -13.39 -0.98 -3.63
CA SER A 78 -14.79 -0.78 -3.26
C SER A 78 -15.01 -1.13 -1.78
N THR A 79 -14.52 -2.30 -1.38
CA THR A 79 -14.69 -2.77 0.00
C THR A 79 -13.96 -1.85 0.98
N LEU A 80 -12.93 -1.16 0.48
CA LEU A 80 -12.12 -0.26 1.30
C LEU A 80 -13.00 0.86 1.88
N ASP A 81 -13.99 1.28 1.11
CA ASP A 81 -14.92 2.32 1.55
C ASP A 81 -15.67 1.85 2.81
N GLU A 82 -16.14 0.61 2.76
CA GLU A 82 -16.84 0.00 3.88
C GLU A 82 -15.90 -0.17 5.07
N TYR A 83 -14.68 -0.60 4.77
CA TYR A 83 -13.66 -0.88 5.77
C TYR A 83 -13.31 0.38 6.56
N ILE A 84 -12.91 1.43 5.85
CA ILE A 84 -12.52 2.69 6.50
C ILE A 84 -13.66 3.27 7.32
N TYR A 85 -14.88 3.11 6.81
CA TYR A 85 -16.07 3.64 7.48
C TYR A 85 -16.27 3.01 8.86
N GLU A 86 -15.69 1.84 9.06
CA GLU A 86 -15.80 1.13 10.34
C GLU A 86 -14.82 1.68 11.37
N TYR A 87 -13.73 2.27 10.90
CA TYR A 87 -12.66 2.73 11.78
C TYR A 87 -12.63 4.26 11.88
N CYS A 88 -12.39 4.91 10.74
CA CYS A 88 -12.13 6.34 10.73
C CYS A 88 -13.41 7.15 10.57
N ASN A 89 -13.90 7.69 11.69
CA ASN A 89 -15.01 8.64 11.66
C ASN A 89 -14.46 10.06 11.63
N PHE A 90 -13.45 10.31 12.46
CA PHE A 90 -12.73 11.57 12.47
C PHE A 90 -11.30 11.37 12.99
N GLY A 91 -11.17 11.17 14.30
CA GLY A 91 -9.87 10.94 14.89
C GLY A 91 -9.31 9.58 14.52
N CYS A 92 -8.71 9.51 13.34
CA CYS A 92 -8.21 8.25 12.80
C CYS A 92 -7.14 8.49 11.74
N ALA A 93 -6.46 7.43 11.34
CA ALA A 93 -5.40 7.50 10.34
C ALA A 93 -5.22 6.15 9.67
N TYR A 94 -4.72 6.15 8.44
CA TYR A 94 -4.46 4.92 7.71
C TYR A 94 -3.57 5.18 6.50
N PHE A 95 -3.11 4.12 5.85
CA PHE A 95 -2.26 4.23 4.66
C PHE A 95 -2.55 3.08 3.71
N VAL A 96 -2.44 3.36 2.41
CA VAL A 96 -2.69 2.37 1.37
C VAL A 96 -1.47 2.21 0.45
N LEU A 97 -0.93 1.00 0.39
CA LEU A 97 0.20 0.69 -0.49
C LEU A 97 -0.24 -0.25 -1.62
N LYS A 98 0.27 0.01 -2.81
CA LYS A 98 -0.03 -0.81 -3.99
C LYS A 98 1.22 -1.57 -4.42
N ARG A 99 1.11 -2.90 -4.46
CA ARG A 99 2.24 -3.75 -4.82
C ARG A 99 2.38 -3.80 -6.34
N ILE A 100 3.59 -3.55 -6.83
CA ILE A 100 3.82 -3.51 -8.28
C ILE A 100 4.55 -4.76 -8.75
N ARG A 101 4.48 -5.01 -10.05
CA ARG A 101 5.18 -6.13 -10.70
C ARG A 101 6.68 -5.81 -10.88
N LYS A 102 7.24 -5.06 -9.93
CA LYS A 102 8.64 -4.64 -10.00
C LYS A 102 9.37 -4.96 -8.70
N LEU A 103 10.69 -5.07 -8.79
CA LEU A 103 11.54 -5.13 -7.61
C LEU A 103 12.84 -4.36 -7.89
N GLU A 104 12.96 -3.20 -7.27
CA GLU A 104 14.14 -2.33 -7.40
C GLU A 104 14.33 -1.87 -8.85
N HIS A 105 13.22 -1.66 -9.55
CA HIS A 105 13.26 -1.01 -10.86
C HIS A 105 13.38 0.49 -10.64
N HIS A 106 12.79 0.94 -9.54
CA HIS A 106 13.03 2.30 -9.05
C HIS A 106 14.33 2.29 -8.27
N HIS A 107 15.45 2.29 -9.00
CA HIS A 107 16.78 2.19 -8.41
C HIS A 107 16.92 3.09 -7.19
N HIS A 108 17.51 2.55 -6.13
CA HIS A 108 17.70 3.27 -4.88
C HIS A 108 18.54 4.53 -5.10
N HIS A 109 18.12 5.64 -4.52
CA HIS A 109 18.84 6.91 -4.64
C HIS A 109 20.06 6.92 -3.72
N HIS A 110 20.17 5.87 -2.91
CA HIS A 110 21.33 5.63 -2.05
C HIS A 110 21.24 4.22 -1.49
N MET A 1 27.70 3.77 -12.50
CA MET A 1 28.39 2.63 -11.86
C MET A 1 27.38 1.57 -11.40
N ILE A 2 26.52 1.95 -10.46
CA ILE A 2 25.50 1.05 -9.93
C ILE A 2 24.10 1.51 -10.35
N GLY A 3 23.77 2.75 -9.99
CA GLY A 3 22.47 3.30 -10.31
C GLY A 3 22.15 4.50 -9.43
N MET A 4 21.81 5.63 -10.06
CA MET A 4 21.54 6.86 -9.32
C MET A 4 20.19 7.45 -9.70
N SER A 5 19.23 7.39 -8.76
CA SER A 5 17.93 8.00 -8.92
C SER A 5 17.23 7.56 -10.22
N GLU A 6 17.56 6.36 -10.68
CA GLU A 6 16.96 5.81 -11.90
C GLU A 6 15.59 5.19 -11.61
N LYS A 7 15.10 5.40 -10.39
CA LYS A 7 13.77 4.91 -10.00
C LYS A 7 12.69 5.85 -10.54
N ARG A 8 11.45 5.40 -10.43
CA ARG A 8 10.28 6.15 -10.93
C ARG A 8 9.18 6.15 -9.88
N GLY A 9 8.07 6.83 -10.20
CA GLY A 9 6.96 6.94 -9.27
C GLY A 9 7.12 8.15 -8.37
N GLU A 10 6.95 7.96 -7.07
CA GLU A 10 7.12 9.03 -6.10
C GLU A 10 7.50 8.45 -4.74
N ILE A 11 6.53 7.82 -4.08
CA ILE A 11 6.78 7.19 -2.78
C ILE A 11 6.80 5.68 -2.94
N MET A 12 7.99 5.15 -3.18
CA MET A 12 8.18 3.72 -3.43
C MET A 12 8.51 3.00 -2.12
N ILE A 13 7.90 1.84 -1.93
CA ILE A 13 8.14 1.03 -0.74
C ILE A 13 8.69 -0.33 -1.14
N LEU A 14 9.99 -0.50 -0.98
CA LEU A 14 10.66 -1.75 -1.33
C LEU A 14 11.12 -2.48 -0.06
N ILE A 15 10.66 -3.72 0.08
CA ILE A 15 10.99 -4.55 1.24
C ILE A 15 11.03 -6.02 0.83
N GLN A 16 12.04 -6.76 1.29
CA GLN A 16 12.19 -8.18 0.97
C GLN A 16 12.36 -8.39 -0.54
N ASN A 17 12.81 -7.34 -1.23
CA ASN A 17 12.90 -7.34 -2.69
C ASN A 17 11.51 -7.41 -3.32
N ALA A 18 10.53 -6.83 -2.63
CA ALA A 18 9.18 -6.68 -3.16
C ALA A 18 8.91 -5.21 -3.49
N GLU A 19 8.06 -4.97 -4.48
CA GLU A 19 7.86 -3.63 -5.03
C GLU A 19 6.47 -3.09 -4.69
N PHE A 20 6.42 -2.03 -3.88
CA PHE A 20 5.15 -1.39 -3.51
C PHE A 20 5.23 0.12 -3.70
N GLU A 21 4.08 0.80 -3.67
CA GLU A 21 4.04 2.26 -3.62
C GLU A 21 2.94 2.70 -2.66
N LEU A 22 3.02 3.95 -2.21
CA LEU A 22 1.99 4.51 -1.33
C LEU A 22 0.91 5.17 -2.18
N VAL A 23 -0.24 4.50 -2.31
CA VAL A 23 -1.31 4.98 -3.17
C VAL A 23 -2.30 5.86 -2.40
N HIS A 24 -2.28 5.76 -1.07
CA HIS A 24 -3.18 6.56 -0.23
C HIS A 24 -2.58 6.74 1.16
N ASN A 25 -2.60 7.97 1.65
CA ASN A 25 -2.14 8.28 3.01
C ASN A 25 -3.08 9.30 3.65
N PHE A 26 -3.44 9.06 4.91
CA PHE A 26 -4.37 9.93 5.63
C PHE A 26 -3.80 10.27 7.00
N LYS A 27 -3.86 11.55 7.35
CA LYS A 27 -3.40 12.05 8.65
C LYS A 27 -1.89 11.81 8.81
N ASP A 28 -1.24 11.53 7.69
CA ASP A 28 0.19 11.16 7.68
C ASP A 28 0.43 9.97 8.58
N GLY A 29 -0.55 9.06 8.61
CA GLY A 29 -0.43 7.84 9.40
C GLY A 29 0.56 6.87 8.82
N PHE A 30 0.94 7.10 7.57
CA PHE A 30 1.94 6.27 6.90
C PHE A 30 3.28 6.34 7.64
N ASN A 31 3.83 5.17 7.93
CA ASN A 31 5.17 5.06 8.48
C ASN A 31 5.74 3.68 8.10
N GLU A 32 6.92 3.68 7.50
CA GLU A 32 7.52 2.46 6.96
C GLU A 32 7.67 1.40 8.04
N GLU A 33 8.14 1.81 9.22
CA GLU A 33 8.39 0.88 10.31
C GLU A 33 7.10 0.14 10.69
N ALA A 34 6.00 0.89 10.74
CA ALA A 34 4.71 0.32 11.11
C ALA A 34 4.29 -0.76 10.12
N PHE A 35 4.54 -0.49 8.85
CA PHE A 35 4.22 -1.44 7.79
C PHE A 35 5.09 -2.70 7.90
N LYS A 36 6.41 -2.49 7.87
CA LYS A 36 7.36 -3.60 7.79
C LYS A 36 7.42 -4.40 9.10
N ALA A 37 6.96 -3.82 10.20
CA ALA A 37 6.93 -4.50 11.49
C ALA A 37 5.76 -5.48 11.56
N ARG A 38 4.64 -5.13 10.93
CA ARG A 38 3.44 -5.98 10.95
C ARG A 38 3.36 -6.83 9.69
N TYR A 39 4.19 -6.51 8.71
CA TYR A 39 4.15 -7.16 7.39
C TYR A 39 4.38 -8.68 7.51
N SER A 40 3.61 -9.44 6.72
CA SER A 40 3.73 -10.88 6.65
C SER A 40 3.67 -11.32 5.19
N ASP A 41 4.40 -12.38 4.84
CA ASP A 41 4.50 -12.85 3.46
C ASP A 41 3.12 -13.21 2.89
N ILE A 42 2.26 -13.76 3.75
CA ILE A 42 0.91 -14.16 3.36
C ILE A 42 0.13 -12.96 2.79
N LEU A 43 0.49 -11.77 3.24
CA LEU A 43 -0.20 -10.54 2.85
C LEU A 43 0.23 -10.09 1.45
N ASN A 44 1.40 -10.58 1.01
CA ASN A 44 1.99 -10.17 -0.26
C ASN A 44 1.05 -10.46 -1.44
N LYS A 45 0.36 -11.60 -1.38
CA LYS A 45 -0.46 -12.06 -2.51
C LYS A 45 -1.62 -11.12 -2.81
N TYR A 46 -2.02 -10.33 -1.83
CA TYR A 46 -3.17 -9.44 -1.99
C TYR A 46 -2.85 -8.29 -2.95
N ASP A 47 -1.58 -7.92 -3.01
CA ASP A 47 -1.10 -6.82 -3.86
C ASP A 47 -1.64 -5.47 -3.37
N TYR A 48 -2.40 -5.48 -2.28
CA TYR A 48 -2.91 -4.26 -1.66
C TYR A 48 -2.89 -4.42 -0.14
N ILE A 49 -2.11 -3.59 0.54
CA ILE A 49 -1.97 -3.65 1.99
C ILE A 49 -2.42 -2.34 2.62
N VAL A 50 -3.45 -2.41 3.46
CA VAL A 50 -3.97 -1.24 4.14
C VAL A 50 -3.69 -1.32 5.64
N GLY A 51 -2.92 -0.36 6.14
CA GLY A 51 -2.64 -0.30 7.56
C GLY A 51 -3.66 0.55 8.29
N ASP A 52 -4.36 -0.04 9.25
CA ASP A 52 -5.39 0.65 10.01
C ASP A 52 -4.87 0.96 11.41
N TRP A 53 -4.86 2.24 11.78
CA TRP A 53 -4.53 2.63 13.14
C TRP A 53 -5.79 2.54 14.00
N GLY A 54 -6.81 3.33 13.62
CA GLY A 54 -8.10 3.30 14.29
C GLY A 54 -7.98 3.44 15.80
N TYR A 55 -8.02 2.31 16.50
CA TYR A 55 -7.95 2.28 17.96
C TYR A 55 -6.51 2.37 18.45
N GLY A 56 -5.58 2.57 17.53
CA GLY A 56 -4.17 2.63 17.86
C GLY A 56 -3.47 1.30 17.66
N GLN A 57 -4.22 0.34 17.12
CA GLN A 57 -3.71 -1.00 16.87
C GLN A 57 -3.35 -1.16 15.39
N LEU A 58 -2.18 -0.67 15.02
CA LEU A 58 -1.73 -0.70 13.63
C LEU A 58 -1.61 -2.15 13.17
N ARG A 59 -2.55 -2.56 12.32
CA ARG A 59 -2.57 -3.89 11.73
C ARG A 59 -2.77 -3.77 10.22
N LEU A 60 -2.37 -4.80 9.48
CA LEU A 60 -2.43 -4.76 8.02
C LEU A 60 -3.58 -5.62 7.50
N LYS A 61 -4.51 -4.96 6.81
CA LYS A 61 -5.63 -5.64 6.15
C LYS A 61 -5.31 -5.83 4.68
N GLY A 62 -5.64 -7.01 4.15
CA GLY A 62 -5.37 -7.31 2.76
C GLY A 62 -6.58 -7.09 1.87
N PHE A 63 -6.36 -6.46 0.72
CA PHE A 63 -7.41 -6.24 -0.28
C PHE A 63 -6.88 -6.63 -1.66
N PHE A 64 -7.77 -6.61 -2.65
CA PHE A 64 -7.39 -6.87 -4.04
C PHE A 64 -7.75 -5.66 -4.88
N ASP A 65 -7.32 -5.66 -6.15
CA ASP A 65 -7.63 -4.56 -7.07
C ASP A 65 -9.14 -4.41 -7.19
N ASP A 66 -9.67 -3.35 -6.59
CA ASP A 66 -11.11 -3.11 -6.53
C ASP A 66 -11.57 -2.33 -7.76
N GLN A 67 -11.18 -1.06 -7.83
CA GLN A 67 -11.42 -0.25 -9.01
C GLN A 67 -10.25 -0.39 -9.98
N ASN A 68 -10.22 -1.52 -10.67
CA ASN A 68 -9.15 -1.82 -11.64
C ASN A 68 -9.46 -1.21 -13.01
N GLN A 69 -10.73 -0.84 -13.19
CA GLN A 69 -11.19 -0.23 -14.43
C GLN A 69 -12.57 0.38 -14.21
N LYS A 70 -12.95 1.37 -15.02
CA LYS A 70 -14.19 2.12 -14.79
C LYS A 70 -14.10 2.82 -13.44
N ALA A 71 -12.90 3.33 -13.14
CA ALA A 71 -12.57 3.81 -11.81
C ALA A 71 -12.50 5.33 -11.75
N THR A 72 -12.47 5.86 -10.53
CA THR A 72 -12.28 7.28 -10.29
C THR A 72 -10.82 7.67 -10.54
N PHE A 73 -9.93 6.70 -10.33
CA PHE A 73 -8.50 6.90 -10.51
C PHE A 73 -7.86 5.55 -10.85
N GLU A 74 -6.63 5.56 -11.36
CA GLU A 74 -5.95 4.33 -11.80
C GLU A 74 -5.96 3.26 -10.70
N THR A 75 -5.87 3.72 -9.45
CA THR A 75 -5.93 2.84 -8.30
C THR A 75 -6.87 3.43 -7.24
N LYS A 76 -7.89 2.65 -6.89
CA LYS A 76 -8.88 3.06 -5.90
C LYS A 76 -9.61 1.82 -5.39
N ILE A 77 -10.00 1.83 -4.13
CA ILE A 77 -10.70 0.70 -3.53
C ILE A 77 -12.01 1.16 -2.90
N SER A 78 -13.13 0.77 -3.50
CA SER A 78 -14.45 1.17 -3.02
C SER A 78 -14.72 0.58 -1.64
N THR A 79 -14.44 -0.71 -1.49
CA THR A 79 -14.67 -1.41 -0.22
C THR A 79 -13.78 -0.84 0.89
N LEU A 80 -12.73 -0.12 0.49
CA LEU A 80 -11.82 0.52 1.45
C LEU A 80 -12.54 1.63 2.21
N ASP A 81 -13.27 2.45 1.47
CA ASP A 81 -13.98 3.59 2.06
C ASP A 81 -14.94 3.13 3.13
N GLU A 82 -15.66 2.05 2.83
CA GLU A 82 -16.60 1.44 3.78
C GLU A 82 -15.83 0.85 4.96
N TYR A 83 -14.79 0.08 4.66
CA TYR A 83 -13.98 -0.59 5.67
C TYR A 83 -13.45 0.39 6.71
N ILE A 84 -12.74 1.41 6.23
CA ILE A 84 -12.13 2.41 7.11
C ILE A 84 -13.20 3.10 7.95
N TYR A 85 -14.31 3.42 7.30
CA TYR A 85 -15.42 4.11 7.96
C TYR A 85 -15.90 3.33 9.19
N GLU A 86 -15.75 2.01 9.13
CA GLU A 86 -16.12 1.13 10.24
C GLU A 86 -15.05 1.13 11.31
N TYR A 87 -13.80 0.96 10.88
CA TYR A 87 -12.66 0.84 11.81
C TYR A 87 -12.11 2.21 12.17
N CYS A 88 -11.27 2.76 11.30
CA CYS A 88 -10.66 4.07 11.55
C CYS A 88 -11.63 5.19 11.17
N ASN A 89 -12.54 5.49 12.11
CA ASN A 89 -13.50 6.59 11.94
C ASN A 89 -12.77 7.93 11.93
N PHE A 90 -13.50 9.02 11.74
CA PHE A 90 -12.91 10.35 11.75
C PHE A 90 -12.31 10.65 13.13
N GLY A 91 -11.06 10.23 13.30
CA GLY A 91 -10.34 10.46 14.54
C GLY A 91 -9.15 9.53 14.68
N CYS A 92 -8.48 9.28 13.57
CA CYS A 92 -7.32 8.39 13.52
C CYS A 92 -6.67 8.47 12.14
N ALA A 93 -5.77 7.54 11.84
CA ALA A 93 -5.04 7.55 10.57
C ALA A 93 -5.01 6.17 9.92
N TYR A 94 -4.63 6.14 8.65
CA TYR A 94 -4.48 4.88 7.91
C TYR A 94 -3.70 5.14 6.62
N PHE A 95 -3.13 4.08 6.04
CA PHE A 95 -2.34 4.18 4.82
C PHE A 95 -2.55 2.96 3.93
N VAL A 96 -2.36 3.12 2.62
CA VAL A 96 -2.62 2.06 1.65
C VAL A 96 -1.44 1.91 0.69
N LEU A 97 -0.85 0.72 0.68
CA LEU A 97 0.26 0.40 -0.23
C LEU A 97 -0.22 -0.58 -1.31
N LYS A 98 0.37 -0.47 -2.51
CA LYS A 98 0.01 -1.34 -3.62
C LYS A 98 1.25 -1.97 -4.24
N ARG A 99 1.14 -3.25 -4.56
CA ARG A 99 2.19 -3.96 -5.30
C ARG A 99 2.23 -3.45 -6.74
N ILE A 100 3.41 -3.03 -7.19
CA ILE A 100 3.56 -2.50 -8.54
C ILE A 100 3.59 -3.65 -9.55
N ARG A 101 4.79 -4.15 -9.87
CA ARG A 101 4.95 -5.21 -10.86
C ARG A 101 6.10 -6.14 -10.48
N LYS A 102 7.32 -5.72 -10.81
CA LYS A 102 8.50 -6.54 -10.53
C LYS A 102 9.75 -5.66 -10.45
N LEU A 103 10.70 -6.06 -9.61
CA LEU A 103 11.91 -5.28 -9.38
C LEU A 103 12.87 -5.45 -10.56
N GLU A 104 12.92 -4.43 -11.41
CA GLU A 104 13.81 -4.47 -12.57
C GLU A 104 15.26 -4.27 -12.12
N HIS A 105 15.98 -5.38 -11.95
CA HIS A 105 17.39 -5.34 -11.58
C HIS A 105 18.26 -5.34 -12.83
N HIS A 106 18.37 -6.51 -13.45
CA HIS A 106 19.23 -6.73 -14.63
C HIS A 106 20.72 -6.66 -14.28
N HIS A 107 21.11 -5.56 -13.63
CA HIS A 107 22.46 -5.38 -13.12
C HIS A 107 22.95 -6.63 -12.39
N HIS A 108 23.82 -7.40 -13.04
CA HIS A 108 24.24 -8.72 -12.56
C HIS A 108 25.29 -8.64 -11.45
N HIS A 109 25.16 -7.66 -10.58
CA HIS A 109 26.12 -7.49 -9.48
C HIS A 109 25.39 -6.97 -8.23
N HIS A 110 24.96 -7.90 -7.38
CA HIS A 110 24.24 -7.57 -6.17
C HIS A 110 25.05 -8.01 -4.95
N MET A 1 5.19 -8.60 -28.13
CA MET A 1 6.19 -7.67 -27.54
C MET A 1 5.63 -7.03 -26.28
N ILE A 2 6.48 -6.87 -25.27
CA ILE A 2 6.06 -6.30 -23.98
C ILE A 2 6.59 -4.86 -23.83
N GLY A 3 5.73 -3.90 -24.17
CA GLY A 3 6.07 -2.51 -23.98
C GLY A 3 6.06 -2.12 -22.52
N MET A 4 7.17 -2.42 -21.83
CA MET A 4 7.28 -2.18 -20.40
C MET A 4 7.07 -0.70 -20.06
N SER A 5 6.24 -0.44 -19.08
CA SER A 5 6.04 0.91 -18.56
C SER A 5 6.49 0.93 -17.09
N GLU A 6 7.76 1.28 -16.88
CA GLU A 6 8.34 1.27 -15.54
C GLU A 6 8.23 2.63 -14.87
N LYS A 7 8.77 2.75 -13.67
CA LYS A 7 8.61 3.95 -12.85
C LYS A 7 9.87 4.23 -12.05
N ARG A 8 10.22 5.51 -11.94
CA ARG A 8 11.30 5.93 -11.06
C ARG A 8 10.85 5.82 -9.60
N GLY A 9 10.02 6.76 -9.15
CA GLY A 9 9.54 6.69 -7.79
C GLY A 9 8.88 7.98 -7.31
N GLU A 10 8.38 7.91 -6.08
CA GLU A 10 7.73 9.04 -5.41
C GLU A 10 7.74 8.73 -3.92
N ILE A 11 6.87 7.79 -3.53
CA ILE A 11 6.91 7.18 -2.21
C ILE A 11 6.79 5.68 -2.39
N MET A 12 7.91 5.05 -2.71
CA MET A 12 7.97 3.63 -3.03
C MET A 12 8.51 2.84 -1.86
N ILE A 13 7.91 1.68 -1.61
CA ILE A 13 8.27 0.83 -0.49
C ILE A 13 8.76 -0.52 -1.00
N LEU A 14 10.07 -0.69 -1.06
CA LEU A 14 10.66 -1.95 -1.49
C LEU A 14 10.87 -2.85 -0.28
N ILE A 15 10.09 -3.93 -0.21
CA ILE A 15 10.16 -4.88 0.89
C ILE A 15 9.94 -6.29 0.37
N GLN A 16 10.75 -7.25 0.84
CA GLN A 16 10.69 -8.65 0.39
C GLN A 16 10.88 -8.73 -1.13
N ASN A 17 11.64 -7.77 -1.67
CA ASN A 17 11.91 -7.69 -3.10
C ASN A 17 10.63 -7.43 -3.89
N ALA A 18 9.65 -6.81 -3.23
CA ALA A 18 8.42 -6.37 -3.87
C ALA A 18 8.20 -4.89 -3.58
N GLU A 19 7.97 -4.10 -4.63
CA GLU A 19 7.78 -2.66 -4.48
C GLU A 19 6.30 -2.33 -4.39
N PHE A 20 5.95 -1.43 -3.47
CA PHE A 20 4.58 -0.94 -3.32
C PHE A 20 4.60 0.59 -3.26
N GLU A 21 3.71 1.24 -3.99
CA GLU A 21 3.63 2.70 -3.98
C GLU A 21 2.56 3.17 -3.00
N LEU A 22 2.87 4.18 -2.20
CA LEU A 22 1.91 4.76 -1.29
C LEU A 22 0.89 5.60 -2.07
N VAL A 23 -0.30 5.06 -2.23
CA VAL A 23 -1.33 5.70 -3.05
C VAL A 23 -2.28 6.53 -2.21
N HIS A 24 -2.23 6.37 -0.89
CA HIS A 24 -3.14 7.09 0.00
C HIS A 24 -2.54 7.16 1.41
N ASN A 25 -2.55 8.34 2.00
CA ASN A 25 -1.99 8.55 3.34
C ASN A 25 -2.85 9.55 4.10
N PHE A 26 -3.09 9.28 5.38
CA PHE A 26 -3.95 10.12 6.21
C PHE A 26 -3.21 10.49 7.50
N LYS A 27 -2.88 11.78 7.64
CA LYS A 27 -2.20 12.30 8.84
C LYS A 27 -0.90 11.56 9.11
N ASP A 28 -0.23 11.15 8.02
CA ASP A 28 1.04 10.43 8.10
C ASP A 28 0.89 9.13 8.85
N GLY A 29 -0.23 8.46 8.63
CA GLY A 29 -0.45 7.14 9.20
C GLY A 29 0.64 6.17 8.78
N PHE A 30 1.20 6.43 7.59
CA PHE A 30 2.30 5.64 7.07
C PHE A 30 3.54 5.78 7.94
N ASN A 31 4.19 4.64 8.20
CA ASN A 31 5.42 4.59 8.97
C ASN A 31 6.20 3.35 8.54
N GLU A 32 7.39 3.56 7.96
CA GLU A 32 8.14 2.46 7.35
C GLU A 32 8.56 1.42 8.38
N GLU A 33 9.20 1.89 9.45
CA GLU A 33 9.75 0.98 10.46
C GLU A 33 8.65 0.15 11.10
N ALA A 34 7.48 0.76 11.28
CA ALA A 34 6.32 0.08 11.82
C ALA A 34 5.74 -0.90 10.79
N PHE A 35 5.61 -0.43 9.56
CA PHE A 35 5.05 -1.22 8.47
C PHE A 35 5.84 -2.52 8.27
N LYS A 36 7.13 -2.37 7.98
CA LYS A 36 7.97 -3.52 7.64
C LYS A 36 8.10 -4.49 8.81
N ALA A 37 7.89 -3.99 10.02
CA ALA A 37 7.95 -4.81 11.23
C ALA A 37 6.61 -5.50 11.50
N ARG A 38 5.54 -5.00 10.89
CA ARG A 38 4.20 -5.57 11.07
C ARG A 38 3.67 -6.17 9.77
N TYR A 39 4.46 -6.06 8.70
CA TYR A 39 4.09 -6.62 7.42
C TYR A 39 4.08 -8.14 7.49
N SER A 40 2.90 -8.72 7.34
CA SER A 40 2.75 -10.17 7.37
C SER A 40 2.92 -10.73 5.96
N ASP A 41 3.70 -11.80 5.85
CA ASP A 41 4.02 -12.42 4.56
C ASP A 41 2.74 -12.86 3.84
N ILE A 42 1.73 -13.23 4.63
CA ILE A 42 0.45 -13.68 4.09
C ILE A 42 -0.20 -12.58 3.23
N LEU A 43 0.11 -11.33 3.53
CA LEU A 43 -0.49 -10.19 2.86
C LEU A 43 0.00 -10.04 1.42
N ASN A 44 1.10 -10.74 1.10
CA ASN A 44 1.69 -10.70 -0.25
C ASN A 44 0.70 -11.20 -1.29
N LYS A 45 -0.27 -12.00 -0.84
CA LYS A 45 -1.32 -12.53 -1.71
C LYS A 45 -2.15 -11.39 -2.31
N TYR A 46 -2.38 -10.35 -1.51
CA TYR A 46 -3.32 -9.30 -1.86
C TYR A 46 -2.68 -8.24 -2.74
N ASP A 47 -1.42 -7.92 -2.47
CA ASP A 47 -0.66 -6.91 -3.23
C ASP A 47 -1.22 -5.49 -3.01
N TYR A 48 -2.24 -5.39 -2.15
CA TYR A 48 -2.76 -4.10 -1.70
C TYR A 48 -2.85 -4.13 -0.19
N ILE A 49 -2.06 -3.28 0.48
CA ILE A 49 -1.93 -3.30 1.93
C ILE A 49 -2.49 -2.02 2.54
N VAL A 50 -3.39 -2.18 3.49
CA VAL A 50 -3.97 -1.05 4.21
C VAL A 50 -3.63 -1.15 5.69
N GLY A 51 -3.02 -0.11 6.24
CA GLY A 51 -2.70 -0.10 7.65
C GLY A 51 -3.43 0.98 8.40
N ASP A 52 -4.24 0.58 9.38
CA ASP A 52 -5.01 1.52 10.20
C ASP A 52 -4.49 1.49 11.63
N TRP A 53 -4.40 2.67 12.26
CA TRP A 53 -4.03 2.76 13.66
C TRP A 53 -5.28 2.69 14.55
N GLY A 54 -5.89 3.84 14.81
CA GLY A 54 -7.07 3.89 15.68
C GLY A 54 -6.75 3.49 17.12
N TYR A 55 -6.56 2.19 17.32
CA TYR A 55 -6.21 1.65 18.63
C TYR A 55 -4.68 1.70 18.79
N GLY A 56 -4.18 1.27 19.95
CA GLY A 56 -2.75 1.30 20.19
C GLY A 56 -1.97 0.21 19.45
N GLN A 57 -2.50 -0.23 18.31
CA GLN A 57 -1.87 -1.26 17.49
C GLN A 57 -2.10 -0.96 16.01
N LEU A 58 -1.09 -1.23 15.18
CA LEU A 58 -1.21 -1.01 13.75
C LEU A 58 -1.80 -2.27 13.08
N ARG A 59 -3.01 -2.14 12.55
CA ARG A 59 -3.68 -3.25 11.87
C ARG A 59 -3.41 -3.20 10.37
N LEU A 60 -2.95 -4.30 9.80
CA LEU A 60 -2.72 -4.39 8.36
C LEU A 60 -3.71 -5.34 7.71
N LYS A 61 -4.55 -4.80 6.85
CA LYS A 61 -5.57 -5.56 6.14
C LYS A 61 -5.21 -5.62 4.65
N GLY A 62 -5.41 -6.79 4.03
CA GLY A 62 -5.09 -6.94 2.62
C GLY A 62 -6.34 -6.97 1.76
N PHE A 63 -6.26 -6.35 0.59
CA PHE A 63 -7.37 -6.33 -0.38
C PHE A 63 -6.86 -6.60 -1.79
N PHE A 64 -7.80 -6.85 -2.70
CA PHE A 64 -7.49 -6.99 -4.12
C PHE A 64 -8.05 -5.80 -4.88
N ASP A 65 -7.49 -5.51 -6.05
CA ASP A 65 -7.99 -4.44 -6.91
C ASP A 65 -9.45 -4.71 -7.29
N ASP A 66 -10.20 -3.65 -7.58
CA ASP A 66 -11.63 -3.79 -7.88
C ASP A 66 -12.02 -2.92 -9.08
N GLN A 67 -11.75 -1.61 -8.97
CA GLN A 67 -12.02 -0.67 -10.05
C GLN A 67 -10.98 -0.84 -11.16
N ASN A 68 -9.73 -1.07 -10.76
CA ASN A 68 -8.63 -1.40 -11.68
C ASN A 68 -8.34 -0.26 -12.65
N GLN A 69 -7.35 -0.48 -13.52
CA GLN A 69 -6.94 0.49 -14.52
C GLN A 69 -7.89 0.41 -15.73
N LYS A 70 -8.99 1.15 -15.65
CA LYS A 70 -10.00 1.15 -16.71
C LYS A 70 -10.55 2.57 -16.90
N ALA A 71 -10.85 3.23 -15.80
CA ALA A 71 -11.33 4.61 -15.82
C ALA A 71 -10.18 5.58 -15.51
N THR A 72 -10.50 6.86 -15.37
CA THR A 72 -9.50 7.87 -15.03
C THR A 72 -9.03 7.67 -13.59
N PHE A 73 -9.82 6.93 -12.80
CA PHE A 73 -9.43 6.57 -11.44
C PHE A 73 -9.01 5.10 -11.41
N GLU A 74 -7.81 4.85 -10.94
CA GLU A 74 -7.22 3.52 -10.89
C GLU A 74 -7.14 3.01 -9.45
N THR A 75 -6.47 3.78 -8.61
CA THR A 75 -6.24 3.39 -7.24
C THR A 75 -7.48 3.63 -6.36
N LYS A 76 -8.49 2.81 -6.56
CA LYS A 76 -9.71 2.87 -5.78
C LYS A 76 -10.32 1.47 -5.70
N ILE A 77 -10.68 1.06 -4.48
CA ILE A 77 -11.27 -0.26 -4.25
C ILE A 77 -12.59 -0.10 -3.50
N SER A 78 -13.67 -0.60 -4.09
CA SER A 78 -15.01 -0.49 -3.52
C SER A 78 -15.04 -0.96 -2.06
N THR A 79 -14.49 -2.14 -1.80
CA THR A 79 -14.51 -2.71 -0.45
C THR A 79 -13.62 -1.93 0.51
N LEU A 80 -12.65 -1.18 -0.04
CA LEU A 80 -11.76 -0.36 0.78
C LEU A 80 -12.54 0.80 1.38
N ASP A 81 -13.39 1.42 0.55
CA ASP A 81 -14.20 2.55 0.99
C ASP A 81 -15.12 2.13 2.13
N GLU A 82 -15.74 0.96 1.97
CA GLU A 82 -16.58 0.39 3.02
C GLU A 82 -15.76 0.13 4.28
N TYR A 83 -14.62 -0.52 4.10
CA TYR A 83 -13.72 -0.89 5.18
C TYR A 83 -13.35 0.31 6.06
N ILE A 84 -12.83 1.36 5.44
CA ILE A 84 -12.44 2.56 6.17
C ILE A 84 -13.63 3.15 6.92
N TYR A 85 -14.80 3.13 6.27
CA TYR A 85 -16.02 3.67 6.86
C TYR A 85 -16.42 2.85 8.09
N GLU A 86 -16.25 1.54 8.01
CA GLU A 86 -16.62 0.64 9.11
C GLU A 86 -15.81 0.94 10.37
N TYR A 87 -14.49 0.90 10.25
CA TYR A 87 -13.61 0.90 11.42
C TYR A 87 -13.08 2.29 11.77
N CYS A 88 -12.94 3.18 10.79
CA CYS A 88 -12.36 4.51 11.03
C CYS A 88 -13.17 5.61 10.34
N ASN A 89 -14.49 5.59 10.57
CA ASN A 89 -15.37 6.62 10.03
C ASN A 89 -15.11 7.96 10.71
N PHE A 90 -14.78 7.89 12.00
CA PHE A 90 -14.55 9.10 12.79
C PHE A 90 -13.39 9.91 12.22
N GLY A 91 -12.18 9.39 12.38
CA GLY A 91 -11.00 10.06 11.87
C GLY A 91 -9.74 9.60 12.57
N CYS A 92 -9.06 8.63 11.99
CA CYS A 92 -7.79 8.12 12.53
C CYS A 92 -6.80 7.93 11.39
N ALA A 93 -5.51 7.89 11.72
CA ALA A 93 -4.45 7.82 10.72
C ALA A 93 -4.38 6.42 10.11
N TYR A 94 -4.25 6.38 8.78
CA TYR A 94 -4.11 5.11 8.05
C TYR A 94 -3.32 5.35 6.76
N PHE A 95 -3.01 4.26 6.04
CA PHE A 95 -2.26 4.35 4.79
C PHE A 95 -2.58 3.15 3.88
N VAL A 96 -2.47 3.36 2.57
CA VAL A 96 -2.76 2.32 1.58
C VAL A 96 -1.63 2.21 0.55
N LEU A 97 -1.13 0.99 0.34
CA LEU A 97 -0.07 0.72 -0.63
C LEU A 97 -0.59 -0.10 -1.82
N LYS A 98 -0.04 0.16 -2.99
CA LYS A 98 -0.38 -0.55 -4.22
C LYS A 98 0.85 -1.27 -4.77
N ARG A 99 0.65 -2.49 -5.24
CA ARG A 99 1.74 -3.28 -5.82
C ARG A 99 2.24 -2.68 -7.14
N ILE A 100 3.57 -2.67 -7.30
CA ILE A 100 4.20 -2.34 -8.56
C ILE A 100 4.57 -3.62 -9.31
N ARG A 101 4.42 -3.61 -10.63
CA ARG A 101 4.64 -4.80 -11.45
C ARG A 101 6.08 -5.30 -11.32
N LYS A 102 7.05 -4.39 -11.44
CA LYS A 102 8.46 -4.73 -11.29
C LYS A 102 9.12 -3.84 -10.23
N LEU A 103 10.39 -4.11 -9.94
CA LEU A 103 11.11 -3.41 -8.88
C LEU A 103 11.82 -2.16 -9.39
N GLU A 104 12.04 -1.22 -8.48
CA GLU A 104 12.84 -0.02 -8.75
C GLU A 104 14.29 -0.43 -9.02
N HIS A 105 15.02 0.38 -9.77
CA HIS A 105 16.43 0.09 -10.07
C HIS A 105 17.35 0.57 -8.94
N HIS A 106 16.79 0.74 -7.74
CA HIS A 106 17.54 1.26 -6.59
C HIS A 106 18.64 0.29 -6.14
N HIS A 107 18.67 -0.90 -6.73
CA HIS A 107 19.77 -1.85 -6.50
C HIS A 107 21.06 -1.31 -7.09
N HIS A 108 20.95 -0.22 -7.85
CA HIS A 108 22.11 0.51 -8.34
C HIS A 108 22.41 1.65 -7.38
N HIS A 109 23.58 1.60 -6.74
CA HIS A 109 23.97 2.61 -5.75
C HIS A 109 23.92 4.01 -6.34
N HIS A 110 23.09 4.86 -5.73
CA HIS A 110 22.96 6.26 -6.14
C HIS A 110 24.24 7.02 -5.79
#